data_9NDI
# 
_entry.id   9NDI 
# 
_audit_conform.dict_name       mmcif_pdbx.dic 
_audit_conform.dict_version    5.403 
_audit_conform.dict_location   http://mmcif.pdb.org/dictionaries/ascii/mmcif_pdbx.dic 
# 
loop_
_database_2.database_id 
_database_2.database_code 
_database_2.pdbx_database_accession 
_database_2.pdbx_DOI 
PDB   9NDI         pdb_00009ndi 10.2210/pdb9ndi/pdb 
WWPDB D_1000293139 ?            ?                   
# 
_pdbx_audit_revision_history.ordinal             1 
_pdbx_audit_revision_history.data_content_type   'Structure model' 
_pdbx_audit_revision_history.major_revision      1 
_pdbx_audit_revision_history.minor_revision      0 
_pdbx_audit_revision_history.revision_date       2025-04-09 
_pdbx_audit_revision_history.part_number         ? 
# 
_pdbx_audit_revision_details.ordinal             1 
_pdbx_audit_revision_details.revision_ordinal    1 
_pdbx_audit_revision_details.data_content_type   'Structure model' 
_pdbx_audit_revision_details.provider            repository 
_pdbx_audit_revision_details.type                'Initial release' 
_pdbx_audit_revision_details.description         ? 
_pdbx_audit_revision_details.details             ? 
# 
_pdbx_database_status.status_code                     REL 
_pdbx_database_status.status_code_sf                  REL 
_pdbx_database_status.status_code_mr                  ? 
_pdbx_database_status.entry_id                        9NDI 
_pdbx_database_status.recvd_initial_deposition_date   2025-02-18 
_pdbx_database_status.SG_entry                        N 
_pdbx_database_status.deposit_site                    RCSB 
_pdbx_database_status.process_site                    RCSB 
_pdbx_database_status.status_code_cs                  ? 
_pdbx_database_status.status_code_nmr_data            ? 
_pdbx_database_status.methods_development_category    ? 
_pdbx_database_status.pdb_format_compatible           Y 
# 
_pdbx_contact_author.id                 2 
_pdbx_contact_author.email              rs17@nyu.edu 
_pdbx_contact_author.name_first         Ruojie 
_pdbx_contact_author.name_last          Sha 
_pdbx_contact_author.name_mi            ? 
_pdbx_contact_author.role               'principal investigator/group leader' 
_pdbx_contact_author.identifier_ORCID   0000-0002-0807-734X 
# 
loop_
_audit_author.name 
_audit_author.pdbx_ordinal 
_audit_author.identifier_ORCID 
'Horvath, A.'   1 0009-0008-5770-8014 
'Vecchioni, S.' 2 0000-0001-8243-650X 
'Woloszyn, K.'  3 0000-0003-1200-583X 
'Ohayon, Y.P.'  4 0000-0001-7500-4282 
'Sha, R.'       5 0000-0002-0807-734X 
# 
_citation.abstract                  ? 
_citation.abstract_id_CAS           ? 
_citation.book_id_ISBN              ? 
_citation.book_publisher            ? 
_citation.book_publisher_city       ? 
_citation.book_title                ? 
_citation.coordinate_linkage        ? 
_citation.country                   ? 
_citation.database_id_Medline       ? 
_citation.details                   ? 
_citation.id                        primary 
_citation.journal_abbrev            'To Be Published' 
_citation.journal_id_ASTM           ? 
_citation.journal_id_CSD            0353 
_citation.journal_id_ISSN           ? 
_citation.journal_full              ? 
_citation.journal_issue             ? 
_citation.journal_volume            ? 
_citation.language                  ? 
_citation.page_first                ? 
_citation.page_last                 ? 
_citation.title                     'Shifted tensegrity triangles' 
_citation.year                      ? 
_citation.database_id_CSD           ? 
_citation.pdbx_database_id_DOI      ? 
_citation.pdbx_database_id_PubMed   ? 
_citation.pdbx_database_id_patent   ? 
_citation.unpublished_flag          ? 
# 
loop_
_citation_author.citation_id 
_citation_author.name 
_citation_author.ordinal 
_citation_author.identifier_ORCID 
primary 'Horvath, A.'   1 0009-0008-5770-8014 
primary 'Vecchioni, S.' 2 0000-0001-8243-650X 
primary 'Woloszyn, K.'  3 0000-0003-1200-583X 
primary 'Ohayon, Y.P.'  4 0000-0001-7500-4282 
primary 'Sha, R.'       5 0000-0002-0807-734X 
# 
loop_
_entity.id 
_entity.type 
_entity.src_method 
_entity.pdbx_description 
_entity.formula_weight 
_entity.pdbx_number_of_molecules 
_entity.pdbx_ec 
_entity.pdbx_mutation 
_entity.pdbx_fragment 
_entity.details 
1 polymer syn 
;DNA (5'-D(P*AP*CP*GP*GP*AP*CP*AP*GP*CP*GP*TP*CP*A)-3')
;
3985.613 1 ? ? ? ? 
2 polymer syn 
;DNA (5'-D(P*CP*AP*CP*AP*CP*CP*GP*T)-3')
;
2371.582 1 ? ? ? ? 
3 polymer syn 
;DNA (5'-D(P*CP*T*GP*AP*CP*GP*CP*TP*GP*TP*GP*CP*T)-3')
;
3958.571 1 ? ? ? ? 
4 polymer syn 
;DNA (5'-D(P*GP*AP*GP*CP*TP*GP*TP*G)-3')
;
2482.640 1 ? ? ? ? 
# 
loop_
_entity_poly.entity_id 
_entity_poly.type 
_entity_poly.nstd_linkage 
_entity_poly.nstd_monomer 
_entity_poly.pdbx_seq_one_letter_code 
_entity_poly.pdbx_seq_one_letter_code_can 
_entity_poly.pdbx_strand_id 
_entity_poly.pdbx_target_identifier 
1 polydeoxyribonucleotide no no '(DA)(DC)(DG)(DG)(DA)(DC)(DA)(DG)(DC)(DG)(DT)(DC)(DA)' ACGGACAGCGTCA A ? 
2 polydeoxyribonucleotide no no '(DC)(DA)(DC)(DA)(DC)(DC)(DG)(DT)'                     CACACCGT      B ? 
3 polydeoxyribonucleotide no no '(DC)(DT)(DG)(DA)(DC)(DG)(DC)(DT)(DG)(DT)(DG)(DC)(DT)' CTGACGCTGTGCT D ? 
4 polydeoxyribonucleotide no no '(DG)(DA)(DG)(DC)(DT)(DG)(DT)(DG)'                     GAGCTGTG      X ? 
# 
loop_
_entity_poly_seq.entity_id 
_entity_poly_seq.num 
_entity_poly_seq.mon_id 
_entity_poly_seq.hetero 
1 1  DA n 
1 2  DC n 
1 3  DG n 
1 4  DG n 
1 5  DA n 
1 6  DC n 
1 7  DA n 
1 8  DG n 
1 9  DC n 
1 10 DG n 
1 11 DT n 
1 12 DC n 
1 13 DA n 
2 1  DC n 
2 2  DA n 
2 3  DC n 
2 4  DA n 
2 5  DC n 
2 6  DC n 
2 7  DG n 
2 8  DT n 
3 1  DC n 
3 2  DT n 
3 3  DG n 
3 4  DA n 
3 5  DC n 
3 6  DG n 
3 7  DC n 
3 8  DT n 
3 9  DG n 
3 10 DT n 
3 11 DG n 
3 12 DC n 
3 13 DT n 
4 1  DG n 
4 2  DA n 
4 3  DG n 
4 4  DC n 
4 5  DT n 
4 6  DG n 
4 7  DT n 
4 8  DG n 
# 
loop_
_pdbx_entity_src_syn.entity_id 
_pdbx_entity_src_syn.pdbx_src_id 
_pdbx_entity_src_syn.pdbx_alt_source_flag 
_pdbx_entity_src_syn.pdbx_beg_seq_num 
_pdbx_entity_src_syn.pdbx_end_seq_num 
_pdbx_entity_src_syn.organism_scientific 
_pdbx_entity_src_syn.organism_common_name 
_pdbx_entity_src_syn.ncbi_taxonomy_id 
_pdbx_entity_src_syn.details 
1 1 sample 1 13 'synthetic construct' ? 32630 ? 
2 1 sample 1 8  'synthetic construct' ? 32630 ? 
3 1 sample 1 13 'synthetic construct' ? 32630 ? 
4 1 sample 1 8  'synthetic construct' ? 32630 ? 
# 
loop_
_chem_comp.id 
_chem_comp.type 
_chem_comp.mon_nstd_flag 
_chem_comp.name 
_chem_comp.pdbx_synonyms 
_chem_comp.formula 
_chem_comp.formula_weight 
DA 'DNA linking' y "2'-DEOXYADENOSINE-5'-MONOPHOSPHATE" ? 'C10 H14 N5 O6 P' 331.222 
DC 'DNA linking' y "2'-DEOXYCYTIDINE-5'-MONOPHOSPHATE"  ? 'C9 H14 N3 O7 P'  307.197 
DG 'DNA linking' y "2'-DEOXYGUANOSINE-5'-MONOPHOSPHATE" ? 'C10 H14 N5 O7 P' 347.221 
DT 'DNA linking' y "THYMIDINE-5'-MONOPHOSPHATE"         ? 'C10 H15 N2 O8 P' 322.208 
# 
loop_
_pdbx_poly_seq_scheme.asym_id 
_pdbx_poly_seq_scheme.entity_id 
_pdbx_poly_seq_scheme.seq_id 
_pdbx_poly_seq_scheme.mon_id 
_pdbx_poly_seq_scheme.ndb_seq_num 
_pdbx_poly_seq_scheme.pdb_seq_num 
_pdbx_poly_seq_scheme.auth_seq_num 
_pdbx_poly_seq_scheme.pdb_mon_id 
_pdbx_poly_seq_scheme.auth_mon_id 
_pdbx_poly_seq_scheme.pdb_strand_id 
_pdbx_poly_seq_scheme.pdb_ins_code 
_pdbx_poly_seq_scheme.hetero 
A 1 1  DA 1  112 112 DA DA A . n 
A 1 2  DC 2  113 113 DC DC A . n 
A 1 3  DG 3  114 114 DG DG A . n 
A 1 4  DG 4  115 115 DG DG A . n 
A 1 5  DA 5  116 116 DA DA A . n 
A 1 6  DC 6  117 117 DC DC A . n 
A 1 7  DA 7  118 118 DA DA A . n 
A 1 8  DG 8  119 119 DG DG A . n 
A 1 9  DC 9  120 120 DC DC A . n 
A 1 10 DG 10 121 121 DG DG A . n 
A 1 11 DT 11 122 122 DT DT A . n 
A 1 12 DC 12 123 123 DC DC A . n 
A 1 13 DA 13 124 124 DA DA A . n 
B 2 1  DC 1  131 131 DC DC B . n 
B 2 2  DA 2  132 132 DA DA B . n 
B 2 3  DC 3  133 133 DC DC B . n 
B 2 4  DA 4  134 134 DA DA B . n 
B 2 5  DC 5  135 135 DC DC B . n 
B 2 6  DC 6  136 136 DC DC B . n 
B 2 7  DG 7  137 137 DG DG B . n 
B 2 8  DT 8  138 138 DT DT B . n 
C 3 1  DC 1  199 199 DC DC D . n 
C 3 2  DT 2  200 200 DT DT D . n 
C 3 3  DG 3  201 201 DG DG D . n 
C 3 4  DA 4  202 202 DA DA D . n 
C 3 5  DC 5  203 203 DC DC D . n 
C 3 6  DG 6  204 204 DG DG D . n 
C 3 7  DC 7  205 205 DC DC D . n 
C 3 8  DT 8  206 206 DT DT D . n 
C 3 9  DG 9  207 207 DG DG D . n 
C 3 10 DT 10 208 208 DT DT D . n 
C 3 11 DG 11 209 209 DG DG D . n 
C 3 12 DC 12 210 210 DC DC D . n 
C 3 13 DT 13 211 211 DT DT D . n 
D 4 1  DG 1  104 104 DG DG X . n 
D 4 2  DA 2  105 105 DA DA X . n 
D 4 3  DG 3  106 106 DG DG X . n 
D 4 4  DC 4  107 107 DC DC X . n 
D 4 5  DT 5  108 108 DT DT X . n 
D 4 6  DG 6  109 109 DG DG X . n 
D 4 7  DT 7  110 110 DT DT X . n 
D 4 8  DG 8  111 111 DG DG X . n 
# 
loop_
_software.citation_id 
_software.classification 
_software.compiler_name 
_software.compiler_version 
_software.contact_author 
_software.contact_author_email 
_software.date 
_software.description 
_software.dependencies 
_software.hardware 
_software.language 
_software.location 
_software.mods 
_software.name 
_software.os 
_software.os_version 
_software.type 
_software.version 
_software.pdbx_ordinal 
? refinement       ? ? ? ? ? ? ? ? ? ? ? PHENIX    ? ? ? 1.20.1_4487 1 
? 'data reduction' ? ? ? ? ? ? ? ? ? ? ? autoPROC  ? ? ? .           2 
? 'data scaling'   ? ? ? ? ? ? ? ? ? ? ? STARANISO ? ? ? .           3 
? phasing          ? ? ? ? ? ? ? ? ? ? ? PHASER    ? ? ? .           4 
# 
_cell.angle_alpha                  90.000 
_cell.angle_alpha_esd              ? 
_cell.angle_beta                   90.000 
_cell.angle_beta_esd               ? 
_cell.angle_gamma                  120.000 
_cell.angle_gamma_esd              ? 
_cell.entry_id                     9NDI 
_cell.details                      ? 
_cell.formula_units_Z              ? 
_cell.length_a                     133.081 
_cell.length_a_esd                 ? 
_cell.length_b                     133.081 
_cell.length_b_esd                 ? 
_cell.length_c                     49.815 
_cell.length_c_esd                 ? 
_cell.volume                       764051.931 
_cell.volume_esd                   ? 
_cell.Z_PDB                        6 
_cell.reciprocal_angle_alpha       ? 
_cell.reciprocal_angle_beta        ? 
_cell.reciprocal_angle_gamma       ? 
_cell.reciprocal_angle_alpha_esd   ? 
_cell.reciprocal_angle_beta_esd    ? 
_cell.reciprocal_angle_gamma_esd   ? 
_cell.reciprocal_length_a          ? 
_cell.reciprocal_length_b          ? 
_cell.reciprocal_length_c          ? 
_cell.reciprocal_length_a_esd      ? 
_cell.reciprocal_length_b_esd      ? 
_cell.reciprocal_length_c_esd      ? 
_cell.pdbx_unique_axis             ? 
_cell.pdbx_esd_method              ? 
# 
_symmetry.entry_id                         9NDI 
_symmetry.cell_setting                     ? 
_symmetry.Int_Tables_number                173 
_symmetry.space_group_name_Hall            'P 6c' 
_symmetry.space_group_name_H-M             'P 63' 
_symmetry.pdbx_full_space_group_name_H-M   ? 
# 
_exptl.absorpt_coefficient_mu     ? 
_exptl.absorpt_correction_T_max   ? 
_exptl.absorpt_correction_T_min   ? 
_exptl.absorpt_correction_type    ? 
_exptl.absorpt_process_details    ? 
_exptl.entry_id                   9NDI 
_exptl.crystals_number            1 
_exptl.details                    ? 
_exptl.method                     'X-RAY DIFFRACTION' 
_exptl.method_details             ? 
# 
_exptl_crystal.colour                       ? 
_exptl_crystal.density_diffrn               ? 
_exptl_crystal.density_Matthews             ? 
_exptl_crystal.density_method               ? 
_exptl_crystal.density_percent_sol          ? 
_exptl_crystal.description                  ? 
_exptl_crystal.F_000                        ? 
_exptl_crystal.id                           1 
_exptl_crystal.preparation                  ? 
_exptl_crystal.size_max                     ? 
_exptl_crystal.size_mid                     ? 
_exptl_crystal.size_min                     ? 
_exptl_crystal.size_rad                     ? 
_exptl_crystal.colour_lustre                ? 
_exptl_crystal.colour_modifier              ? 
_exptl_crystal.colour_primary               ? 
_exptl_crystal.density_meas                 ? 
_exptl_crystal.density_meas_esd             ? 
_exptl_crystal.density_meas_gt              ? 
_exptl_crystal.density_meas_lt              ? 
_exptl_crystal.density_meas_temp            ? 
_exptl_crystal.density_meas_temp_esd        ? 
_exptl_crystal.density_meas_temp_gt         ? 
_exptl_crystal.density_meas_temp_lt         ? 
_exptl_crystal.pdbx_crystal_image_url       ? 
_exptl_crystal.pdbx_crystal_image_format    ? 
_exptl_crystal.pdbx_mosaicity               ? 
_exptl_crystal.pdbx_mosaicity_esd           ? 
_exptl_crystal.pdbx_mosaic_method           ? 
_exptl_crystal.pdbx_mosaic_block_size       ? 
_exptl_crystal.pdbx_mosaic_block_size_esd   ? 
# 
_exptl_crystal_grow.apparatus       ? 
_exptl_crystal_grow.atmosphere      ? 
_exptl_crystal_grow.crystal_id      1 
_exptl_crystal_grow.details         ? 
_exptl_crystal_grow.method          'VAPOR DIFFUSION, HANGING DROP' 
_exptl_crystal_grow.method_ref      ? 
_exptl_crystal_grow.pH              ? 
_exptl_crystal_grow.pressure        ? 
_exptl_crystal_grow.pressure_esd    ? 
_exptl_crystal_grow.seeding         ? 
_exptl_crystal_grow.seeding_ref     ? 
_exptl_crystal_grow.temp_details    '338-293 at 0.4/hr' 
_exptl_crystal_grow.temp_esd        ? 
_exptl_crystal_grow.time            ? 
_exptl_crystal_grow.pdbx_details    '100 mM MOPS, 1.25 M magnesium sulfate' 
_exptl_crystal_grow.pdbx_pH_range   ? 
_exptl_crystal_grow.temp            293 
# 
_diffrn.ambient_environment              ? 
_diffrn.ambient_temp                     100 
_diffrn.ambient_temp_details             ? 
_diffrn.ambient_temp_esd                 ? 
_diffrn.crystal_id                       1 
_diffrn.crystal_support                  ? 
_diffrn.crystal_treatment                ? 
_diffrn.details                          ? 
_diffrn.id                               1 
_diffrn.ambient_pressure                 ? 
_diffrn.ambient_pressure_esd             ? 
_diffrn.ambient_pressure_gt              ? 
_diffrn.ambient_pressure_lt              ? 
_diffrn.ambient_temp_gt                  ? 
_diffrn.ambient_temp_lt                  ? 
_diffrn.pdbx_serial_crystal_experiment   N 
# 
_diffrn_detector.details                      ? 
_diffrn_detector.detector                     PIXEL 
_diffrn_detector.diffrn_id                    1 
_diffrn_detector.type                         'DECTRIS EIGER X 9M' 
_diffrn_detector.area_resol_mean              ? 
_diffrn_detector.dtime                        ? 
_diffrn_detector.pdbx_frames_total            ? 
_diffrn_detector.pdbx_collection_time_total   ? 
_diffrn_detector.pdbx_collection_date         2023-03-19 
_diffrn_detector.pdbx_frequency               ? 
_diffrn_detector.id                           ? 
_diffrn_detector.number_of_axes               ? 
# 
_diffrn_radiation.collimation                      ? 
_diffrn_radiation.diffrn_id                        1 
_diffrn_radiation.filter_edge                      ? 
_diffrn_radiation.inhomogeneity                    ? 
_diffrn_radiation.monochromator                    ? 
_diffrn_radiation.polarisn_norm                    ? 
_diffrn_radiation.polarisn_ratio                   ? 
_diffrn_radiation.probe                            ? 
_diffrn_radiation.type                             ? 
_diffrn_radiation.xray_symbol                      ? 
_diffrn_radiation.wavelength_id                    1 
_diffrn_radiation.pdbx_monochromatic_or_laue_m_l   M 
_diffrn_radiation.pdbx_wavelength_list             ? 
_diffrn_radiation.pdbx_wavelength                  ? 
_diffrn_radiation.pdbx_diffrn_protocol             'SINGLE WAVELENGTH' 
_diffrn_radiation.pdbx_analyzer                    ? 
_diffrn_radiation.pdbx_scattering_type             x-ray 
# 
_diffrn_radiation_wavelength.id           1 
_diffrn_radiation_wavelength.wavelength   0.991870 
_diffrn_radiation_wavelength.wt           1.0 
# 
_diffrn_source.current                     ? 
_diffrn_source.details                     ? 
_diffrn_source.diffrn_id                   1 
_diffrn_source.power                       ? 
_diffrn_source.size                        ? 
_diffrn_source.source                      SYNCHROTRON 
_diffrn_source.target                      ? 
_diffrn_source.type                        'APS BEAMLINE 17-ID' 
_diffrn_source.voltage                     ? 
_diffrn_source.take-off_angle              ? 
_diffrn_source.pdbx_wavelength_list        0.991870 
_diffrn_source.pdbx_wavelength             ? 
_diffrn_source.pdbx_synchrotron_beamline   17-ID 
_diffrn_source.pdbx_synchrotron_site       APS 
# 
_reflns.B_iso_Wilson_estimate                          403.04 
_reflns.entry_id                                       9NDI 
_reflns.data_reduction_details                         ? 
_reflns.data_reduction_method                          ? 
_reflns.d_resolution_high                              6.39 
_reflns.d_resolution_low                               19.96 
_reflns.details                                        ? 
_reflns.limit_h_max                                    ? 
_reflns.limit_h_min                                    ? 
_reflns.limit_k_max                                    ? 
_reflns.limit_k_min                                    ? 
_reflns.limit_l_max                                    ? 
_reflns.limit_l_min                                    ? 
_reflns.number_all                                     ? 
_reflns.number_obs                                     968 
_reflns.observed_criterion                             ? 
_reflns.observed_criterion_F_max                       ? 
_reflns.observed_criterion_F_min                       ? 
_reflns.observed_criterion_I_max                       ? 
_reflns.observed_criterion_I_min                       ? 
_reflns.observed_criterion_sigma_F                     ? 
_reflns.observed_criterion_sigma_I                     ? 
_reflns.percent_possible_obs                           90.6 
_reflns.R_free_details                                 ? 
_reflns.Rmerge_F_all                                   ? 
_reflns.Rmerge_F_obs                                   ? 
_reflns.Friedel_coverage                               ? 
_reflns.number_gt                                      ? 
_reflns.threshold_expression                           ? 
_reflns.pdbx_redundancy                                19.5 
_reflns.pdbx_netI_over_av_sigmaI                       ? 
_reflns.pdbx_netI_over_sigmaI                          6.9 
_reflns.pdbx_res_netI_over_av_sigmaI_2                 ? 
_reflns.pdbx_res_netI_over_sigmaI_2                    ? 
_reflns.pdbx_chi_squared                               ? 
_reflns.pdbx_scaling_rejects                           ? 
_reflns.pdbx_d_res_high_opt                            ? 
_reflns.pdbx_d_res_low_opt                             ? 
_reflns.pdbx_d_res_opt_method                          ? 
_reflns.phase_calculation_details                      ? 
_reflns.pdbx_Rrim_I_all                                ? 
_reflns.pdbx_Rpim_I_all                                ? 
_reflns.pdbx_d_opt                                     ? 
_reflns.pdbx_number_measured_all                       ? 
_reflns.pdbx_diffrn_id                                 1 
_reflns.pdbx_ordinal                                   1 
_reflns.pdbx_CC_half                                   .992 
_reflns.pdbx_CC_star                                   ? 
_reflns.pdbx_R_split                                   ? 
_reflns.pdbx_Rmerge_I_obs                              ? 
_reflns.pdbx_Rmerge_I_all                              ? 
_reflns.pdbx_Rsym_value                                ? 
_reflns.pdbx_CC_split_method                           ? 
_reflns.pdbx_aniso_diffraction_limit_axis_1_ortho[1]   ? 
_reflns.pdbx_aniso_diffraction_limit_axis_1_ortho[2]   ? 
_reflns.pdbx_aniso_diffraction_limit_axis_1_ortho[3]   ? 
_reflns.pdbx_aniso_diffraction_limit_axis_2_ortho[1]   ? 
_reflns.pdbx_aniso_diffraction_limit_axis_2_ortho[2]   ? 
_reflns.pdbx_aniso_diffraction_limit_axis_2_ortho[3]   ? 
_reflns.pdbx_aniso_diffraction_limit_axis_3_ortho[1]   ? 
_reflns.pdbx_aniso_diffraction_limit_axis_3_ortho[2]   ? 
_reflns.pdbx_aniso_diffraction_limit_axis_3_ortho[3]   ? 
_reflns.pdbx_aniso_diffraction_limit_1                 ? 
_reflns.pdbx_aniso_diffraction_limit_2                 ? 
_reflns.pdbx_aniso_diffraction_limit_3                 ? 
_reflns.pdbx_aniso_B_tensor_eigenvector_1_ortho[1]     ? 
_reflns.pdbx_aniso_B_tensor_eigenvector_1_ortho[2]     ? 
_reflns.pdbx_aniso_B_tensor_eigenvector_1_ortho[3]     ? 
_reflns.pdbx_aniso_B_tensor_eigenvector_2_ortho[1]     ? 
_reflns.pdbx_aniso_B_tensor_eigenvector_2_ortho[2]     ? 
_reflns.pdbx_aniso_B_tensor_eigenvector_2_ortho[3]     ? 
_reflns.pdbx_aniso_B_tensor_eigenvector_3_ortho[1]     ? 
_reflns.pdbx_aniso_B_tensor_eigenvector_3_ortho[2]     ? 
_reflns.pdbx_aniso_B_tensor_eigenvector_3_ortho[3]     ? 
_reflns.pdbx_aniso_B_tensor_eigenvalue_1               ? 
_reflns.pdbx_aniso_B_tensor_eigenvalue_2               ? 
_reflns.pdbx_aniso_B_tensor_eigenvalue_3               ? 
_reflns.pdbx_orthogonalization_convention              ? 
_reflns.pdbx_percent_possible_ellipsoidal              ? 
_reflns.pdbx_percent_possible_spherical                ? 
_reflns.pdbx_percent_possible_ellipsoidal_anomalous    ? 
_reflns.pdbx_percent_possible_spherical_anomalous      ? 
_reflns.pdbx_redundancy_anomalous                      ? 
_reflns.pdbx_CC_half_anomalous                         ? 
_reflns.pdbx_absDiff_over_sigma_anomalous              ? 
_reflns.pdbx_percent_possible_anomalous                ? 
_reflns.pdbx_observed_signal_threshold                 ? 
_reflns.pdbx_signal_type                               ? 
_reflns.pdbx_signal_details                            ? 
_reflns.pdbx_signal_software_id                        ? 
# 
loop_
_reflns_shell.d_res_high 
_reflns_shell.d_res_low 
_reflns_shell.meanI_over_sigI_all 
_reflns_shell.meanI_over_sigI_obs 
_reflns_shell.number_measured_all 
_reflns_shell.number_measured_obs 
_reflns_shell.number_possible 
_reflns_shell.number_unique_all 
_reflns_shell.number_unique_obs 
_reflns_shell.percent_possible_obs 
_reflns_shell.Rmerge_F_all 
_reflns_shell.Rmerge_F_obs 
_reflns_shell.meanI_over_sigI_gt 
_reflns_shell.meanI_over_uI_all 
_reflns_shell.meanI_over_uI_gt 
_reflns_shell.number_measured_gt 
_reflns_shell.number_unique_gt 
_reflns_shell.percent_possible_gt 
_reflns_shell.Rmerge_F_gt 
_reflns_shell.Rmerge_I_gt 
_reflns_shell.pdbx_redundancy 
_reflns_shell.pdbx_chi_squared 
_reflns_shell.pdbx_netI_over_sigmaI_all 
_reflns_shell.pdbx_netI_over_sigmaI_obs 
_reflns_shell.pdbx_Rrim_I_all 
_reflns_shell.pdbx_Rpim_I_all 
_reflns_shell.pdbx_rejects 
_reflns_shell.pdbx_ordinal 
_reflns_shell.pdbx_diffrn_id 
_reflns_shell.pdbx_CC_half 
_reflns_shell.pdbx_CC_star 
_reflns_shell.pdbx_R_split 
_reflns_shell.percent_possible_all 
_reflns_shell.Rmerge_I_all 
_reflns_shell.Rmerge_I_obs 
_reflns_shell.pdbx_Rsym_value 
_reflns_shell.pdbx_percent_possible_ellipsoidal 
_reflns_shell.pdbx_percent_possible_spherical 
_reflns_shell.pdbx_percent_possible_ellipsoidal_anomalous 
_reflns_shell.pdbx_percent_possible_spherical_anomalous 
_reflns_shell.pdbx_redundancy_anomalous 
_reflns_shell.pdbx_CC_half_anomalous 
_reflns_shell.pdbx_absDiff_over_sigma_anomalous 
_reflns_shell.pdbx_percent_possible_anomalous 
6.393  7.109  ? ? ? ? ? ? 194 ? ? ? ? ? ? ? ? ? ? ? ? ? ? ? ? ? ? 1 1 .046 ? ? ? ? ? ? ? ? ? ? ? ? ? ? 
10.939 19.956 ? ? ? ? ? ? 194 ? ? ? ? ? ? ? ? ? ? ? ? ? ? ? ? ? ? 2 1 .991 ? ? ? ? ? ? ? ? ? ? ? ? ? ? 
# 
_refine.aniso_B[1][1]                            ? 
_refine.aniso_B[1][2]                            ? 
_refine.aniso_B[1][3]                            ? 
_refine.aniso_B[2][2]                            ? 
_refine.aniso_B[2][3]                            ? 
_refine.aniso_B[3][3]                            ? 
_refine.B_iso_max                                ? 
_refine.B_iso_mean                               491.92 
_refine.B_iso_min                                ? 
_refine.correlation_coeff_Fo_to_Fc               ? 
_refine.correlation_coeff_Fo_to_Fc_free          ? 
_refine.details                                  ? 
_refine.diff_density_max                         ? 
_refine.diff_density_max_esd                     ? 
_refine.diff_density_min                         ? 
_refine.diff_density_min_esd                     ? 
_refine.diff_density_rms                         ? 
_refine.diff_density_rms_esd                     ? 
_refine.entry_id                                 9NDI 
_refine.pdbx_refine_id                           'X-RAY DIFFRACTION' 
_refine.ls_abs_structure_details                 ? 
_refine.ls_abs_structure_Flack                   ? 
_refine.ls_abs_structure_Flack_esd               ? 
_refine.ls_abs_structure_Rogers                  ? 
_refine.ls_abs_structure_Rogers_esd              ? 
_refine.ls_d_res_high                            6.39 
_refine.ls_d_res_low                             19.96 
_refine.ls_extinction_coef                       ? 
_refine.ls_extinction_coef_esd                   ? 
_refine.ls_extinction_expression                 ? 
_refine.ls_extinction_method                     ? 
_refine.ls_goodness_of_fit_all                   ? 
_refine.ls_goodness_of_fit_all_esd               ? 
_refine.ls_goodness_of_fit_obs                   ? 
_refine.ls_goodness_of_fit_obs_esd               ? 
_refine.ls_hydrogen_treatment                    ? 
_refine.ls_matrix_type                           ? 
_refine.ls_number_constraints                    ? 
_refine.ls_number_parameters                     ? 
_refine.ls_number_reflns_all                     ? 
_refine.ls_number_reflns_obs                     965 
_refine.ls_number_reflns_R_free                  66 
_refine.ls_number_reflns_R_work                  899 
_refine.ls_number_restraints                     ? 
_refine.ls_percent_reflns_obs                    90.02 
_refine.ls_percent_reflns_R_free                 6.84 
_refine.ls_R_factor_all                          ? 
_refine.ls_R_factor_obs                          0.1619 
_refine.ls_R_factor_R_free                       0.1673 
_refine.ls_R_factor_R_free_error                 ? 
_refine.ls_R_factor_R_free_error_details         ? 
_refine.ls_R_factor_R_work                       0.1612 
_refine.ls_R_Fsqd_factor_obs                     ? 
_refine.ls_R_I_factor_obs                        ? 
_refine.ls_redundancy_reflns_all                 ? 
_refine.ls_redundancy_reflns_obs                 ? 
_refine.ls_restrained_S_all                      ? 
_refine.ls_restrained_S_obs                      ? 
_refine.ls_shift_over_esd_max                    ? 
_refine.ls_shift_over_esd_mean                   ? 
_refine.ls_structure_factor_coef                 ? 
_refine.ls_weighting_details                     ? 
_refine.ls_weighting_scheme                      ? 
_refine.ls_wR_factor_all                         ? 
_refine.ls_wR_factor_obs                         ? 
_refine.ls_wR_factor_R_free                      ? 
_refine.ls_wR_factor_R_work                      ? 
_refine.occupancy_max                            ? 
_refine.occupancy_min                            ? 
_refine.solvent_model_details                    'FLAT BULK SOLVENT MODEL' 
_refine.solvent_model_param_bsol                 ? 
_refine.solvent_model_param_ksol                 ? 
_refine.correlation_coeff_I_to_Fcsqd_work        ? 
_refine.correlation_coeff_I_to_Fcsqd_free        ? 
_refine.pdbx_R_complete                          ? 
_refine.ls_R_factor_gt                           ? 
_refine.ls_goodness_of_fit_gt                    ? 
_refine.ls_goodness_of_fit_ref                   ? 
_refine.ls_shift_over_su_max                     ? 
_refine.ls_shift_over_su_max_lt                  ? 
_refine.ls_shift_over_su_mean                    ? 
_refine.ls_shift_over_su_mean_lt                 ? 
_refine.pdbx_ls_sigma_I                          ? 
_refine.pdbx_ls_sigma_F                          1.34 
_refine.pdbx_ls_sigma_Fsqd                       ? 
_refine.pdbx_data_cutoff_high_absF               ? 
_refine.pdbx_data_cutoff_high_rms_absF           ? 
_refine.pdbx_data_cutoff_low_absF                ? 
_refine.pdbx_isotropic_thermal_model             ? 
_refine.pdbx_ls_cross_valid_method               'FREE R-VALUE' 
_refine.pdbx_method_to_determine_struct          'MOLECULAR REPLACEMENT' 
_refine.pdbx_starting_model                      ? 
_refine.pdbx_stereochemistry_target_values       'GeoStd + Monomer Library + CDL v1.2' 
_refine.pdbx_R_Free_selection_details            ? 
_refine.pdbx_stereochem_target_val_spec_case     ? 
_refine.pdbx_overall_ESU_R                       ? 
_refine.pdbx_overall_ESU_R_Free                  ? 
_refine.pdbx_solvent_vdw_probe_radii             1.1000 
_refine.pdbx_solvent_ion_probe_radii             ? 
_refine.pdbx_solvent_shrinkage_radii             0.9000 
_refine.pdbx_real_space_R                        ? 
_refine.pdbx_density_correlation                 ? 
_refine.pdbx_pd_number_of_powder_patterns        ? 
_refine.pdbx_pd_number_of_points                 ? 
_refine.pdbx_pd_meas_number_of_points            ? 
_refine.pdbx_pd_proc_ls_prof_R_factor            ? 
_refine.pdbx_pd_proc_ls_prof_wR_factor           ? 
_refine.pdbx_pd_Marquardt_correlation_coeff      ? 
_refine.pdbx_pd_Fsqrd_R_factor                   ? 
_refine.pdbx_pd_ls_matrix_band_width             ? 
_refine.pdbx_overall_phase_error                 27.4633 
_refine.pdbx_overall_SU_R_free_Cruickshank_DPI   ? 
_refine.pdbx_overall_SU_R_free_Blow_DPI          ? 
_refine.pdbx_overall_SU_R_Blow_DPI               ? 
_refine.pdbx_TLS_residual_ADP_flag               ? 
_refine.pdbx_diffrn_id                           1 
_refine.overall_SU_B                             ? 
_refine.overall_SU_ML                            0.7334 
_refine.overall_SU_R_Cruickshank_DPI             ? 
_refine.overall_SU_R_free                        ? 
_refine.overall_FOM_free_R_set                   ? 
_refine.overall_FOM_work_R_set                   ? 
_refine.pdbx_average_fsc_overall                 ? 
_refine.pdbx_average_fsc_work                    ? 
_refine.pdbx_average_fsc_free                    ? 
# 
_refine_hist.pdbx_refine_id                   'X-RAY DIFFRACTION' 
_refine_hist.cycle_id                         LAST 
_refine_hist.details                          ? 
_refine_hist.d_res_high                       6.39 
_refine_hist.d_res_low                        19.96 
_refine_hist.number_atoms_solvent             0 
_refine_hist.number_atoms_total               861 
_refine_hist.number_reflns_all                ? 
_refine_hist.number_reflns_obs                ? 
_refine_hist.number_reflns_R_free             ? 
_refine_hist.number_reflns_R_work             ? 
_refine_hist.R_factor_all                     ? 
_refine_hist.R_factor_obs                     ? 
_refine_hist.R_factor_R_free                  ? 
_refine_hist.R_factor_R_work                  ? 
_refine_hist.pdbx_number_residues_total       ? 
_refine_hist.pdbx_B_iso_mean_ligand           ? 
_refine_hist.pdbx_B_iso_mean_solvent          ? 
_refine_hist.pdbx_number_atoms_protein        0 
_refine_hist.pdbx_number_atoms_nucleic_acid   861 
_refine_hist.pdbx_number_atoms_ligand         0 
_refine_hist.pdbx_number_atoms_lipid          ? 
_refine_hist.pdbx_number_atoms_carb           ? 
_refine_hist.pdbx_pseudo_atom_details         ? 
# 
loop_
_refine_ls_restr.pdbx_refine_id 
_refine_ls_restr.criterion 
_refine_ls_restr.dev_ideal 
_refine_ls_restr.dev_ideal_target 
_refine_ls_restr.number 
_refine_ls_restr.rejects 
_refine_ls_restr.type 
_refine_ls_restr.weight 
_refine_ls_restr.pdbx_restraint_function 
'X-RAY DIFFRACTION' ? 0.0082  ? 962  ? f_bond_d           ? ? 
'X-RAY DIFFRACTION' ? 0.9021  ? 1475 ? f_angle_d          ? ? 
'X-RAY DIFFRACTION' ? 0.0526  ? 168  ? f_chiral_restr     ? ? 
'X-RAY DIFFRACTION' ? 0.0060  ? 42   ? f_plane_restr      ? ? 
'X-RAY DIFFRACTION' ? 40.0214 ? 408  ? f_dihedral_angle_d ? ? 
# 
_refine_ls_shell.pdbx_refine_id                      'X-RAY DIFFRACTION' 
_refine_ls_shell.d_res_high                          6.39 
_refine_ls_shell.d_res_low                           19.96 
_refine_ls_shell.number_reflns_all                   ? 
_refine_ls_shell.number_reflns_obs                   ? 
_refine_ls_shell.number_reflns_R_free                66 
_refine_ls_shell.number_reflns_R_work                899 
_refine_ls_shell.percent_reflns_obs                  90.02 
_refine_ls_shell.percent_reflns_R_free               ? 
_refine_ls_shell.R_factor_all                        ? 
_refine_ls_shell.R_factor_obs                        ? 
_refine_ls_shell.R_factor_R_free_error               ? 
_refine_ls_shell.R_factor_R_work                     0.1612 
_refine_ls_shell.redundancy_reflns_all               ? 
_refine_ls_shell.redundancy_reflns_obs               ? 
_refine_ls_shell.wR_factor_all                       ? 
_refine_ls_shell.wR_factor_obs                       ? 
_refine_ls_shell.wR_factor_R_free                    ? 
_refine_ls_shell.wR_factor_R_work                    ? 
_refine_ls_shell.pdbx_R_complete                     ? 
_refine_ls_shell.correlation_coeff_Fo_to_Fc          ? 
_refine_ls_shell.correlation_coeff_Fo_to_Fc_free     ? 
_refine_ls_shell.correlation_coeff_I_to_Fcsqd_work   ? 
_refine_ls_shell.correlation_coeff_I_to_Fcsqd_free   ? 
_refine_ls_shell.pdbx_total_number_of_bins_used      ? 
_refine_ls_shell.pdbx_phase_error                    ? 
_refine_ls_shell.pdbx_fsc_work                       ? 
_refine_ls_shell.pdbx_fsc_free                       ? 
_refine_ls_shell.R_factor_R_free                     0.1673 
# 
_struct.entry_id                     9NDI 
_struct.title                        
;[3,8,9,P-1] Shifted tensegrity triangle with an (arm,center,arm) distribution of (3,8,9) base pairs, 1 nt sticky ends, and 5' phosphates
;
_struct.pdbx_model_details           ? 
_struct.pdbx_formula_weight          ? 
_struct.pdbx_formula_weight_method   ? 
_struct.pdbx_model_type_details      ? 
_struct.pdbx_CASP_flag               N 
# 
_struct_keywords.entry_id        9NDI 
_struct_keywords.text            'tensegrity triangle, DNA' 
_struct_keywords.pdbx_keywords   DNA 
# 
loop_
_struct_asym.id 
_struct_asym.pdbx_blank_PDB_chainid_flag 
_struct_asym.pdbx_modified 
_struct_asym.entity_id 
_struct_asym.details 
A N N 1 ? 
B N N 2 ? 
C N N 3 ? 
D N N 4 ? 
# 
loop_
_struct_ref.id 
_struct_ref.db_name 
_struct_ref.db_code 
_struct_ref.pdbx_db_accession 
_struct_ref.pdbx_db_isoform 
_struct_ref.entity_id 
_struct_ref.pdbx_seq_one_letter_code 
_struct_ref.pdbx_align_begin 
1 PDB 9NDI 9NDI ? 1 ? 1 
2 PDB 9NDI 9NDI ? 2 ? 1 
3 PDB 9NDI 9NDI ? 3 ? 1 
4 PDB 9NDI 9NDI ? 4 ? 1 
# 
loop_
_struct_ref_seq.align_id 
_struct_ref_seq.ref_id 
_struct_ref_seq.pdbx_PDB_id_code 
_struct_ref_seq.pdbx_strand_id 
_struct_ref_seq.seq_align_beg 
_struct_ref_seq.pdbx_seq_align_beg_ins_code 
_struct_ref_seq.seq_align_end 
_struct_ref_seq.pdbx_seq_align_end_ins_code 
_struct_ref_seq.pdbx_db_accession 
_struct_ref_seq.db_align_beg 
_struct_ref_seq.pdbx_db_align_beg_ins_code 
_struct_ref_seq.db_align_end 
_struct_ref_seq.pdbx_db_align_end_ins_code 
_struct_ref_seq.pdbx_auth_seq_align_beg 
_struct_ref_seq.pdbx_auth_seq_align_end 
1 1 9NDI A 1 ? 13 ? 9NDI 112 ? 124 ? 112 124 
2 2 9NDI B 1 ? 8  ? 9NDI 131 ? 138 ? 131 138 
3 3 9NDI D 1 ? 13 ? 9NDI 199 ? 211 ? 199 211 
4 4 9NDI X 1 ? 8  ? 9NDI 104 ? 111 ? 104 111 
# 
_pdbx_struct_assembly.id                   1 
_pdbx_struct_assembly.details              author_defined_assembly 
_pdbx_struct_assembly.method_details       ? 
_pdbx_struct_assembly.oligomeric_details   dodecameric 
_pdbx_struct_assembly.oligomeric_count     12 
# 
loop_
_pdbx_struct_assembly_gen.assembly_id 
_pdbx_struct_assembly_gen.oper_expression 
_pdbx_struct_assembly_gen.asym_id_list 
1 1 A,B,C,D 
1 2 A,B,C,D 
1 3 A,B,C,D 
# 
_pdbx_struct_assembly_auth_evidence.id                     1 
_pdbx_struct_assembly_auth_evidence.assembly_id            1 
_pdbx_struct_assembly_auth_evidence.experimental_support   'native gel electrophoresis' 
_pdbx_struct_assembly_auth_evidence.details                ? 
# 
loop_
_pdbx_struct_oper_list.id 
_pdbx_struct_oper_list.type 
_pdbx_struct_oper_list.name 
_pdbx_struct_oper_list.symmetry_operation 
_pdbx_struct_oper_list.matrix[1][1] 
_pdbx_struct_oper_list.matrix[1][2] 
_pdbx_struct_oper_list.matrix[1][3] 
_pdbx_struct_oper_list.vector[1] 
_pdbx_struct_oper_list.matrix[2][1] 
_pdbx_struct_oper_list.matrix[2][2] 
_pdbx_struct_oper_list.matrix[2][3] 
_pdbx_struct_oper_list.vector[2] 
_pdbx_struct_oper_list.matrix[3][1] 
_pdbx_struct_oper_list.matrix[3][2] 
_pdbx_struct_oper_list.matrix[3][3] 
_pdbx_struct_oper_list.vector[3] 
1 'identity operation'         1_555 x,y,z       1.0000000000 0.0000000000  0.0000000000 0.0000000000   0.0000000000  1.0000000000  0.0000000000  0.0000000000   0.0000000000 0.0000000000  1.0000000000  0.0000000000   
2 'crystal symmetry operation' 2_565 -y,x-y+1,z  0.5118768135 -0.7130101919 0.4791644750 -19.2112663935 0.2094613401  -0.4373536772 -0.8745557204 -28.2287027376 0.8331314871 0.5480312284  -0.0745231363 18.7947992713  
3 'crystal symmetry operation' 3_455 -x+y-1,-x,z 0.5118768135 0.2094613401  0.8331314871 0.0880846621   -0.7130101919 -0.4373536772 0.5480312284  -36.3438926159 0.4791644750 -0.8745557204 -0.0745231363 -14.0815696954 
# 
loop_
_struct_conn.id 
_struct_conn.conn_type_id 
_struct_conn.pdbx_leaving_atom_flag 
_struct_conn.pdbx_PDB_id 
_struct_conn.ptnr1_label_asym_id 
_struct_conn.ptnr1_label_comp_id 
_struct_conn.ptnr1_label_seq_id 
_struct_conn.ptnr1_label_atom_id 
_struct_conn.pdbx_ptnr1_label_alt_id 
_struct_conn.pdbx_ptnr1_PDB_ins_code 
_struct_conn.pdbx_ptnr1_standard_comp_id 
_struct_conn.ptnr1_symmetry 
_struct_conn.ptnr2_label_asym_id 
_struct_conn.ptnr2_label_comp_id 
_struct_conn.ptnr2_label_seq_id 
_struct_conn.ptnr2_label_atom_id 
_struct_conn.pdbx_ptnr2_label_alt_id 
_struct_conn.pdbx_ptnr2_PDB_ins_code 
_struct_conn.ptnr1_auth_asym_id 
_struct_conn.ptnr1_auth_comp_id 
_struct_conn.ptnr1_auth_seq_id 
_struct_conn.ptnr2_auth_asym_id 
_struct_conn.ptnr2_auth_comp_id 
_struct_conn.ptnr2_auth_seq_id 
_struct_conn.ptnr2_symmetry 
_struct_conn.pdbx_ptnr3_label_atom_id 
_struct_conn.pdbx_ptnr3_label_seq_id 
_struct_conn.pdbx_ptnr3_label_comp_id 
_struct_conn.pdbx_ptnr3_label_asym_id 
_struct_conn.pdbx_ptnr3_label_alt_id 
_struct_conn.pdbx_ptnr3_PDB_ins_code 
_struct_conn.details 
_struct_conn.pdbx_dist_value 
_struct_conn.pdbx_value_order 
_struct_conn.pdbx_role 
hydrog1  hydrog ? ? A DA 1  N1 ? ? ? 1_555 B DT 8 N3 ? ? A DA 112 B DT 138 1_555 ? ? ? ? ? ? WATSON-CRICK    ? ? ? 
hydrog2  hydrog ? ? A DA 1  N6 ? ? ? 1_555 B DT 8 O4 ? ? A DA 112 B DT 138 1_555 ? ? ? ? ? ? WATSON-CRICK    ? ? ? 
hydrog3  hydrog ? ? A DC 2  N3 ? ? ? 1_555 B DG 7 N1 ? ? A DC 113 B DG 137 1_555 ? ? ? ? ? ? WATSON-CRICK    ? ? ? 
hydrog4  hydrog ? ? A DC 2  N4 ? ? ? 1_555 B DG 7 O6 ? ? A DC 113 B DG 137 1_555 ? ? ? ? ? ? WATSON-CRICK    ? ? ? 
hydrog5  hydrog ? ? A DC 2  O2 ? ? ? 1_555 B DG 7 N2 ? ? A DC 113 B DG 137 1_555 ? ? ? ? ? ? WATSON-CRICK    ? ? ? 
hydrog6  hydrog ? ? A DG 3  O6 ? ? ? 1_555 B DC 6 N4 ? ? A DG 114 B DC 136 1_555 ? ? ? ? ? ? 'DG-DC PAIR'    ? ? ? 
hydrog7  hydrog ? ? A DG 3  O6 ? ? ? 1_555 B DG 7 N1 ? ? A DG 114 B DG 137 1_555 ? ? ? ? ? ? 'DG-DG MISPAIR' ? ? ? 
hydrog8  hydrog ? ? A DG 4  N1 ? ? ? 1_555 B DC 6 N3 ? ? A DG 115 B DC 136 1_555 ? ? ? ? ? ? WATSON-CRICK    ? ? ? 
hydrog9  hydrog ? ? A DG 4  N2 ? ? ? 1_555 B DC 6 O2 ? ? A DG 115 B DC 136 1_555 ? ? ? ? ? ? WATSON-CRICK    ? ? ? 
hydrog10 hydrog ? ? A DG 4  O6 ? ? ? 1_555 B DC 6 N4 ? ? A DG 115 B DC 136 1_555 ? ? ? ? ? ? WATSON-CRICK    ? ? ? 
hydrog11 hydrog ? ? A DC 6  N3 ? ? ? 1_555 C DG 9 N1 ? ? A DC 117 D DG 207 1_555 ? ? ? ? ? ? WATSON-CRICK    ? ? ? 
hydrog12 hydrog ? ? A DC 6  N4 ? ? ? 1_555 C DG 9 O6 ? ? A DC 117 D DG 207 1_555 ? ? ? ? ? ? WATSON-CRICK    ? ? ? 
hydrog13 hydrog ? ? A DC 6  O2 ? ? ? 1_555 C DG 9 N2 ? ? A DC 117 D DG 207 1_555 ? ? ? ? ? ? WATSON-CRICK    ? ? ? 
hydrog14 hydrog ? ? A DA 7  N1 ? ? ? 1_555 C DT 8 N3 ? ? A DA 118 D DT 206 1_555 ? ? ? ? ? ? WATSON-CRICK    ? ? ? 
hydrog15 hydrog ? ? A DA 7  N6 ? ? ? 1_555 C DT 8 O4 ? ? A DA 118 D DT 206 1_555 ? ? ? ? ? ? WATSON-CRICK    ? ? ? 
hydrog16 hydrog ? ? A DG 8  N1 ? ? ? 1_555 C DC 7 N3 ? ? A DG 119 D DC 205 1_555 ? ? ? ? ? ? WATSON-CRICK    ? ? ? 
hydrog17 hydrog ? ? A DG 8  N2 ? ? ? 1_555 C DC 7 O2 ? ? A DG 119 D DC 205 1_555 ? ? ? ? ? ? WATSON-CRICK    ? ? ? 
hydrog18 hydrog ? ? A DG 8  O6 ? ? ? 1_555 C DC 7 N4 ? ? A DG 119 D DC 205 1_555 ? ? ? ? ? ? WATSON-CRICK    ? ? ? 
hydrog19 hydrog ? ? A DC 9  N3 ? ? ? 1_555 C DG 6 N1 ? ? A DC 120 D DG 204 1_555 ? ? ? ? ? ? WATSON-CRICK    ? ? ? 
hydrog20 hydrog ? ? A DC 9  N4 ? ? ? 1_555 C DG 6 O6 ? ? A DC 120 D DG 204 1_555 ? ? ? ? ? ? WATSON-CRICK    ? ? ? 
hydrog21 hydrog ? ? A DC 9  O2 ? ? ? 1_555 C DG 6 N2 ? ? A DC 120 D DG 204 1_555 ? ? ? ? ? ? WATSON-CRICK    ? ? ? 
hydrog22 hydrog ? ? A DG 10 N1 ? ? ? 1_555 C DC 5 N3 ? ? A DG 121 D DC 203 1_555 ? ? ? ? ? ? WATSON-CRICK    ? ? ? 
hydrog23 hydrog ? ? A DG 10 N2 ? ? ? 1_555 C DC 5 O2 ? ? A DG 121 D DC 203 1_555 ? ? ? ? ? ? WATSON-CRICK    ? ? ? 
hydrog24 hydrog ? ? A DG 10 O6 ? ? ? 1_555 C DC 5 N4 ? ? A DG 121 D DC 203 1_555 ? ? ? ? ? ? WATSON-CRICK    ? ? ? 
hydrog25 hydrog ? ? A DT 11 N3 ? ? ? 1_555 C DA 4 N1 ? ? A DT 122 D DA 202 1_555 ? ? ? ? ? ? WATSON-CRICK    ? ? ? 
hydrog26 hydrog ? ? A DT 11 O4 ? ? ? 1_555 C DA 4 N6 ? ? A DT 122 D DA 202 1_555 ? ? ? ? ? ? WATSON-CRICK    ? ? ? 
hydrog27 hydrog ? ? A DC 12 N3 ? ? ? 1_555 C DG 3 N2 ? ? A DC 123 D DG 201 1_555 ? ? ? ? ? ? 'DC-DG PAIR'    ? ? ? 
hydrog28 hydrog ? ? A DC 12 N4 ? ? ? 1_555 C DA 4 N1 ? ? A DC 123 D DA 202 1_555 ? ? ? ? ? ? 'DC-DA MISPAIR' ? ? ? 
hydrog29 hydrog ? ? A DA 13 N1 ? ? ? 1_555 C DT 2 N3 ? ? A DA 124 D DT 200 1_555 ? ? ? ? ? ? WATSON-CRICK    ? ? ? 
hydrog30 hydrog ? ? A DA 13 N6 ? ? ? 1_555 C DT 2 O4 ? ? A DA 124 D DT 200 1_555 ? ? ? ? ? ? WATSON-CRICK    ? ? ? 
hydrog31 hydrog ? ? B DC 1  N3 ? ? ? 1_555 D DG 8 N1 ? ? B DC 131 X DG 111 1_555 ? ? ? ? ? ? WATSON-CRICK    ? ? ? 
hydrog32 hydrog ? ? B DC 1  N4 ? ? ? 1_555 D DG 8 O6 ? ? B DC 131 X DG 111 1_555 ? ? ? ? ? ? WATSON-CRICK    ? ? ? 
hydrog33 hydrog ? ? B DC 1  O2 ? ? ? 1_555 D DG 8 N2 ? ? B DC 131 X DG 111 1_555 ? ? ? ? ? ? WATSON-CRICK    ? ? ? 
hydrog34 hydrog ? ? B DA 2  N1 ? ? ? 1_555 D DT 7 N3 ? ? B DA 132 X DT 110 1_555 ? ? ? ? ? ? WATSON-CRICK    ? ? ? 
hydrog35 hydrog ? ? B DA 2  N6 ? ? ? 1_555 D DT 7 O4 ? ? B DA 132 X DT 110 1_555 ? ? ? ? ? ? WATSON-CRICK    ? ? ? 
hydrog36 hydrog ? ? B DC 3  N3 ? ? ? 1_555 D DG 6 N1 ? ? B DC 133 X DG 109 1_555 ? ? ? ? ? ? WATSON-CRICK    ? ? ? 
hydrog37 hydrog ? ? B DC 3  N4 ? ? ? 1_555 D DG 6 O6 ? ? B DC 133 X DG 109 1_555 ? ? ? ? ? ? WATSON-CRICK    ? ? ? 
hydrog38 hydrog ? ? B DC 3  O2 ? ? ? 1_555 D DG 6 N2 ? ? B DC 133 X DG 109 1_555 ? ? ? ? ? ? WATSON-CRICK    ? ? ? 
hydrog39 hydrog ? ? B DA 4  N1 ? ? ? 1_555 D DT 5 N3 ? ? B DA 134 X DT 108 1_555 ? ? ? ? ? ? WATSON-CRICK    ? ? ? 
hydrog40 hydrog ? ? B DA 4  N6 ? ? ? 1_555 D DT 5 O4 ? ? B DA 134 X DT 108 1_555 ? ? ? ? ? ? WATSON-CRICK    ? ? ? 
hydrog41 hydrog ? ? C DG 11 N1 ? ? ? 1_555 D DC 4 N3 ? ? D DG 209 X DC 107 1_555 ? ? ? ? ? ? WATSON-CRICK    ? ? ? 
hydrog42 hydrog ? ? C DG 11 N2 ? ? ? 1_555 D DC 4 O2 ? ? D DG 209 X DC 107 1_555 ? ? ? ? ? ? WATSON-CRICK    ? ? ? 
hydrog43 hydrog ? ? C DG 11 O6 ? ? ? 1_555 D DC 4 N4 ? ? D DG 209 X DC 107 1_555 ? ? ? ? ? ? WATSON-CRICK    ? ? ? 
hydrog44 hydrog ? ? C DC 12 N3 ? ? ? 1_555 D DG 3 N1 ? ? D DC 210 X DG 106 1_555 ? ? ? ? ? ? WATSON-CRICK    ? ? ? 
hydrog45 hydrog ? ? C DC 12 N4 ? ? ? 1_555 D DG 3 O6 ? ? D DC 210 X DG 106 1_555 ? ? ? ? ? ? WATSON-CRICK    ? ? ? 
hydrog46 hydrog ? ? C DC 12 O2 ? ? ? 1_555 D DG 3 N2 ? ? D DC 210 X DG 106 1_555 ? ? ? ? ? ? WATSON-CRICK    ? ? ? 
hydrog47 hydrog ? ? C DT 13 N3 ? ? ? 1_555 D DA 2 N1 ? ? D DT 211 X DA 105 1_555 ? ? ? ? ? ? WATSON-CRICK    ? ? ? 
hydrog48 hydrog ? ? C DT 13 O4 ? ? ? 1_555 D DA 2 N6 ? ? D DT 211 X DA 105 1_555 ? ? ? ? ? ? WATSON-CRICK    ? ? ? 
# 
_struct_conn_type.id          hydrog 
_struct_conn_type.criteria    ? 
_struct_conn_type.reference   ? 
# 
_pdbx_entry_details.entry_id                   9NDI 
_pdbx_entry_details.compound_details           ? 
_pdbx_entry_details.source_details             ? 
_pdbx_entry_details.nonpolymer_details         ? 
_pdbx_entry_details.sequence_details           ? 
_pdbx_entry_details.has_ligand_of_interest     ? 
_pdbx_entry_details.has_protein_modification   N 
# 
loop_
_pdbx_validate_rmsd_angle.id 
_pdbx_validate_rmsd_angle.PDB_model_num 
_pdbx_validate_rmsd_angle.auth_atom_id_1 
_pdbx_validate_rmsd_angle.auth_asym_id_1 
_pdbx_validate_rmsd_angle.auth_comp_id_1 
_pdbx_validate_rmsd_angle.auth_seq_id_1 
_pdbx_validate_rmsd_angle.PDB_ins_code_1 
_pdbx_validate_rmsd_angle.label_alt_id_1 
_pdbx_validate_rmsd_angle.auth_atom_id_2 
_pdbx_validate_rmsd_angle.auth_asym_id_2 
_pdbx_validate_rmsd_angle.auth_comp_id_2 
_pdbx_validate_rmsd_angle.auth_seq_id_2 
_pdbx_validate_rmsd_angle.PDB_ins_code_2 
_pdbx_validate_rmsd_angle.label_alt_id_2 
_pdbx_validate_rmsd_angle.auth_atom_id_3 
_pdbx_validate_rmsd_angle.auth_asym_id_3 
_pdbx_validate_rmsd_angle.auth_comp_id_3 
_pdbx_validate_rmsd_angle.auth_seq_id_3 
_pdbx_validate_rmsd_angle.PDB_ins_code_3 
_pdbx_validate_rmsd_angle.label_alt_id_3 
_pdbx_validate_rmsd_angle.angle_value 
_pdbx_validate_rmsd_angle.angle_target_value 
_pdbx_validate_rmsd_angle.angle_deviation 
_pdbx_validate_rmsd_angle.angle_standard_deviation 
_pdbx_validate_rmsd_angle.linker_flag 
1 1 "O4'" A DA 112 ? ? "C1'" A DA 112 ? ? N9 A DA 112 ? ? 110.22 108.30 1.92 0.30 N 
2 1 "O4'" D DT 206 ? ? "C1'" D DT 206 ? ? N1 D DT 206 ? ? 110.31 108.30 2.01 0.30 N 
# 
loop_
_space_group_symop.id 
_space_group_symop.operation_xyz 
1 x,y,z        
2 x-y,x,z+1/2  
3 y,-x+y,z+1/2 
4 -y,x-y,z     
5 -x+y,-x,z    
6 -x,-y,z+1/2  
# 
loop_
_pdbx_refine_tls.id 
_pdbx_refine_tls.pdbx_refine_id 
_pdbx_refine_tls.details 
_pdbx_refine_tls.method 
_pdbx_refine_tls.origin_x 
_pdbx_refine_tls.origin_y 
_pdbx_refine_tls.origin_z 
_pdbx_refine_tls.T[1][1] 
_pdbx_refine_tls.T[1][1]_esd 
_pdbx_refine_tls.T[1][2] 
_pdbx_refine_tls.T[1][2]_esd 
_pdbx_refine_tls.T[1][3] 
_pdbx_refine_tls.T[1][3]_esd 
_pdbx_refine_tls.T[2][2] 
_pdbx_refine_tls.T[2][2]_esd 
_pdbx_refine_tls.T[2][3] 
_pdbx_refine_tls.T[2][3]_esd 
_pdbx_refine_tls.T[3][3] 
_pdbx_refine_tls.T[3][3]_esd 
_pdbx_refine_tls.L[1][1] 
_pdbx_refine_tls.L[1][1]_esd 
_pdbx_refine_tls.L[1][2] 
_pdbx_refine_tls.L[1][2]_esd 
_pdbx_refine_tls.L[1][3] 
_pdbx_refine_tls.L[1][3]_esd 
_pdbx_refine_tls.L[2][2] 
_pdbx_refine_tls.L[2][2]_esd 
_pdbx_refine_tls.L[2][3] 
_pdbx_refine_tls.L[2][3]_esd 
_pdbx_refine_tls.L[3][3] 
_pdbx_refine_tls.L[3][3]_esd 
_pdbx_refine_tls.S[1][1] 
_pdbx_refine_tls.S[1][1]_esd 
_pdbx_refine_tls.S[1][2] 
_pdbx_refine_tls.S[1][2]_esd 
_pdbx_refine_tls.S[1][3] 
_pdbx_refine_tls.S[1][3]_esd 
_pdbx_refine_tls.S[2][1] 
_pdbx_refine_tls.S[2][1]_esd 
_pdbx_refine_tls.S[2][2] 
_pdbx_refine_tls.S[2][2]_esd 
_pdbx_refine_tls.S[2][3] 
_pdbx_refine_tls.S[2][3]_esd 
_pdbx_refine_tls.S[3][1] 
_pdbx_refine_tls.S[3][1]_esd 
_pdbx_refine_tls.S[3][2] 
_pdbx_refine_tls.S[3][2]_esd 
_pdbx_refine_tls.S[3][3] 
_pdbx_refine_tls.S[3][3]_esd 
1 'X-RAY DIFFRACTION' ? refined -5.8942698812 3.7957497191  0.67185262912  5.45190343389  ? -2.336903333149 ? -2.33781277458  ? 5.68355755317 ? 0.28257959683  ? 4.20579793523 ? 10.17645451393 ? -5.57582248383 ? -1.66325800033 ? 12.34432050731 ? 1.40679423879  ? -0.38255387   ? 2.25362806736  ? -4.68910929799 ? 0.35361060140  ? -8.32386979220  ? -0.22766561350 ? 2.13171192180  ? 1.60311523247  ? -4.53081434406 ? -3.9845061384  ? 
2 'X-RAY DIFFRACTION' ? refined -0.7819093692 -8.4024612160 3.6863327137   6.94484634407  ? -1.855771761637 ? -1.82081154483  ? 3.54554607886 ? 0.893305606198 ? 6.92560035120 ? -0.99022061829 ? 1.816438768746 ? 3.68968562283  ? 2.20822106165  ? 0.217704560777 ? 7.60265880240 ? 0.87675916193  ? 0.622292082752 ? -3.88113869984 ? -3.293162729305 ? 3.10356329193  ? -0.62559874134 ? -4.5594441245  ? 1.87665758072  ? -4.09268949755 ? 
3 'X-RAY DIFFRACTION' ? refined -0.8931680891 7.39796481429 -0.96616395632 6.3531624109   ? 1.922627187104  ? -0.831184573241 ? 2.20432802355 ? 3.47306825496  ? 4.79547491132 ? 1.71568934379  ? 2.29063890520  ? 2.16305577496  ? 3.93648358591  ? 4.49402641849  ? 6.63596067117 ? -1.54481296446 ? -3.26955111813 ? -3.36510457368 ? -6.14469940071  ? -4.87748755768 ? 7.416509120330 ? -2.47100583992 ? 4.732113321462 ? 0.36410415836  ? 
4 'X-RAY DIFFRACTION' ? refined 11.5852540023 -9.6926311590 -3.1646467348  11.06773780557 ? -2.456789081325 ? -2.47829482365  ? 6.42748851649 ? 0.813664963552 ? 2.95670855973 ? 11.13612470082 ? 7.4941040967   ? 1.0748117623   ? -3.13471350325 ? -3.81586609301 ? 6.841855097   ? 0.9106940782   ? -1.63835448834 ? -1.22568281342 ? 0.17631954787   ? 0.526248656101 ? -4.63186420813 ? -3.13111591003 ? 5.572145596840 ? 11.90251388196 ? 
# 
loop_
_pdbx_refine_tls_group.id 
_pdbx_refine_tls_group.pdbx_refine_id 
_pdbx_refine_tls_group.refine_tls_id 
_pdbx_refine_tls_group.beg_label_asym_id 
_pdbx_refine_tls_group.beg_label_seq_id 
_pdbx_refine_tls_group.beg_auth_asym_id 
_pdbx_refine_tls_group.beg_auth_seq_id 
_pdbx_refine_tls_group.beg_PDB_ins_code 
_pdbx_refine_tls_group.end_label_asym_id 
_pdbx_refine_tls_group.end_label_seq_id 
_pdbx_refine_tls_group.end_auth_asym_id 
_pdbx_refine_tls_group.end_auth_seq_id 
_pdbx_refine_tls_group.end_PDB_ins_code 
_pdbx_refine_tls_group.selection 
_pdbx_refine_tls_group.selection_details 
1 'X-RAY DIFFRACTION' 1 A ? A 112 ? A ? A 124 ? ? 
;chain 'A' and (resid 112 through 124 )
;
2 'X-RAY DIFFRACTION' 2 B ? B 131 ? B ? B 138 ? ? 
;chain 'B' and (resid 131 through 138 )
;
3 'X-RAY DIFFRACTION' 3 C ? D 199 ? C ? D 211 ? ? 
;chain 'D' and (resid 199 through 211 )
;
4 'X-RAY DIFFRACTION' 4 D ? X 104 ? D ? X 111 ? ? 
;chain 'X' and (resid 104 through 111 )
;
# 
loop_
_chem_comp_atom.comp_id 
_chem_comp_atom.atom_id 
_chem_comp_atom.type_symbol 
_chem_comp_atom.pdbx_aromatic_flag 
_chem_comp_atom.pdbx_stereo_config 
_chem_comp_atom.pdbx_ordinal 
DA OP3    O N N 1   
DA P      P N N 2   
DA OP1    O N N 3   
DA OP2    O N N 4   
DA "O5'"  O N N 5   
DA "C5'"  C N N 6   
DA "C4'"  C N R 7   
DA "O4'"  O N N 8   
DA "C3'"  C N S 9   
DA "O3'"  O N N 10  
DA "C2'"  C N N 11  
DA "C1'"  C N R 12  
DA N9     N Y N 13  
DA C8     C Y N 14  
DA N7     N Y N 15  
DA C5     C Y N 16  
DA C6     C Y N 17  
DA N6     N N N 18  
DA N1     N Y N 19  
DA C2     C Y N 20  
DA N3     N Y N 21  
DA C4     C Y N 22  
DA HOP3   H N N 23  
DA HOP2   H N N 24  
DA "H5'"  H N N 25  
DA "H5''" H N N 26  
DA "H4'"  H N N 27  
DA "H3'"  H N N 28  
DA "HO3'" H N N 29  
DA "H2'"  H N N 30  
DA "H2''" H N N 31  
DA "H1'"  H N N 32  
DA H8     H N N 33  
DA H61    H N N 34  
DA H62    H N N 35  
DA H2     H N N 36  
DC OP3    O N N 37  
DC P      P N N 38  
DC OP1    O N N 39  
DC OP2    O N N 40  
DC "O5'"  O N N 41  
DC "C5'"  C N N 42  
DC "C4'"  C N R 43  
DC "O4'"  O N N 44  
DC "C3'"  C N S 45  
DC "O3'"  O N N 46  
DC "C2'"  C N N 47  
DC "C1'"  C N R 48  
DC N1     N N N 49  
DC C2     C N N 50  
DC O2     O N N 51  
DC N3     N N N 52  
DC C4     C N N 53  
DC N4     N N N 54  
DC C5     C N N 55  
DC C6     C N N 56  
DC HOP3   H N N 57  
DC HOP2   H N N 58  
DC "H5'"  H N N 59  
DC "H5''" H N N 60  
DC "H4'"  H N N 61  
DC "H3'"  H N N 62  
DC "HO3'" H N N 63  
DC "H2'"  H N N 64  
DC "H2''" H N N 65  
DC "H1'"  H N N 66  
DC H41    H N N 67  
DC H42    H N N 68  
DC H5     H N N 69  
DC H6     H N N 70  
DG OP3    O N N 71  
DG P      P N N 72  
DG OP1    O N N 73  
DG OP2    O N N 74  
DG "O5'"  O N N 75  
DG "C5'"  C N N 76  
DG "C4'"  C N R 77  
DG "O4'"  O N N 78  
DG "C3'"  C N S 79  
DG "O3'"  O N N 80  
DG "C2'"  C N N 81  
DG "C1'"  C N R 82  
DG N9     N Y N 83  
DG C8     C Y N 84  
DG N7     N Y N 85  
DG C5     C Y N 86  
DG C6     C N N 87  
DG O6     O N N 88  
DG N1     N N N 89  
DG C2     C N N 90  
DG N2     N N N 91  
DG N3     N N N 92  
DG C4     C Y N 93  
DG HOP3   H N N 94  
DG HOP2   H N N 95  
DG "H5'"  H N N 96  
DG "H5''" H N N 97  
DG "H4'"  H N N 98  
DG "H3'"  H N N 99  
DG "HO3'" H N N 100 
DG "H2'"  H N N 101 
DG "H2''" H N N 102 
DG "H1'"  H N N 103 
DG H8     H N N 104 
DG H1     H N N 105 
DG H21    H N N 106 
DG H22    H N N 107 
DT OP3    O N N 108 
DT P      P N N 109 
DT OP1    O N N 110 
DT OP2    O N N 111 
DT "O5'"  O N N 112 
DT "C5'"  C N N 113 
DT "C4'"  C N R 114 
DT "O4'"  O N N 115 
DT "C3'"  C N S 116 
DT "O3'"  O N N 117 
DT "C2'"  C N N 118 
DT "C1'"  C N R 119 
DT N1     N N N 120 
DT C2     C N N 121 
DT O2     O N N 122 
DT N3     N N N 123 
DT C4     C N N 124 
DT O4     O N N 125 
DT C5     C N N 126 
DT C7     C N N 127 
DT C6     C N N 128 
DT HOP3   H N N 129 
DT HOP2   H N N 130 
DT "H5'"  H N N 131 
DT "H5''" H N N 132 
DT "H4'"  H N N 133 
DT "H3'"  H N N 134 
DT "HO3'" H N N 135 
DT "H2'"  H N N 136 
DT "H2''" H N N 137 
DT "H1'"  H N N 138 
DT H3     H N N 139 
DT H71    H N N 140 
DT H72    H N N 141 
DT H73    H N N 142 
DT H6     H N N 143 
# 
loop_
_chem_comp_bond.comp_id 
_chem_comp_bond.atom_id_1 
_chem_comp_bond.atom_id_2 
_chem_comp_bond.value_order 
_chem_comp_bond.pdbx_aromatic_flag 
_chem_comp_bond.pdbx_stereo_config 
_chem_comp_bond.pdbx_ordinal 
DA OP3   P      sing N N 1   
DA OP3   HOP3   sing N N 2   
DA P     OP1    doub N N 3   
DA P     OP2    sing N N 4   
DA P     "O5'"  sing N N 5   
DA OP2   HOP2   sing N N 6   
DA "O5'" "C5'"  sing N N 7   
DA "C5'" "C4'"  sing N N 8   
DA "C5'" "H5'"  sing N N 9   
DA "C5'" "H5''" sing N N 10  
DA "C4'" "O4'"  sing N N 11  
DA "C4'" "C3'"  sing N N 12  
DA "C4'" "H4'"  sing N N 13  
DA "O4'" "C1'"  sing N N 14  
DA "C3'" "O3'"  sing N N 15  
DA "C3'" "C2'"  sing N N 16  
DA "C3'" "H3'"  sing N N 17  
DA "O3'" "HO3'" sing N N 18  
DA "C2'" "C1'"  sing N N 19  
DA "C2'" "H2'"  sing N N 20  
DA "C2'" "H2''" sing N N 21  
DA "C1'" N9     sing N N 22  
DA "C1'" "H1'"  sing N N 23  
DA N9    C8     sing Y N 24  
DA N9    C4     sing Y N 25  
DA C8    N7     doub Y N 26  
DA C8    H8     sing N N 27  
DA N7    C5     sing Y N 28  
DA C5    C6     sing Y N 29  
DA C5    C4     doub Y N 30  
DA C6    N6     sing N N 31  
DA C6    N1     doub Y N 32  
DA N6    H61    sing N N 33  
DA N6    H62    sing N N 34  
DA N1    C2     sing Y N 35  
DA C2    N3     doub Y N 36  
DA C2    H2     sing N N 37  
DA N3    C4     sing Y N 38  
DC OP3   P      sing N N 39  
DC OP3   HOP3   sing N N 40  
DC P     OP1    doub N N 41  
DC P     OP2    sing N N 42  
DC P     "O5'"  sing N N 43  
DC OP2   HOP2   sing N N 44  
DC "O5'" "C5'"  sing N N 45  
DC "C5'" "C4'"  sing N N 46  
DC "C5'" "H5'"  sing N N 47  
DC "C5'" "H5''" sing N N 48  
DC "C4'" "O4'"  sing N N 49  
DC "C4'" "C3'"  sing N N 50  
DC "C4'" "H4'"  sing N N 51  
DC "O4'" "C1'"  sing N N 52  
DC "C3'" "O3'"  sing N N 53  
DC "C3'" "C2'"  sing N N 54  
DC "C3'" "H3'"  sing N N 55  
DC "O3'" "HO3'" sing N N 56  
DC "C2'" "C1'"  sing N N 57  
DC "C2'" "H2'"  sing N N 58  
DC "C2'" "H2''" sing N N 59  
DC "C1'" N1     sing N N 60  
DC "C1'" "H1'"  sing N N 61  
DC N1    C2     sing N N 62  
DC N1    C6     sing N N 63  
DC C2    O2     doub N N 64  
DC C2    N3     sing N N 65  
DC N3    C4     doub N N 66  
DC C4    N4     sing N N 67  
DC C4    C5     sing N N 68  
DC N4    H41    sing N N 69  
DC N4    H42    sing N N 70  
DC C5    C6     doub N N 71  
DC C5    H5     sing N N 72  
DC C6    H6     sing N N 73  
DG OP3   P      sing N N 74  
DG OP3   HOP3   sing N N 75  
DG P     OP1    doub N N 76  
DG P     OP2    sing N N 77  
DG P     "O5'"  sing N N 78  
DG OP2   HOP2   sing N N 79  
DG "O5'" "C5'"  sing N N 80  
DG "C5'" "C4'"  sing N N 81  
DG "C5'" "H5'"  sing N N 82  
DG "C5'" "H5''" sing N N 83  
DG "C4'" "O4'"  sing N N 84  
DG "C4'" "C3'"  sing N N 85  
DG "C4'" "H4'"  sing N N 86  
DG "O4'" "C1'"  sing N N 87  
DG "C3'" "O3'"  sing N N 88  
DG "C3'" "C2'"  sing N N 89  
DG "C3'" "H3'"  sing N N 90  
DG "O3'" "HO3'" sing N N 91  
DG "C2'" "C1'"  sing N N 92  
DG "C2'" "H2'"  sing N N 93  
DG "C2'" "H2''" sing N N 94  
DG "C1'" N9     sing N N 95  
DG "C1'" "H1'"  sing N N 96  
DG N9    C8     sing Y N 97  
DG N9    C4     sing Y N 98  
DG C8    N7     doub Y N 99  
DG C8    H8     sing N N 100 
DG N7    C5     sing Y N 101 
DG C5    C6     sing N N 102 
DG C5    C4     doub Y N 103 
DG C6    O6     doub N N 104 
DG C6    N1     sing N N 105 
DG N1    C2     sing N N 106 
DG N1    H1     sing N N 107 
DG C2    N2     sing N N 108 
DG C2    N3     doub N N 109 
DG N2    H21    sing N N 110 
DG N2    H22    sing N N 111 
DG N3    C4     sing N N 112 
DT OP3   P      sing N N 113 
DT OP3   HOP3   sing N N 114 
DT P     OP1    doub N N 115 
DT P     OP2    sing N N 116 
DT P     "O5'"  sing N N 117 
DT OP2   HOP2   sing N N 118 
DT "O5'" "C5'"  sing N N 119 
DT "C5'" "C4'"  sing N N 120 
DT "C5'" "H5'"  sing N N 121 
DT "C5'" "H5''" sing N N 122 
DT "C4'" "O4'"  sing N N 123 
DT "C4'" "C3'"  sing N N 124 
DT "C4'" "H4'"  sing N N 125 
DT "O4'" "C1'"  sing N N 126 
DT "C3'" "O3'"  sing N N 127 
DT "C3'" "C2'"  sing N N 128 
DT "C3'" "H3'"  sing N N 129 
DT "O3'" "HO3'" sing N N 130 
DT "C2'" "C1'"  sing N N 131 
DT "C2'" "H2'"  sing N N 132 
DT "C2'" "H2''" sing N N 133 
DT "C1'" N1     sing N N 134 
DT "C1'" "H1'"  sing N N 135 
DT N1    C2     sing N N 136 
DT N1    C6     sing N N 137 
DT C2    O2     doub N N 138 
DT C2    N3     sing N N 139 
DT N3    C4     sing N N 140 
DT N3    H3     sing N N 141 
DT C4    O4     doub N N 142 
DT C4    C5     sing N N 143 
DT C5    C7     sing N N 144 
DT C5    C6     doub N N 145 
DT C7    H71    sing N N 146 
DT C7    H72    sing N N 147 
DT C7    H73    sing N N 148 
DT C6    H6     sing N N 149 
# 
loop_
_ndb_struct_conf_na.entry_id 
_ndb_struct_conf_na.feature 
9NDI 'double helix'        
9NDI 'b-form double helix' 
# 
loop_
_ndb_struct_na_base_pair.model_number 
_ndb_struct_na_base_pair.i_label_asym_id 
_ndb_struct_na_base_pair.i_label_comp_id 
_ndb_struct_na_base_pair.i_label_seq_id 
_ndb_struct_na_base_pair.i_symmetry 
_ndb_struct_na_base_pair.j_label_asym_id 
_ndb_struct_na_base_pair.j_label_comp_id 
_ndb_struct_na_base_pair.j_label_seq_id 
_ndb_struct_na_base_pair.j_symmetry 
_ndb_struct_na_base_pair.shear 
_ndb_struct_na_base_pair.stretch 
_ndb_struct_na_base_pair.stagger 
_ndb_struct_na_base_pair.buckle 
_ndb_struct_na_base_pair.propeller 
_ndb_struct_na_base_pair.opening 
_ndb_struct_na_base_pair.pair_number 
_ndb_struct_na_base_pair.pair_name 
_ndb_struct_na_base_pair.i_auth_asym_id 
_ndb_struct_na_base_pair.i_auth_seq_id 
_ndb_struct_na_base_pair.i_PDB_ins_code 
_ndb_struct_na_base_pair.j_auth_asym_id 
_ndb_struct_na_base_pair.j_auth_seq_id 
_ndb_struct_na_base_pair.j_PDB_ins_code 
_ndb_struct_na_base_pair.hbond_type_28 
_ndb_struct_na_base_pair.hbond_type_12 
1 A DA 1  1_555 B DT 8 1_555 0.183  -0.246 -0.936 -0.603  2.080   -0.986 1  A_DA112:DT138_B A 112 ? B 138 ? 20 1 
1 A DC 2  1_555 B DG 7 1_555 0.192  -0.272 -0.750 0.863   -1.148  -1.203 2  A_DC113:DG137_B A 113 ? B 137 ? 19 1 
1 A DG 4  1_555 B DC 6 1_555 -0.011 -0.503 1.729  11.509  1.134   1.360  3  A_DG115:DC136_B A 115 ? B 136 ? 19 1 
1 A DC 6  1_555 C DG 9 1_555 0.048  -0.243 1.028  -2.244  -15.574 -5.530 4  A_DC117:DG207_D A 117 ? D 207 ? 19 1 
1 A DA 7  1_555 C DT 8 1_555 0.270  -0.141 0.790  -2.995  -7.467  -1.715 5  A_DA118:DT206_D A 118 ? D 206 ? 20 1 
1 A DG 8  1_555 C DC 7 1_555 -0.160 -0.053 0.155  -4.361  -4.189  3.158  6  A_DG119:DC205_D A 119 ? D 205 ? 19 1 
1 A DC 9  1_555 C DG 6 1_555 0.131  -0.023 0.277  -0.226  3.851   1.108  7  A_DC120:DG204_D A 120 ? D 204 ? 19 1 
1 A DG 10 1_555 C DC 5 1_555 -0.349 -0.186 -0.060 -5.647  -15.895 3.687  8  A_DG121:DC203_D A 121 ? D 203 ? 19 1 
1 A DT 11 1_555 C DA 4 1_555 -0.053 -0.172 -0.481 2.409   -10.696 10.117 9  A_DT122:DA202_D A 122 ? D 202 ? 20 1 
1 A DC 12 1_555 C DG 3 1_555 -1.573 0.298  -0.995 21.448  -7.479  15.077 10 A_DC123:DG201_D A 123 ? D 201 ? ?  1 
1 A DA 13 1_555 C DT 2 1_555 -0.466 0.194  -1.219 17.918  -14.800 1.615  11 A_DA124:DT200_D A 124 ? D 200 ? 20 1 
1 B DC 1  1_555 D DG 8 1_555 0.119  -0.124 -0.078 -2.940  -7.204  -3.249 12 B_DC131:DG111_X B 131 ? X 111 ? 19 1 
1 B DA 2  1_555 D DT 7 1_555 0.116  -0.043 -0.209 -5.691  1.551   -1.460 13 B_DA132:DT110_X B 132 ? X 110 ? 20 1 
1 B DC 3  1_555 D DG 6 1_555 0.255  -0.192 0.610  4.829   -0.921  0.425  14 B_DC133:DG109_X B 133 ? X 109 ? 19 1 
1 B DA 4  1_555 D DT 5 1_555 -0.039 -0.054 -0.538 -21.377 -16.762 -3.690 15 B_DA134:DT108_X B 134 ? X 108 ? 20 1 
1 C DG 11 1_555 D DC 4 1_555 -0.102 -0.324 -1.439 -16.527 -4.468  2.317  16 D_DG209:DC107_X D 209 ? X 107 ? 19 1 
1 C DC 12 1_555 D DG 3 1_555 0.254  -0.428 -1.062 -6.257  -1.817  5.114  17 D_DC210:DG106_X D 210 ? X 106 ? 19 1 
1 C DT 13 1_555 D DA 2 1_555 -0.189 -0.262 0.166  -1.956  -5.755  -1.602 18 D_DT211:DA105_X D 211 ? X 105 ? 20 1 
# 
loop_
_ndb_struct_na_base_pair_step.model_number 
_ndb_struct_na_base_pair_step.i_label_asym_id_1 
_ndb_struct_na_base_pair_step.i_label_comp_id_1 
_ndb_struct_na_base_pair_step.i_label_seq_id_1 
_ndb_struct_na_base_pair_step.i_symmetry_1 
_ndb_struct_na_base_pair_step.j_label_asym_id_1 
_ndb_struct_na_base_pair_step.j_label_comp_id_1 
_ndb_struct_na_base_pair_step.j_label_seq_id_1 
_ndb_struct_na_base_pair_step.j_symmetry_1 
_ndb_struct_na_base_pair_step.i_label_asym_id_2 
_ndb_struct_na_base_pair_step.i_label_comp_id_2 
_ndb_struct_na_base_pair_step.i_label_seq_id_2 
_ndb_struct_na_base_pair_step.i_symmetry_2 
_ndb_struct_na_base_pair_step.j_label_asym_id_2 
_ndb_struct_na_base_pair_step.j_label_comp_id_2 
_ndb_struct_na_base_pair_step.j_label_seq_id_2 
_ndb_struct_na_base_pair_step.j_symmetry_2 
_ndb_struct_na_base_pair_step.shift 
_ndb_struct_na_base_pair_step.slide 
_ndb_struct_na_base_pair_step.rise 
_ndb_struct_na_base_pair_step.tilt 
_ndb_struct_na_base_pair_step.roll 
_ndb_struct_na_base_pair_step.twist 
_ndb_struct_na_base_pair_step.x_displacement 
_ndb_struct_na_base_pair_step.y_displacement 
_ndb_struct_na_base_pair_step.helical_rise 
_ndb_struct_na_base_pair_step.inclination 
_ndb_struct_na_base_pair_step.tip 
_ndb_struct_na_base_pair_step.helical_twist 
_ndb_struct_na_base_pair_step.step_number 
_ndb_struct_na_base_pair_step.step_name 
_ndb_struct_na_base_pair_step.i_auth_asym_id_1 
_ndb_struct_na_base_pair_step.i_auth_seq_id_1 
_ndb_struct_na_base_pair_step.i_PDB_ins_code_1 
_ndb_struct_na_base_pair_step.j_auth_asym_id_1 
_ndb_struct_na_base_pair_step.j_auth_seq_id_1 
_ndb_struct_na_base_pair_step.j_PDB_ins_code_1 
_ndb_struct_na_base_pair_step.i_auth_asym_id_2 
_ndb_struct_na_base_pair_step.i_auth_seq_id_2 
_ndb_struct_na_base_pair_step.i_PDB_ins_code_2 
_ndb_struct_na_base_pair_step.j_auth_asym_id_2 
_ndb_struct_na_base_pair_step.j_auth_seq_id_2 
_ndb_struct_na_base_pair_step.j_PDB_ins_code_2 
1 A DA 1  1_555 B DT 8 1_555 A DC 2  1_555 B DG 7 1_555 0.211  -1.131 3.206 -1.869  2.283  31.696 -2.466 -0.715 3.102 4.169   
3.412   31.829 1  AA_DA112DC113:DG137DT138_BB A 112 ? B 138 ? A 113 ? B 137 ? 
1 A DC 2  1_555 B DG 7 1_555 A DG 4  1_555 B DC 6 1_555 0.035  0.717  4.682 11.757  6.927  43.278 0.035  1.477  4.598 9.125   
-15.488 45.279 2  AA_DC113DG115:DC136DG137_BB A 113 ? B 137 ? A 115 ? B 136 ? 
1 A DC 6  1_555 C DG 9 1_555 A DA 7  1_555 C DT 8 1_555 -0.104 -0.025 3.181 4.875   1.405  35.440 -0.237 0.850  3.136 2.294   
-7.957  35.789 3  AA_DC117DA118:DT206DG207_DD A 117 ? D 207 ? A 118 ? D 206 ? 
1 A DA 7  1_555 C DT 8 1_555 A DG 8  1_555 C DC 7 1_555 -0.273 0.318  3.366 -3.083  -1.066 33.517 0.728  -0.046 3.366 -1.844  
5.329   33.671 4  AA_DA118DG119:DC205DT206_DD A 118 ? D 206 ? A 119 ? D 205 ? 
1 A DG 8  1_555 C DC 7 1_555 A DC 9  1_555 C DG 6 1_555 -0.776 -0.604 3.142 -2.065  3.863  29.404 -1.953 1.099  3.085 7.557   
4.040   29.722 5  AA_DG119DC120:DG204DC205_DD A 119 ? D 205 ? A 120 ? D 204 ? 
1 A DC 9  1_555 C DG 6 1_555 A DG 10 1_555 C DC 5 1_555 0.058  -0.698 2.892 2.078   17.400 31.585 -3.200 0.153  2.221 29.314  
-3.501  36.012 6  AA_DC120DG121:DC203DG204_DD A 120 ? D 204 ? A 121 ? D 203 ? 
1 A DG 10 1_555 C DC 5 1_555 A DT 11 1_555 C DA 4 1_555 -0.103 2.532  3.184 -0.850  2.241  41.695 3.318  0.055  3.311 3.145   
1.193   41.760 7  AA_DG121DT122:DA202DC203_DD A 121 ? D 203 ? A 122 ? D 202 ? 
1 A DT 11 1_555 C DA 4 1_555 A DC 12 1_555 C DG 3 1_555 -1.216 -0.158 2.678 -2.136  11.182 23.578 -2.861 2.208  2.450 25.544  
4.878   26.147 8  AA_DT122DC123:DG201DA202_DD A 122 ? D 202 ? A 123 ? D 201 ? 
1 A DC 12 1_555 C DG 3 1_555 A DA 13 1_555 C DT 2 1_555 -0.041 0.121  4.172 4.143   5.759  28.836 -1.314 1.196  4.074 11.348  
-8.164  29.678 9  AA_DC123DA124:DT200DG201_DD A 123 ? D 201 ? A 124 ? D 200 ? 
1 B DC 1  1_555 D DG 8 1_555 B DA 2  1_555 D DT 7 1_555 0.855  0.234  3.231 1.167   -6.709 30.565 1.683  -1.367 3.140 -12.532 
-2.179  31.297 10 BB_DC131DA132:DT110DG111_XX B 131 ? X 111 ? B 132 ? X 110 ? 
1 B DA 2  1_555 D DT 7 1_555 B DC 3  1_555 D DG 6 1_555 0.547  -0.795 3.035 -5.583  6.183  32.027 -2.329 -1.803 2.708 10.976  
9.911   33.065 11 BB_DA132DC133:DG109DT110_XX B 132 ? X 110 ? B 133 ? X 109 ? 
1 B DC 3  1_555 D DG 6 1_555 B DA 4  1_555 D DT 5 1_555 -0.452 -0.142 4.381 7.271   46.861 29.851 -3.923 1.070  2.246 58.906  
-9.140  55.572 12 BB_DC133DA134:DT108DG109_XX B 133 ? X 109 ? B 134 ? X 108 ? 
1 B DA 4  1_555 D DT 5 1_555 C DG 11 1_555 D DC 4 1_555 -0.348 0.424  3.368 1.129   0.852  38.851 0.531  0.664  3.365 1.280   
-1.696  38.876 13 BD_DA134DG209:DC107DT108_XX B 134 ? X 108 ? D 209 ? X 107 ? 
1 C DG 11 1_555 D DC 4 1_555 C DC 12 1_555 D DG 3 1_555 -1.004 -0.523 3.068 -8.980  4.707  35.725 -1.431 0.417  3.129 7.489   
14.286  37.090 14 DD_DG209DC210:DG106DC107_XX D 209 ? X 107 ? D 210 ? X 106 ? 
1 C DC 12 1_555 D DG 3 1_555 C DT 13 1_555 D DA 2 1_555 -0.612 -0.374 3.588 -10.626 4.145  33.872 -1.284 -0.726 3.546 6.877   
17.630  35.688 15 DD_DC210DT211:DA105DG106_XX D 210 ? X 106 ? D 211 ? X 105 ? 
# 
loop_
_pdbx_audit_support.funding_organization 
_pdbx_audit_support.country 
_pdbx_audit_support.grant_number 
_pdbx_audit_support.ordinal 
'Office of Naval Research (ONR)'                   'United States' N000141912596 1 
'Department of Energy (DOE, United States)'        'United States' DE-SC0007991  2 
'National Science Foundation (NSF, United States)' 'United States' CCF-2106790   3 
'National Science Foundation (NSF, United States)' 'United States' GCR-2317843   4 
# 
_pdbx_initial_refinement_model.id               1 
_pdbx_initial_refinement_model.entity_id_list   ? 
_pdbx_initial_refinement_model.type             'experimental model' 
_pdbx_initial_refinement_model.source_name      PDB 
_pdbx_initial_refinement_model.accession_code   8D93 
_pdbx_initial_refinement_model.details          'tensegrity triangle' 
# 
_space_group.name_H-M_alt     'P 63' 
_space_group.name_Hall        'P 6c' 
_space_group.IT_number        173 
_space_group.crystal_system   hexagonal 
_space_group.id               1 
# 
_atom_sites.entry_id                    9NDI 
_atom_sites.Cartn_transf_matrix[1][1]   ? 
_atom_sites.Cartn_transf_matrix[1][2]   ? 
_atom_sites.Cartn_transf_matrix[1][3]   ? 
_atom_sites.Cartn_transf_matrix[2][1]   ? 
_atom_sites.Cartn_transf_matrix[2][2]   ? 
_atom_sites.Cartn_transf_matrix[2][3]   ? 
_atom_sites.Cartn_transf_matrix[3][1]   ? 
_atom_sites.Cartn_transf_matrix[3][2]   ? 
_atom_sites.Cartn_transf_matrix[3][3]   ? 
_atom_sites.Cartn_transf_vector[1]      ? 
_atom_sites.Cartn_transf_vector[2]      ? 
_atom_sites.Cartn_transf_vector[3]      ? 
_atom_sites.Cartn_transform_axes        ? 
_atom_sites.fract_transf_matrix[1][1]   -0.00492940 
_atom_sites.fract_transf_matrix[1][2]   -0.00181478 
_atom_sites.fract_transf_matrix[1][3]   0.00690551 
_atom_sites.fract_transf_matrix[2][1]   -0.00284996 
_atom_sites.fract_transf_matrix[2][2]   -0.00809354 
_atom_sites.fract_transf_matrix[2][3]   0.00128944 
_atom_sites.fract_transf_matrix[3][1]   0.01648740 
_atom_sites.fract_transf_matrix[3][2]   -0.00410238 
_atom_sites.fract_transf_matrix[3][3]   0.01069120 
_atom_sites.fract_transf_vector[1]      -0.414664 
_atom_sites.fract_transf_vector[2]      0.138946 
_atom_sites.fract_transf_vector[3]      0.231685 
_atom_sites.solution_primary            ? 
_atom_sites.solution_secondary          ? 
_atom_sites.solution_hydrogens          ? 
_atom_sites.special_details             ? 
# 
loop_
_atom_type.symbol 
_atom_type.scat_dispersion_real 
_atom_type.scat_dispersion_imag 
_atom_type.scat_Cromer_Mann_a1 
_atom_type.scat_Cromer_Mann_a2 
_atom_type.scat_Cromer_Mann_a3 
_atom_type.scat_Cromer_Mann_a4 
_atom_type.scat_Cromer_Mann_b1 
_atom_type.scat_Cromer_Mann_b2 
_atom_type.scat_Cromer_Mann_b3 
_atom_type.scat_Cromer_Mann_b4 
_atom_type.scat_Cromer_Mann_c 
_atom_type.scat_source 
_atom_type.scat_dispersion_source 
C ? ? 5.96793  ? ? ? 14.89577 ? ? ? 0.0 
;1-Gaussian fit: Grosse-Kunstleve RW, Sauter NK, Adams PD: Newsletter of the IUCr Commission on Crystallographic Computing 2004, 3, 22-31.
;
? 
N ? ? 6.96715  ? ? ? 11.43723 ? ? ? 0.0 
;1-Gaussian fit: Grosse-Kunstleve RW, Sauter NK, Adams PD: Newsletter of the IUCr Commission on Crystallographic Computing 2004, 3, 22-31.
;
? 
O ? ? 7.96527  ? ? ? 9.05267  ? ? ? 0.0 
;1-Gaussian fit: Grosse-Kunstleve RW, Sauter NK, Adams PD: Newsletter of the IUCr Commission on Crystallographic Computing 2004, 3, 22-31.
;
? 
P ? ? 14.90797 ? ? ? 11.91318 ? ? ? 0.0 
;1-Gaussian fit: Grosse-Kunstleve RW, Sauter NK, Adams PD: Newsletter of the IUCr Commission on Crystallographic Computing 2004, 3, 22-31.
;
? 
# 
loop_
_atom_site.group_PDB 
_atom_site.id 
_atom_site.type_symbol 
_atom_site.label_atom_id 
_atom_site.label_alt_id 
_atom_site.label_comp_id 
_atom_site.label_asym_id 
_atom_site.label_entity_id 
_atom_site.label_seq_id 
_atom_site.pdbx_PDB_ins_code 
_atom_site.Cartn_x 
_atom_site.Cartn_y 
_atom_site.Cartn_z 
_atom_site.occupancy 
_atom_site.B_iso_or_equiv 
_atom_site.pdbx_formal_charge 
_atom_site.auth_seq_id 
_atom_site.auth_comp_id 
_atom_site.auth_asym_id 
_atom_site.auth_atom_id 
_atom_site.pdbx_PDB_model_num 
ATOM 1   P P     . DA A 1 1  ? -5.03693  -18.76799 3.03206   1.000 492.59605 ? 112 DA A P     1 
ATOM 2   O OP1   . DA A 1 1  ? -6.21124  -19.19345 2.23977   1.000 499.68746 ? 112 DA A OP1   1 
ATOM 3   O OP2   . DA A 1 1  ? -4.35340  -17.49881 2.69988   1.000 489.95963 ? 112 DA A OP2   1 
ATOM 4   O "O5'" . DA A 1 1  ? -5.44059  -18.72179 4.58164   1.000 493.69721 ? 112 DA A "O5'" 1 
ATOM 5   C "C5'" . DA A 1 1  ? -6.77632  -19.03973 4.99757   1.000 498.50567 ? 112 DA A "C5'" 1 
ATOM 6   C "C4'" . DA A 1 1  ? -7.52484  -17.78680 5.43464   1.000 495.38818 ? 112 DA A "C4'" 1 
ATOM 7   O "O4'" . DA A 1 1  ? -7.11403  -17.37417 6.75363   1.000 492.95909 ? 112 DA A "O4'" 1 
ATOM 8   C "C3'" . DA A 1 1  ? -7.28043  -16.56453 4.57456   1.000 493.57578 ? 112 DA A "C3'" 1 
ATOM 9   O "O3'" . DA A 1 1  ? -8.15295  -16.56599 3.40935   1.000 494.49290 ? 112 DA A "O3'" 1 
ATOM 10  C "C2'" . DA A 1 1  ? -7.54477  -15.38749 5.52972   1.000 493.68934 ? 112 DA A "C2'" 1 
ATOM 11  C "C1'" . DA A 1 1  ? -7.49090  -16.02241 6.93051   1.000 491.54005 ? 112 DA A "C1'" 1 
ATOM 12  N N9    . DA A 1 1  ? -6.55013  -15.34722 7.83329   1.000 490.34327 ? 112 DA A N9    1 
ATOM 13  C C8    . DA A 1 1  ? -5.19097  -15.34492 7.74746   1.000 486.49947 ? 112 DA A C8    1 
ATOM 14  N N7    . DA A 1 1  ? -4.59830  -14.63934 8.67872   1.000 479.00624 ? 112 DA A N7    1 
ATOM 15  C C5    . DA A 1 1  ? -5.64201  -14.11586 9.41868   1.000 484.63226 ? 112 DA A C5    1 
ATOM 16  C C6    . DA A 1 1  ? -5.67482  -13.26573 10.54462  1.000 481.87684 ? 112 DA A C6    1 
ATOM 17  N N6    . DA A 1 1  ? -4.57346  -12.79220 11.14165  1.000 472.51226 ? 112 DA A N6    1 
ATOM 18  N N1    . DA A 1 1  ? -6.88784  -12.93661 11.04502  1.000 489.90891 ? 112 DA A N1    1 
ATOM 19  C C2    . DA A 1 1  ? -7.98241  -13.42410 10.44683  1.000 493.85062 ? 112 DA A C2    1 
ATOM 20  N N3    . DA A 1 1  ? -8.07418  -14.22328 9.38262   1.000 493.61489 ? 112 DA A N3    1 
ATOM 21  C C4    . DA A 1 1  ? -6.85635  -14.53720 8.91273   1.000 491.41207 ? 112 DA A C4    1 
ATOM 22  P P     . DC A 1 2  ? -9.76594  -16.59598 3.52252   1.000 524.44403 ? 113 DC A P     1 
ATOM 23  O OP1   . DC A 1 2  ? -10.24521 -17.73815 4.33109   1.000 523.35237 ? 113 DC A OP1   1 
ATOM 24  O OP2   . DC A 1 2  ? -10.25342 -16.50122 2.13005   1.000 526.83139 ? 113 DC A OP2   1 
ATOM 25  O "O5'" . DC A 1 2  ? -10.14546 -15.20370 4.22225   1.000 526.89059 ? 113 DC A "O5'" 1 
ATOM 26  C "C5'" . DC A 1 2  ? -11.03877 -15.16231 5.33536   1.000 528.01785 ? 113 DC A "C5'" 1 
ATOM 27  C "C4'" . DC A 1 2  ? -11.21120 -13.73539 5.83029   1.000 530.20048 ? 113 DC A "C4'" 1 
ATOM 28  O "O4'" . DC A 1 2  ? -10.23889 -13.44269 6.84587   1.000 527.69745 ? 113 DC A "O4'" 1 
ATOM 29  C "C3'" . DC A 1 2  ? -10.99841 -12.65840 4.77945   1.000 532.58769 ? 113 DC A "C3'" 1 
ATOM 30  O "O3'" . DC A 1 2  ? -12.22482 -12.40775 4.08107   1.000 536.41410 ? 113 DC A "O3'" 1 
ATOM 31  C "C2'" . DC A 1 2  ? -10.56464 -11.44184 5.61002   1.000 533.15707 ? 113 DC A "C2'" 1 
ATOM 32  C "C1'" . DC A 1 2  ? -10.13618 -12.04299 6.96055   1.000 529.81810 ? 113 DC A "C1'" 1 
ATOM 33  N N1    . DC A 1 2  ? -8.74796  -11.70804 7.34656   1.000 525.65013 ? 113 DC A N1    1 
ATOM 34  C C2    . DC A 1 2  ? -8.50903  -10.84650 8.42372   1.000 519.90313 ? 113 DC A C2    1 
ATOM 35  O O2    . DC A 1 2  ? -9.46788  -10.37274 9.05149   1.000 525.42477 ? 113 DC A O2    1 
ATOM 36  N N3    . DC A 1 2  ? -7.22899  -10.56018 8.75485   1.000 509.04193 ? 113 DC A N3    1 
ATOM 37  C C4    . DC A 1 2  ? -6.22313  -11.09640 8.05781   1.000 503.76981 ? 113 DC A C4    1 
ATOM 38  N N4    . DC A 1 2  ? -4.97724  -10.78836 8.41579   1.000 493.61625 ? 113 DC A N4    1 
ATOM 39  C C5    . DC A 1 2  ? -6.44904  -11.96198 6.95650   1.000 509.27275 ? 113 DC A C5    1 
ATOM 40  C C6    . DC A 1 2  ? -7.71169  -12.23876 6.64040   1.000 520.20811 ? 113 DC A C6    1 
ATOM 41  P P     . DG A 1 3  ? -12.25799 -12.42882 2.47351   1.000 530.96916 ? 114 DG A P     1 
ATOM 42  O OP1   . DG A 1 3  ? -12.64275 -13.78093 2.01283   1.000 529.92268 ? 114 DG A OP1   1 
ATOM 43  O OP2   . DG A 1 3  ? -10.97871 -11.84041 2.03213   1.000 529.74988 ? 114 DG A OP2   1 
ATOM 44  O "O5'" . DG A 1 3  ? -13.43241 -11.41184 2.08109   1.000 536.03508 ? 114 DG A "O5'" 1 
ATOM 45  C "C5'" . DG A 1 3  ? -13.14850 -10.01770 1.87557   1.000 538.44017 ? 114 DG A "C5'" 1 
ATOM 46  C "C4'" . DG A 1 3  ? -13.56417 -9.18969  3.08240   1.000 539.71271 ? 114 DG A "C4'" 1 
ATOM 47  O "O4'" . DG A 1 3  ? -12.53807 -9.27154  4.11285   1.000 536.11644 ? 114 DG A "O4'" 1 
ATOM 48  C "C3'" . DG A 1 3  ? -13.73690 -7.69355  2.81807   1.000 543.74784 ? 114 DG A "C3'" 1 
ATOM 49  O "O3'" . DG A 1 3  ? -14.68950 -7.16169  3.75611   1.000 545.75770 ? 114 DG A "O3'" 1 
ATOM 50  C "C2'" . DG A 1 3  ? -12.33387 -7.18713  3.11774   1.000 536.97145 ? 114 DG A "C2'" 1 
ATOM 51  C "C1'" . DG A 1 3  ? -12.07620 -7.96972  4.38825   1.000 534.92280 ? 114 DG A "C1'" 1 
ATOM 52  N N9    . DG A 1 3  ? -10.69098 -8.05210  4.81552   1.000 523.18486 ? 114 DG A N9    1 
ATOM 53  C C8    . DG A 1 3  ? -9.64986  -8.68915  4.18402   1.000 518.32029 ? 114 DG A C8    1 
ATOM 54  N N7    . DG A 1 3  ? -8.52997  -8.62311  4.84643   1.000 508.24988 ? 114 DG A N7    1 
ATOM 55  C C5    . DG A 1 3  ? -8.85710  -7.90648  5.98855   1.000 506.67228 ? 114 DG A C5    1 
ATOM 56  C C6    . DG A 1 3  ? -8.04929  -7.51576  7.07703   1.000 498.20690 ? 114 DG A C6    1 
ATOM 57  O O6    . DG A 1 3  ? -6.84525  -7.73573  7.25411   1.000 490.03576 ? 114 DG A O6    1 
ATOM 58  N N1    . DG A 1 3  ? -8.77333  -6.79572  8.02479   1.000 500.59154 ? 114 DG A N1    1 
ATOM 59  C C2    . DG A 1 3  ? -10.10937 -6.49645  7.93153   1.000 509.73600 ? 114 DG A C2    1 
ATOM 60  N N2    . DG A 1 3  ? -10.63427 -5.79172  8.94969   1.000 511.00815 ? 114 DG A N2    1 
ATOM 61  N N3    . DG A 1 3  ? -10.87833 -6.85978  6.91270   1.000 517.72574 ? 114 DG A N3    1 
ATOM 62  C C4    . DG A 1 3  ? -10.18276 -7.56038  5.98421   1.000 515.72261 ? 114 DG A C4    1 
ATOM 63  P P     . DG A 1 4  ? -15.58667 -5.87297  3.40329   1.000 550.90641 ? 115 DG A P     1 
ATOM 64  O OP1   . DG A 1 4  ? -16.96788 -6.32379  3.11128   1.000 553.43392 ? 115 DG A OP1   1 
ATOM 65  O OP2   . DG A 1 4  ? -14.84560 -5.09475  2.39268   1.000 552.54138 ? 115 DG A OP2   1 
ATOM 66  O "O5'" . DG A 1 4  ? -15.60391 -5.02200  4.76448   1.000 550.91547 ? 115 DG A "O5'" 1 
ATOM 67  C "C5'" . DG A 1 4  ? -14.56275 -5.17972  5.72674   1.000 543.25355 ? 115 DG A "C5'" 1 
ATOM 68  C "C4'" . DG A 1 4  ? -13.66111 -3.95627  5.77537   1.000 531.63368 ? 115 DG A "C4'" 1 
ATOM 69  O "O4'" . DG A 1 4  ? -12.29208 -4.40571  5.89819   1.000 521.83872 ? 115 DG A "O4'" 1 
ATOM 70  C "C3'" . DG A 1 4  ? -13.70339 -3.06198  4.52165   1.000 531.43320 ? 115 DG A "C3'" 1 
ATOM 71  O "O3'" . DG A 1 4  ? -14.18404 -1.68789  4.79339   1.000 530.76885 ? 115 DG A "O3'" 1 
ATOM 72  C "C2'" . DG A 1 4  ? -12.26453 -3.08377  3.97957   1.000 521.11295 ? 115 DG A "C2'" 1 
ATOM 73  C "C1'" . DG A 1 4  ? -11.46232 -3.52846  5.19168   1.000 513.80301 ? 115 DG A "C1'" 1 
ATOM 74  N N9    . DG A 1 4  ? -10.21611 -4.21587  4.85754   1.000 506.85495 ? 115 DG A N9    1 
ATOM 75  C C8    . DG A 1 4  ? -9.96161  -4.98997  3.75211   1.000 509.34095 ? 115 DG A C8    1 
ATOM 76  N N7    . DG A 1 4  ? -8.74886  -5.46754  3.72479   1.000 501.69909 ? 115 DG A N7    1 
ATOM 77  C C5    . DG A 1 4  ? -8.16199  -4.96700  4.88231   1.000 493.77348 ? 115 DG A C5    1 
ATOM 78  C C6    . DG A 1 4  ? -6.85710  -5.13225  5.39831   1.000 484.15300 ? 115 DG A C6    1 
ATOM 79  O O6    . DG A 1 4  ? -5.92542  -5.78647  4.92460   1.000 480.22283 ? 115 DG A O6    1 
ATOM 80  N N1    . DG A 1 4  ? -6.68045  -4.45343  6.61021   1.000 479.60052 ? 115 DG A N1    1 
ATOM 81  C C2    . DG A 1 4  ? -7.64660  -3.69297  7.22795   1.000 483.67968 ? 115 DG A C2    1 
ATOM 82  N N2    . DG A 1 4  ? -7.31086  -3.09861  8.38900   1.000 479.09358 ? 115 DG A N2    1 
ATOM 83  N N3    . DG A 1 4  ? -8.86451  -3.53776  6.75385   1.000 492.32387 ? 115 DG A N3    1 
ATOM 84  C C4    . DG A 1 4  ? -9.05268  -4.19437  5.58648   1.000 496.96673 ? 115 DG A C4    1 
ATOM 85  P P     . DA A 1 5  ? -14.22944 -1.02766  6.26739   1.000 523.48535 ? 116 DA A P     1 
ATOM 86  O OP1   . DA A 1 5  ? -15.22466 -1.72110  7.11700   1.000 532.47043 ? 116 DA A OP1   1 
ATOM 87  O OP2   . DA A 1 5  ? -14.40891 0.42506   6.05911   1.000 521.34885 ? 116 DA A OP2   1 
ATOM 88  O "O5'" . DA A 1 5  ? -12.74063 -1.19208  6.82892   1.000 511.49654 ? 116 DA A "O5'" 1 
ATOM 89  C "C5'" . DA A 1 5  ? -12.50878 -1.26379  8.22769   1.000 508.60726 ? 116 DA A "C5'" 1 
ATOM 90  C "C4'" . DA A 1 5  ? -11.21395 -0.56483  8.60665   1.000 496.88594 ? 116 DA A "C4'" 1 
ATOM 91  O "O4'" . DA A 1 5  ? -10.09694 -1.15940  7.88000   1.000 490.71816 ? 116 DA A "O4'" 1 
ATOM 92  C "C3'" . DA A 1 5  ? -11.16400 0.93515   8.29710   1.000 493.15902 ? 116 DA A "C3'" 1 
ATOM 93  O "O3'" . DA A 1 5  ? -10.43854 1.60413   9.33180   1.000 486.09027 ? 116 DA A "O3'" 1 
ATOM 94  C "C2'" . DA A 1 5  ? -10.39716 0.95446   6.98222   1.000 488.82563 ? 116 DA A "C2'" 1 
ATOM 95  C "C1'" . DA A 1 5  ? -9.36696  -0.12866  7.26291   1.000 483.66703 ? 116 DA A "C1'" 1 
ATOM 96  N N9    . DA A 1 5  ? -8.67736  -0.64548  6.06911   1.000 481.41671 ? 116 DA A N9    1 
ATOM 97  C C8    . DA A 1 5  ? -9.23923  -1.01032  4.87155   1.000 488.06808 ? 116 DA A C8    1 
ATOM 98  N N7    . DA A 1 5  ? -8.36611  -1.42796  3.97991   1.000 484.62261 ? 116 DA A N7    1 
ATOM 99  C C5    . DA A 1 5  ? -7.14633  -1.32039  4.62901   1.000 474.76355 ? 116 DA A C5    1 
ATOM 100 C C6    . DA A 1 5  ? -5.82521  -1.60503  4.22149   1.000 467.40534 ? 116 DA A C6    1 
ATOM 101 N N6    . DA A 1 5  ? -5.51396  -2.07908  3.01252   1.000 468.95898 ? 116 DA A N6    1 
ATOM 102 N N1    . DA A 1 5  ? -4.83467  -1.38629  5.10783   1.000 459.84676 ? 116 DA A N1    1 
ATOM 103 C C2    . DA A 1 5  ? -5.14522  -0.91454  6.32074   1.000 458.42489 ? 116 DA A C2    1 
ATOM 104 N N3    . DA A 1 5  ? -6.34419  -0.60759  6.82173   1.000 464.86987 ? 116 DA A N3    1 
ATOM 105 C C4    . DA A 1 5  ? -7.31395  -0.83514  5.91478   1.000 472.78797 ? 116 DA A C4    1 
ATOM 106 P P     . DC A 1 6  ? -10.54151 3.19719   9.54409   1.000 458.51081 ? 117 DC A P     1 
ATOM 107 O OP1   . DC A 1 6  ? -11.68702 3.47805   10.44064  1.000 465.80680 ? 117 DC A OP1   1 
ATOM 108 O OP2   . DC A 1 6  ? -10.49673 3.85352   8.21859   1.000 457.68366 ? 117 DC A OP2   1 
ATOM 109 O "O5'" . DC A 1 6  ? -9.17920  3.53440   10.30953  1.000 448.74856 ? 117 DC A "O5'" 1 
ATOM 110 C "C5'" . DC A 1 6  ? -8.22511  2.49819   10.51323  1.000 444.40484 ? 117 DC A "C5'" 1 
ATOM 111 C "C4'" . DC A 1 6  ? -6.90974  2.82610   9.83387   1.000 435.52793 ? 117 DC A "C4'" 1 
ATOM 112 O "O4'" . DC A 1 6  ? -6.82686  2.20380   8.52983   1.000 436.37101 ? 117 DC A "O4'" 1 
ATOM 113 C "C3'" . DC A 1 6  ? -6.65641  4.30734   9.60823   1.000 431.83671 ? 117 DC A "C3'" 1 
ATOM 114 O "O3'" . DC A 1 6  ? -5.45457  4.64211   10.23693  1.000 424.37784 ? 117 DC A "O3'" 1 
ATOM 115 C "C2'" . DC A 1 6  ? -6.56652  4.44826   8.07171   1.000 431.76292 ? 117 DC A "C2'" 1 
ATOM 116 C "C1'" . DC A 1 6  ? -6.11265  3.06074   7.67277   1.000 431.21309 ? 117 DC A "C1'" 1 
ATOM 117 N N1    . DC A 1 6  ? -6.41367  2.65014   6.24862   1.000 435.16074 ? 117 DC A N1    1 
ATOM 118 C C2    . DC A 1 6  ? -5.35486  2.38745   5.35706   1.000 430.38962 ? 117 DC A C2    1 
ATOM 119 O O2    . DC A 1 6  ? -4.18832  2.55905   5.72841   1.000 422.81877 ? 117 DC A O2    1 
ATOM 120 N N3    . DC A 1 6  ? -5.64767  1.97411   4.09207   1.000 435.08660 ? 117 DC A N3    1 
ATOM 121 C C4    . DC A 1 6  ? -6.91818  1.81759   3.71629   1.000 444.11144 ? 117 DC A C4    1 
ATOM 122 N N4    . DC A 1 6  ? -7.15081  1.40177   2.46728   1.000 449.35754 ? 117 DC A N4    1 
ATOM 123 C C5    . DC A 1 6  ? -8.00397  2.05976   4.61497   1.000 448.89418 ? 117 DC A C5    1 
ATOM 124 C C6    . DC A 1 6  ? -7.70558  2.46639   5.85715   1.000 444.15049 ? 117 DC A C6    1 
ATOM 125 P P     . DA A 1 7  ? -4.88258  6.12940   10.12312  1.000 406.73318 ? 118 DA A P     1 
ATOM 126 O OP1   . DA A 1 7  ? -4.05755  6.34315   11.33069  1.000 402.45676 ? 118 DA A OP1   1 
ATOM 127 O OP2   . DA A 1 7  ? -6.01070  7.03774   9.80752   1.000 412.19233 ? 118 DA A OP2   1 
ATOM 128 O "O5'" . DA A 1 7  ? -3.93586  6.07009   8.84027   1.000 404.39808 ? 118 DA A "O5'" 1 
ATOM 129 C "C5'" . DA A 1 7  ? -2.53623  5.92037   8.99536   1.000 397.18457 ? 118 DA A "C5'" 1 
ATOM 130 C "C4'" . DA A 1 7  ? -1.81607  6.34541   7.73284   1.000 402.01442 ? 118 DA A "C4'" 1 
ATOM 131 O "O4'" . DA A 1 7  ? -2.43606  5.70092   6.58965   1.000 405.63100 ? 118 DA A "O4'" 1 
ATOM 132 C "C3'" . DA A 1 7  ? -1.86941  7.84607   7.42928   1.000 410.64060 ? 118 DA A "C3'" 1 
ATOM 133 O "O3'" . DA A 1 7  ? -0.68539  8.22787   6.73535   1.000 412.01851 ? 118 DA A "O3'" 1 
ATOM 134 C "C2'" . DA A 1 7  ? -3.07722  7.92870   6.50911   1.000 418.50404 ? 118 DA A "C2'" 1 
ATOM 135 C "C1'" . DA A 1 7  ? -2.80730  6.69570   5.67190   1.000 416.00211 ? 118 DA A "C1'" 1 
ATOM 136 N N9    . DA A 1 7  ? -3.93101  6.22675   4.88647   1.000 421.40194 ? 118 DA A N9    1 
ATOM 137 C C8    . DA A 1 7  ? -5.25539  6.29976   5.19807   1.000 422.84495 ? 118 DA A C8    1 
ATOM 138 N N7    . DA A 1 7  ? -6.03706  5.78547   4.27738   1.000 427.74471 ? 118 DA A N7    1 
ATOM 139 C C5    . DA A 1 7  ? -5.15388  5.34805   3.29934   1.000 428.98913 ? 118 DA A C5    1 
ATOM 140 C C6    . DA A 1 7  ? -5.34100  4.70496   2.05628   1.000 432.52341 ? 118 DA A C6    1 
ATOM 141 N N6    . DA A 1 7  ? -6.54352  4.38068   1.57234   1.000 436.49250 ? 118 DA A N6    1 
ATOM 142 N N1    . DA A 1 7  ? -4.23338  4.40418   1.32869   1.000 431.03184 ? 118 DA A N1    1 
ATOM 143 C C2    . DA A 1 7  ? -3.03632  4.73217   1.82542   1.000 427.00342 ? 118 DA A C2    1 
ATOM 144 N N3    . DA A 1 7  ? -2.74456  5.33589   2.97245   1.000 424.12638 ? 118 DA A N3    1 
ATOM 145 C C4    . DA A 1 7  ? -3.85683  5.61428   3.66658   1.000 425.05756 ? 118 DA A C4    1 
ATOM 146 P P     . DG A 1 8  ? 0.61113   8.73962   7.53643   1.000 402.60572 ? 119 DG A P     1 
ATOM 147 O OP1   . DG A 1 8  ? 1.11463   7.64149   8.38885   1.000 396.41373 ? 119 DG A OP1   1 
ATOM 148 O OP2   . DG A 1 8  ? 0.23523   10.03104  8.15649   1.000 406.26311 ? 119 DG A OP2   1 
ATOM 149 O "O5'" . DG A 1 8  ? 1.69885   8.99835   6.38509   1.000 406.99808 ? 119 DG A "O5'" 1 
ATOM 150 C "C5'" . DG A 1 8  ? 2.18337   7.91453   5.58882   1.000 403.62627 ? 119 DG A "C5'" 1 
ATOM 151 C "C4'" . DG A 1 8  ? 1.99726   8.21222   4.10941   1.000 409.70968 ? 119 DG A "C4'" 1 
ATOM 152 O "O4'" . DG A 1 8  ? 0.69125   7.77437   3.69247   1.000 410.71278 ? 119 DG A "O4'" 1 
ATOM 153 C "C3'" . DG A 1 8  ? 2.07026   9.69450   3.73850   1.000 419.15485 ? 119 DG A "C3'" 1 
ATOM 154 O "O3'" . DG A 1 8  ? 3.38700   10.02351  3.17192   1.000 420.25868 ? 119 DG A "O3'" 1 
ATOM 155 C "C2'" . DG A 1 8  ? 0.88409   9.92488   2.76702   1.000 425.80624 ? 119 DG A "C2'" 1 
ATOM 156 C "C1'" . DG A 1 8  ? 0.29814   8.52492   2.57226   1.000 418.85881 ? 119 DG A "C1'" 1 
ATOM 157 N N9    . DG A 1 8  ? -1.16454  8.46712   2.49228   1.000 421.96006 ? 119 DG A N9    1 
ATOM 158 C C8    . DG A 1 8  ? -2.06561  8.86588   3.44806   1.000 423.07031 ? 119 DG A C8    1 
ATOM 159 N N7    . DG A 1 8  ? -3.31212  8.65171   3.11522   1.000 425.70644 ? 119 DG A N7    1 
ATOM 160 C C5    . DG A 1 8  ? -3.23051  8.07597   1.85284   1.000 426.61670 ? 119 DG A C5    1 
ATOM 161 C C6    . DG A 1 8  ? -4.25520  7.62346   0.97857   1.000 430.29571 ? 119 DG A C6    1 
ATOM 162 O O6    . DG A 1 8  ? -5.48426  7.64740   1.14464   1.000 433.64979 ? 119 DG A O6    1 
ATOM 163 N N1    . DG A 1 8  ? -3.72783  7.09425   -0.20133  1.000 430.32760 ? 119 DG A N1    1 
ATOM 164 C C2    . DG A 1 8  ? -2.38543  7.01487   -0.49316  1.000 425.89253 ? 119 DG A C2    1 
ATOM 165 N N2    . DG A 1 8  ? -2.05307  6.47840   -1.67363  1.000 424.45523 ? 119 DG A N2    1 
ATOM 166 N N3    . DG A 1 8  ? -1.42426  7.43136   0.31462   1.000 422.91601 ? 119 DG A N3    1 
ATOM 167 C C4    . DG A 1 8  ? -1.91389  7.94128   1.46525   1.000 423.87919 ? 119 DG A C4    1 
ATOM 168 P P     . DC A 1 9  ? 3.66495   10.07941  1.58372   1.000 432.60045 ? 120 DC A P     1 
ATOM 169 O OP1   . DC A 1 9  ? 3.10866   8.85006   0.97800   1.000 427.45921 ? 120 DC A OP1   1 
ATOM 170 O OP2   . DC A 1 9  ? 5.10228   10.37187  1.38843   1.000 430.99173 ? 120 DC A OP2   1 
ATOM 171 O "O5'" . DC A 1 9  ? 2.88826   11.38812  1.08231   1.000 443.73058 ? 120 DC A "O5'" 1 
ATOM 172 C "C5'" . DC A 1 9  ? 3.25375   12.01207  -0.14657  1.000 448.61984 ? 120 DC A "C5'" 1 
ATOM 173 C "C4'" . DC A 1 9  ? 3.12256   11.04409  -1.31034  1.000 444.34802 ? 120 DC A "C4'" 1 
ATOM 174 O "O4'" . DC A 1 9  ? 1.93858   10.21319  -1.13168  1.000 443.87168 ? 120 DC A "O4'" 1 
ATOM 175 C "C3'" . DC A 1 9  ? 2.96638   11.70170  -2.67066  1.000 451.24905 ? 120 DC A "C3'" 1 
ATOM 176 O "O3'" . DC A 1 9  ? 3.56352   10.89699  -3.66748  1.000 444.24096 ? 120 DC A "O3'" 1 
ATOM 177 C "C2'" . DC A 1 9  ? 1.45324   11.76253  -2.82975  1.000 458.10772 ? 120 DC A "C2'" 1 
ATOM 178 C "C1'" . DC A 1 9  ? 1.00940   10.45688  -2.17025  1.000 452.58330 ? 120 DC A "C1'" 1 
ATOM 179 N N1    . DC A 1 9  ? -0.39580  10.49370  -1.56527  1.000 460.12085 ? 120 DC A N1    1 
ATOM 180 C C2    . DC A 1 9  ? -1.51270  10.05750  -2.31441  1.000 465.50035 ? 120 DC A C2    1 
ATOM 181 O O2    . DC A 1 9  ? -1.35213  9.67130   -3.47766  1.000 464.11375 ? 120 DC A O2    1 
ATOM 182 N N3    . DC A 1 9  ? -2.75165  10.10626  -1.74304  1.000 471.39477 ? 120 DC A N3    1 
ATOM 183 C C4    . DC A 1 9  ? -2.89198  10.53887  -0.48860  1.000 471.33206 ? 120 DC A C4    1 
ATOM 184 N N4    . DC A 1 9  ? -4.12558  10.56295  0.03747   1.000 475.90480 ? 120 DC A N4    1 
ATOM 185 C C5    . DC A 1 9  ? -1.77270  10.96888  0.28756   1.000 465.48176 ? 120 DC A C5    1 
ATOM 186 C C6    . DC A 1 9  ? -0.56041  10.92621  -0.28128  1.000 460.46267 ? 120 DC A C6    1 
ATOM 187 P P     . DG A 1 10 ? 4.18517   11.58144  -4.97757  1.000 513.97490 ? 121 DG A P     1 
ATOM 188 O OP1   . DG A 1 10 ? 5.24637   10.68980  -5.50089  1.000 496.76074 ? 121 DG A OP1   1 
ATOM 189 O OP2   . DG A 1 10 ? 4.52161   12.97624  -4.60438  1.000 517.62114 ? 121 DG A OP2   1 
ATOM 190 O "O5'" . DG A 1 10 ? 2.95281   11.62690  -6.00485  1.000 526.01512 ? 121 DG A "O5'" 1 
ATOM 191 C "C5'" . DG A 1 10 ? 1.99627   10.54150  -6.07510  1.000 527.20739 ? 121 DG A "C5'" 1 
ATOM 192 C "C4'" . DG A 1 10 ? 0.84207   10.92126  -6.99292  1.000 541.68602 ? 121 DG A "C4'" 1 
ATOM 193 O "O4'" . DG A 1 10 ? -0.42560  10.88890  -6.26288  1.000 554.04701 ? 121 DG A "O4'" 1 
ATOM 194 C "C3'" . DG A 1 10 ? 0.93278   12.33406  -7.54560  1.000 550.56679 ? 121 DG A "C3'" 1 
ATOM 195 O "O3'" . DG A 1 10 ? 0.28261   12.39553  -8.80862  1.000 555.78616 ? 121 DG A "O3'" 1 
ATOM 196 C "C2'" . DG A 1 10 ? 0.15498   13.10666  -6.48895  1.000 563.18006 ? 121 DG A "C2'" 1 
ATOM 197 C "C1'" . DG A 1 10 ? -1.02075  12.17880  -6.30933  1.000 566.35879 ? 121 DG A "C1'" 1 
ATOM 198 N N9    . DG A 1 10 ? -1.78137  12.37457  -5.07259  1.000 470.24670 ? 121 DG A N9    1 
ATOM 199 C C8    . DG A 1 10 ? -1.29232  12.75280  -3.84923  1.000 468.09822 ? 121 DG A C8    1 
ATOM 200 N N7    . DG A 1 10 ? -2.19881  12.80700  -2.91419  1.000 469.56137 ? 121 DG A N7    1 
ATOM 201 C C5    . DG A 1 10 ? -3.37103  12.44001  -3.55804  1.000 473.07529 ? 121 DG A C5    1 
ATOM 202 C C6    . DG A 1 10 ? -4.68720  12.31828  -3.05416  1.000 475.75750 ? 121 DG A C6    1 
ATOM 203 O O6    . DG A 1 10 ? -5.09314  12.51398  -1.89844  1.000 475.27449 ? 121 DG A O6    1 
ATOM 204 N N1    . DG A 1 10 ? -5.58099  11.92863  -4.04458  1.000 479.04702 ? 121 DG A N1    1 
ATOM 205 C C2    . DG A 1 10 ? -5.25048  11.68252  -5.35737  1.000 479.64386 ? 121 DG A C2    1 
ATOM 206 N N2    . DG A 1 10 ? -6.25395  11.31789  -6.16683  1.000 483.21612 ? 121 DG A N2    1 
ATOM 207 N N3    . DG A 1 10 ? -4.02095  11.79078  -5.84313  1.000 476.83876 ? 121 DG A N3    1 
ATOM 208 C C4    . DG A 1 10 ? -3.13379  12.16956  -4.88911  1.000 473.65540 ? 121 DG A C4    1 
ATOM 209 P P     . DT A 1 11 ? 1.10640   12.74963  -10.14282 1.000 513.24769 ? 122 DT A P     1 
ATOM 210 O OP1   . DT A 1 11 ? 1.63852   11.47243  -10.66807 1.000 497.02707 ? 122 DT A OP1   1 
ATOM 211 O OP2   . DT A 1 11 ? 2.04348   13.85480  -9.83876  1.000 518.77979 ? 122 DT A OP2   1 
ATOM 212 O "O5'" . DT A 1 11 ? -0.02064  13.30262  -11.13765 1.000 528.70913 ? 122 DT A "O5'" 1 
ATOM 213 C "C5'" . DT A 1 11 ? -1.11123  12.46631  -11.48995 1.000 526.11665 ? 122 DT A "C5'" 1 
ATOM 214 C "C4'" . DT A 1 11 ? -2.41040  13.25237  -11.65203 1.000 543.08138 ? 122 DT A "C4'" 1 
ATOM 215 O "O4'" . DT A 1 11 ? -2.98580  13.59567  -10.36263 1.000 548.78783 ? 122 DT A "O4'" 1 
ATOM 216 C "C3'" . DT A 1 11 ? -2.32790  14.55419  -12.42537 1.000 559.29329 ? 122 DT A "C3'" 1 
ATOM 217 O "O3'" . DT A 1 11 ? -3.53647  14.67436  -13.17068 1.000 569.73273 ? 122 DT A "O3'" 1 
ATOM 218 C "C2'" . DT A 1 11 ? -2.21205  15.60300  -11.30284 1.000 566.59934 ? 122 DT A "C2'" 1 
ATOM 219 C "C1'" . DT A 1 11 ? -3.11598  15.00594  -10.23546 1.000 559.54984 ? 122 DT A "C1'" 1 
ATOM 220 N N1    . DT A 1 11 ? -2.74785  15.32775  -8.82547  1.000 511.03414 ? 122 DT A N1    1 
ATOM 221 C C2    . DT A 1 11 ? -3.70028  15.15326  -7.85619  1.000 511.62436 ? 122 DT A C2    1 
ATOM 222 O O2    . DT A 1 11 ? -4.84474  14.80977  -8.10381  1.000 513.87997 ? 122 DT A O2    1 
ATOM 223 N N3    . DT A 1 11 ? -3.27937  15.41046  -6.57993  1.000 509.35091 ? 122 DT A N3    1 
ATOM 224 C C4    . DT A 1 11 ? -2.02072  15.80399  -6.17403  1.000 506.41855 ? 122 DT A C4    1 
ATOM 225 O O4    . DT A 1 11 ? -1.75162  16.00916  -4.99001  1.000 504.05688 ? 122 DT A O4    1 
ATOM 226 C C5    . DT A 1 11 ? -1.05032  15.95779  -7.23919  1.000 505.99629 ? 122 DT A C5    1 
ATOM 227 C C7    . DT A 1 11 ? 0.35843   16.38411  -6.92374  1.000 502.38668 ? 122 DT A C7    1 
ATOM 228 C C6    . DT A 1 11 ? -1.45279  15.69808  -8.50264  1.000 508.33577 ? 122 DT A C6    1 
ATOM 229 P P     . DC A 1 12 ? -3.89094  15.98311  -14.02833 1.000 522.67927 ? 123 DC A P     1 
ATOM 230 O OP1   . DC A 1 12 ? -4.27728  15.49846  -15.37342 1.000 524.14110 ? 123 DC A OP1   1 
ATOM 231 O OP2   . DC A 1 12 ? -2.80276  16.97671  -13.90216 1.000 525.53886 ? 123 DC A OP2   1 
ATOM 232 O "O5'" . DC A 1 12 ? -5.19797  16.55072  -13.29247 1.000 534.04132 ? 123 DC A "O5'" 1 
ATOM 233 C "C5'" . DC A 1 12 ? -5.84784  17.72962  -13.77121 1.000 549.53377 ? 123 DC A "C5'" 1 
ATOM 234 C "C4'" . DC A 1 12 ? -7.34017  17.69621  -13.46102 1.000 557.04734 ? 123 DC A "C4'" 1 
ATOM 235 O "O4'" . DC A 1 12 ? -7.54438  17.26498  -12.09628 1.000 552.03368 ? 123 DC A "O4'" 1 
ATOM 236 C "C3'" . DC A 1 12 ? -8.04446  19.04040  -13.54024 1.000 576.41580 ? 123 DC A "C3'" 1 
ATOM 237 O "O3'" . DC A 1 12 ? -9.45848  18.84220  -13.72170 1.000 584.62145 ? 123 DC A "O3'" 1 
ATOM 238 C "C2'" . DC A 1 12 ? -7.72719  19.62681  -12.16741 1.000 577.39276 ? 123 DC A "C2'" 1 
ATOM 239 C "C1'" . DC A 1 12 ? -7.83307  18.38905  -11.27870 1.000 563.68920 ? 123 DC A "C1'" 1 
ATOM 240 N N1    . DC A 1 12 ? -6.88256  18.36142  -10.16496 1.000 538.12591 ? 123 DC A N1    1 
ATOM 241 C C2    . DC A 1 12 ? -7.34638  18.07094  -8.88552  1.000 537.48289 ? 123 DC A C2    1 
ATOM 242 O O2    . DC A 1 12 ? -8.55905  17.88487  -8.70977  1.000 543.81590 ? 123 DC A O2    1 
ATOM 243 N N3    . DC A 1 12 ? -6.45794  18.01354  -7.86842  1.000 529.52686 ? 123 DC A N3    1 
ATOM 244 C C4    . DC A 1 12 ? -5.16086  18.22010  -8.09981  1.000 522.80318 ? 123 DC A C4    1 
ATOM 245 N N4    . DC A 1 12 ? -4.32488  18.15472  -7.05969  1.000 514.64689 ? 123 DC A N4    1 
ATOM 246 C C5    . DC A 1 12 ? -4.66497  18.50362  -9.40529  1.000 523.66001 ? 123 DC A C5    1 
ATOM 247 C C6    . DC A 1 12 ? -5.55295  18.55829  -10.40045 1.000 531.10908 ? 123 DC A C6    1 
ATOM 248 P P     . DA A 1 13 ? -10.34787 19.91512  -14.52926 1.000 542.21957 ? 124 DA A P     1 
ATOM 249 O OP1   . DA A 1 13 ? -11.48358 19.20713  -15.15974 1.000 554.21071 ? 124 DA A OP1   1 
ATOM 250 O OP2   . DA A 1 13 ? -9.43773  20.70572  -15.38462 1.000 546.14753 ? 124 DA A OP2   1 
ATOM 251 O "O5'" . DA A 1 13 ? -10.92396 20.86947  -13.38540 1.000 541.79332 ? 124 DA A "O5'" 1 
ATOM 252 C "C5'" . DA A 1 13 ? -10.29126 22.10425  -13.11512 1.000 551.03542 ? 124 DA A "C5'" 1 
ATOM 253 C "C4'" . DA A 1 13 ? -10.54390 22.53171  -11.68427 1.000 554.63731 ? 124 DA A "C4'" 1 
ATOM 254 O "O4'" . DA A 1 13 ? -9.47767  22.04350  -10.83322 1.000 541.26094 ? 124 DA A "O4'" 1 
ATOM 255 C "C3'" . DA A 1 13 ? -10.60229 24.05198  -11.46243 1.000 575.00880 ? 124 DA A "C3'" 1 
ATOM 256 O "O3'" . DA A 1 13 ? -11.84963 24.41385  -10.88301 1.000 584.62029 ? 124 DA A "O3'" 1 
ATOM 257 C "C2'" . DA A 1 13 ? -9.44169  24.32794  -10.50468 1.000 571.78869 ? 124 DA A "C2'" 1 
ATOM 258 C "C1'" . DA A 1 13 ? -9.29056  22.98135  -9.81915  1.000 549.84678 ? 124 DA A "C1'" 1 
ATOM 259 N N9    . DA A 1 13 ? -7.98628  22.79277  -9.20241  1.000 505.35545 ? 124 DA A N9    1 
ATOM 260 C C8    . DA A 1 13 ? -6.76354  22.97549  -9.78104  1.000 499.42736 ? 124 DA A C8    1 
ATOM 261 N N7    . DA A 1 13 ? -5.75926  22.75560  -8.96683  1.000 487.74875 ? 124 DA A N7    1 
ATOM 262 C C5    . DA A 1 13 ? -6.36958  22.41734  -7.77004  1.000 485.54560 ? 124 DA A C5    1 
ATOM 263 C C6    . DA A 1 13 ? -5.85644  22.06758  -6.50624  1.000 473.71362 ? 124 DA A C6    1 
ATOM 264 N N6    . DA A 1 13 ? -4.55051  22.00090  -6.23783  1.000 460.67760 ? 124 DA A N6    1 
ATOM 265 N N1    . DA A 1 13 ? -6.74095  21.78964  -5.52555  1.000 475.43666 ? 124 DA A N1    1 
ATOM 266 C C2    . DA A 1 13 ? -8.04649  21.85787  -5.79986  1.000 487.61714 ? 124 DA A C2    1 
ATOM 267 N N3    . DA A 1 13 ? -8.64176  22.15769  -6.94810  1.000 498.52916 ? 124 DA A N3    1 
ATOM 268 C C4    . DA A 1 13 ? -7.73953  22.43828  -7.89873  1.000 496.94086 ? 124 DA A C4    1 
ATOM 269 P P     . DC B 2 1  ? 2.65733   -12.79733 -14.39755 1.000 540.23859 ? 131 DC B P     1 
ATOM 270 O OP1   . DC B 2 1  ? 1.29424   -12.33751 -14.74424 1.000 536.37417 ? 131 DC B OP1   1 
ATOM 271 O OP2   . DC B 2 1  ? 3.57357   -11.91486 -13.63695 1.000 540.94231 ? 131 DC B OP2   1 
ATOM 272 O "O5'" . DC B 2 1  ? 2.52803   -14.21558 -13.66217 1.000 536.61993 ? 131 DC B "O5'" 1 
ATOM 273 C "C5'" . DC B 2 1  ? 2.71310   -14.32969 -12.24923 1.000 531.56565 ? 131 DC B "C5'" 1 
ATOM 274 C "C4'" . DC B 2 1  ? 1.56498   -13.70127 -11.47754 1.000 524.02463 ? 131 DC B "C4'" 1 
ATOM 275 O "O4'" . DC B 2 1  ? 1.35747   -14.45275 -10.25824 1.000 518.38595 ? 131 DC B "O4'" 1 
ATOM 276 C "C3'" . DC B 2 1  ? 1.83012   -12.28251 -11.01160 1.000 523.29965 ? 131 DC B "C3'" 1 
ATOM 277 O "O3'" . DC B 2 1  ? 0.61519   -11.59069 -10.75252 1.000 518.08490 ? 131 DC B "O3'" 1 
ATOM 278 C "C2'" . DC B 2 1  ? 2.61595   -12.51581 -9.73776  1.000 521.04459 ? 131 DC B "C2'" 1 
ATOM 279 C "C1'" . DC B 2 1  ? 1.96950   -13.78008 -9.17174  1.000 516.28245 ? 131 DC B "C1'" 1 
ATOM 280 N N1    . DC B 2 1  ? 2.96913   -14.67980 -8.56049  1.000 517.59102 ? 131 DC B N1    1 
ATOM 281 C C2    . DC B 2 1  ? 2.66260   -15.40978 -7.40008  1.000 511.88932 ? 131 DC B C2    1 
ATOM 282 O O2    . DC B 2 1  ? 1.54183   -15.30968 -6.88694  1.000 505.81355 ? 131 DC B O2    1 
ATOM 283 N N3    . DC B 2 1  ? 3.61986   -16.21270 -6.86787  1.000 513.55508 ? 131 DC B N3    1 
ATOM 284 C C4    . DC B 2 1  ? 4.81948   -16.29512 -7.44319  1.000 520.67245 ? 131 DC B C4    1 
ATOM 285 N N4    . DC B 2 1  ? 5.73249   -17.09719 -6.88921  1.000 522.47206 ? 131 DC B N4    1 
ATOM 286 C C5    . DC B 2 1  ? 5.14452   -15.55578 -8.61441  1.000 526.63767 ? 131 DC B C5    1 
ATOM 287 C C6    . DC B 2 1  ? 4.20234   -14.77050 -9.13071  1.000 524.75201 ? 131 DC B C6    1 
ATOM 288 P P     . DA B 2 2  ? 0.63788   -9.99983  -10.50636 1.000 524.36473 ? 132 DA B P     1 
ATOM 289 O OP1   . DA B 2 2  ? -0.75970  -9.52695  -10.48719 1.000 519.93022 ? 132 DA B OP1   1 
ATOM 290 O OP2   . DA B 2 2  ? 1.58428   -9.38029  -11.45724 1.000 531.77303 ? 132 DA B OP2   1 
ATOM 291 O "O5'" . DA B 2 2  ? 1.28945   -9.84237  -9.05639  1.000 520.92244 ? 132 DA B "O5'" 1 
ATOM 292 C "C5'" . DA B 2 2  ? 0.53482   -9.33021  -7.99477  1.000 514.49277 ? 132 DA B "C5'" 1 
ATOM 293 C "C4'" . DA B 2 2  ? -0.06993  -10.44898 -7.16755  1.000 508.84203 ? 132 DA B "C4'" 1 
ATOM 294 O "O4'" . DA B 2 2  ? 0.80003   -11.62309 -7.19853  1.000 511.33568 ? 132 DA B "O4'" 1 
ATOM 295 C "C3'" . DA B 2 2  ? -0.24224  -10.09131 -5.70027  1.000 502.86174 ? 132 DA B "C3'" 1 
ATOM 296 O "O3'" . DA B 2 2  ? -1.44821  -10.62067 -5.18301  1.000 497.19611 ? 132 DA B "O3'" 1 
ATOM 297 C "C2'" . DA B 2 2  ? 0.97789   -10.71880 -5.04803  1.000 503.85451 ? 132 DA B "C2'" 1 
ATOM 298 C "C1'" . DA B 2 2  ? 1.18181   -11.97445 -5.87715  1.000 507.36173 ? 132 DA B "C1'" 1 
ATOM 299 N N9    . DA B 2 2  ? 2.57979   -12.46417 -5.87836  1.000 512.02683 ? 132 DA B N9    1 
ATOM 300 C C8    . DA B 2 2  ? 3.57122   -12.10962 -6.74809  1.000 519.13886 ? 132 DA B C8    1 
ATOM 301 N N7    . DA B 2 2  ? 4.72322   -12.69899 -6.52512  1.000 522.55546 ? 132 DA B N7    1 
ATOM 302 C C5    . DA B 2 2  ? 4.49045   -13.48669 -5.41562  1.000 517.12035 ? 132 DA B C5    1 
ATOM 303 C C6    . DA B 2 2  ? 5.32829   -14.35438 -4.67749  1.000 517.43301 ? 132 DA B C6    1 
ATOM 304 N N6    . DA B 2 2  ? 6.61537   -14.56620 -4.97484  1.000 523.90553 ? 132 DA B N6    1 
ATOM 305 N N1    . DA B 2 2  ? 4.79091   -14.99382 -3.62164  1.000 511.17318 ? 132 DA B N1    1 
ATOM 306 C C2    . DA B 2 2  ? 3.50497   -14.76962 -3.32414  1.000 505.19975 ? 132 DA B C2    1 
ATOM 307 N N3    . DA B 2 2  ? 2.61387   -13.98562 -3.94559  1.000 504.44848 ? 132 DA B N3    1 
ATOM 308 C C4    . DA B 2 2  ? 3.17572   -13.36003 -4.99247  1.000 510.55447 ? 132 DA B C4    1 
ATOM 309 P P     . DC B 2 3  ? -2.35286  -9.70282  -4.22449  1.000 491.27747 ? 133 DC B P     1 
ATOM 310 O OP1   . DC B 2 3  ? -3.78239  -10.01432 -4.46131  1.000 488.44581 ? 133 DC B OP1   1 
ATOM 311 O OP2   . DC B 2 3  ? -1.84692  -8.32307  -4.41154  1.000 494.13334 ? 133 DC B OP2   1 
ATOM 312 O "O5'" . DC B 2 3  ? -1.93247  -10.15763 -2.74976  1.000 486.72698 ? 133 DC B "O5'" 1 
ATOM 313 C "C5'" . DC B 2 3  ? -1.37206  -11.44725 -2.54152  1.000 486.88864 ? 133 DC B "C5'" 1 
ATOM 314 C "C4'" . DC B 2 3  ? -0.39677  -11.43543 -1.37788  1.000 485.23617 ? 133 DC B "C4'" 1 
ATOM 315 O "O4'" . DC B 2 3  ? 0.93040   -11.84980 -1.81574  1.000 490.57770 ? 133 DC B "O4'" 1 
ATOM 316 C "C3'" . DC B 2 3  ? -0.20428  -10.07817 -0.69278  1.000 483.72910 ? 133 DC B "C3'" 1 
ATOM 317 O "O3'" . DC B 2 3  ? -0.28824  -10.25613 0.70444   1.000 478.26714 ? 133 DC B "O3'" 1 
ATOM 318 C "C2'" . DC B 2 3  ? 1.21456   -9.67987  -1.10668  1.000 489.45665 ? 133 DC B "C2'" 1 
ATOM 319 C "C1'" . DC B 2 3  ? 1.87062   -11.04353 -1.14557  1.000 491.08041 ? 133 DC B "C1'" 1 
ATOM 320 N N1    . DC B 2 3  ? 3.19934   -11.09055 -1.86512  1.000 498.12297 ? 133 DC B N1    1 
ATOM 321 C C2    . DC B 2 3  ? 4.24364   -11.86335 -1.33827  1.000 499.45680 ? 133 DC B C2    1 
ATOM 322 O O2    . DC B 2 3  ? 4.05102   -12.49048 -0.28813  1.000 494.57042 ? 133 DC B O2    1 
ATOM 323 N N3    . DC B 2 3  ? 5.43451   -11.89865 -1.99401  1.000 506.37881 ? 133 DC B N3    1 
ATOM 324 C C4    . DC B 2 3  ? 5.59325   -11.19822 -3.12390  1.000 511.67445 ? 133 DC B C4    1 
ATOM 325 N N4    . DC B 2 3  ? 6.77829   -11.26264 -3.74342  1.000 518.84894 ? 133 DC B N4    1 
ATOM 326 C C5    . DC B 2 3  ? 4.54023   -10.40813 -3.67004  1.000 510.17068 ? 133 DC B C5    1 
ATOM 327 C C6    . DC B 2 3  ? 3.38011   -10.37778 -3.00837  1.000 503.44599 ? 133 DC B C6    1 
ATOM 328 P P     . DA B 2 4  ? -0.63187  -9.01312  1.65453   1.000 498.17635 ? 134 DA B P     1 
ATOM 329 O OP1   . DA B 2 4  ? -1.97079  -9.26932  2.23220   1.000 492.81754 ? 134 DA B OP1   1 
ATOM 330 O OP2   . DA B 2 4  ? -0.44086  -7.80725  0.82179   1.000 502.45006 ? 134 DA B OP2   1 
ATOM 331 O "O5'" . DA B 2 4  ? 0.50167   -9.06350  2.80438   1.000 496.78637 ? 134 DA B "O5'" 1 
ATOM 332 C "C5'" . DA B 2 4  ? 1.90724   -9.10825  2.45256   1.000 501.86381 ? 134 DA B "C5'" 1 
ATOM 333 C "C4'" . DA B 2 4  ? 2.79120   -8.62987  3.60847   1.000 500.22453 ? 134 DA B "C4'" 1 
ATOM 334 O "O4'" . DA B 2 4  ? 4.18966   -8.85169  3.28960   1.000 505.53846 ? 134 DA B "O4'" 1 
ATOM 335 C "C3'" . DA B 2 4  ? 2.72333   -7.14512  3.88993   1.000 499.81338 ? 134 DA B "C3'" 1 
ATOM 336 O "O3'" . DA B 2 4  ? 3.25742   -6.85827  5.18989   1.000 496.54735 ? 134 DA B "O3'" 1 
ATOM 337 C "C2'" . DA B 2 4  ? 3.64041   -6.61092  2.80012   1.000 507.01823 ? 134 DA B "C2'" 1 
ATOM 338 C "C1'" . DA B 2 4  ? 4.76783   -7.64284  2.81352   1.000 509.82269 ? 134 DA B "C1'" 1 
ATOM 339 N N9    . DA B 2 4  ? 5.31016   -7.93138  1.49768   1.000 516.68270 ? 134 DA B N9    1 
ATOM 340 C C8    . DA B 2 4  ? 4.66609   -7.80864  0.29789   1.000 519.37820 ? 134 DA B C8    1 
ATOM 341 N N7    . DA B 2 4  ? 5.38985   -8.17654  -0.72994  1.000 525.80428 ? 134 DA B N7    1 
ATOM 342 C C5    . DA B 2 4  ? 6.58472   -8.58503  -0.16271  1.000 527.62061 ? 134 DA B C5    1 
ATOM 343 C C6    . DA B 2 4  ? 7.76776   -9.09194  -0.72144  1.000 534.26008 ? 134 DA B C6    1 
ATOM 344 N N6    . DA B 2 4  ? 7.93696   -9.27306  -2.03174  1.000 540.38654 ? 134 DA B N6    1 
ATOM 345 N N1    . DA B 2 4  ? 8.77526   -9.40266  0.11786   1.000 534.65383 ? 134 DA B N1    1 
ATOM 346 C C2    . DA B 2 4  ? 8.60308   -9.21999  1.43470   1.000 528.46960 ? 134 DA B C2    1 
ATOM 347 N N3    . DA B 2 4  ? 7.53522   -8.74505  2.07822   1.000 521.86068 ? 134 DA B N3    1 
ATOM 348 C C4    . DA B 2 4  ? 6.55071   -8.44769  1.21077   1.000 521.93054 ? 134 DA B C4    1 
ATOM 349 P P     . DC B 2 5  ? 2.64026   -7.55008  6.50213   1.000 475.91095 ? 135 DC B P     1 
ATOM 350 O OP1   . DC B 2 5  ? 3.51255   -8.68597  6.85949   1.000 476.33484 ? 135 DC B OP1   1 
ATOM 351 O OP2   . DC B 2 5  ? 1.19623   -7.75127  6.27447   1.000 472.96065 ? 135 DC B OP2   1 
ATOM 352 O "O5'" . DC B 2 5  ? 2.77745   -6.44111  7.64292   1.000 472.72986 ? 135 DC B "O5'" 1 
ATOM 353 C "C5'" . DC B 2 5  ? 3.64380   -5.32761  7.46876   1.000 476.50636 ? 135 DC B "C5'" 1 
ATOM 354 C "C4'" . DC B 2 5  ? 2.94952   -4.04298  7.89270   1.000 474.24072 ? 135 DC B "C4'" 1 
ATOM 355 O "O4'" . DC B 2 5  ? 1.94698   -3.68632  6.89663   1.000 475.85178 ? 135 DC B "O4'" 1 
ATOM 356 C "C3'" . DC B 2 5  ? 2.21200   -4.11937  9.22589   1.000 467.43259 ? 135 DC B "C3'" 1 
ATOM 357 O "O3'" . DC B 2 5  ? 2.34489   -2.89969  9.95644   1.000 466.30730 ? 135 DC B "O3'" 1 
ATOM 358 C "C2'" . DC B 2 5  ? 0.77511   -4.35164  8.79627   1.000 465.57929 ? 135 DC B "C2'" 1 
ATOM 359 C "C1'" . DC B 2 5  ? 0.69541   -3.53127  7.52038   1.000 470.87123 ? 135 DC B "C1'" 1 
ATOM 360 N N1    . DC B 2 5  ? -0.37136  -4.00913  6.59675   1.000 471.43163 ? 135 DC B N1    1 
ATOM 361 C C2    . DC B 2 5  ? -1.67437  -3.52576  6.75037   1.000 468.88501 ? 135 DC B C2    1 
ATOM 362 O O2    . DC B 2 5  ? -1.91005  -2.70972  7.65009   1.000 466.30818 ? 135 DC B O2    1 
ATOM 363 N N3    . DC B 2 5  ? -2.64610  -3.98474  5.92552   1.000 469.48998 ? 135 DC B N3    1 
ATOM 364 C C4    . DC B 2 5  ? -2.34949  -4.87945  4.97989   1.000 472.33915 ? 135 DC B C4    1 
ATOM 365 N N4    . DC B 2 5  ? -3.33646  -5.29359  4.18258   1.000 472.87672 ? 135 DC B N4    1 
ATOM 366 C C5    . DC B 2 5  ? -1.02448  -5.37936  4.80245   1.000 475.10628 ? 135 DC B C5    1 
ATOM 367 C C6    . DC B 2 5  ? -0.07533  -4.92258  5.62534   1.000 474.62764 ? 135 DC B C6    1 
ATOM 368 P P     . DC B 2 6  ? 2.07504   -2.89187  11.54281  1.000 531.65666 ? 136 DC B P     1 
ATOM 369 O OP1   . DC B 2 6  ? 3.30962   -2.39350  12.18906  1.000 532.55201 ? 136 DC B OP1   1 
ATOM 370 O OP2   . DC B 2 6  ? 1.56247   -4.23107  11.91021  1.000 527.87682 ? 136 DC B OP2   1 
ATOM 371 O "O5'" . DC B 2 6  ? 0.88517   -1.82750  11.75100  1.000 529.76718 ? 136 DC B "O5'" 1 
ATOM 372 C "C5'" . DC B 2 6  ? -0.27861  -1.86401  10.91318  1.000 530.56177 ? 136 DC B "C5'" 1 
ATOM 373 C "C4'" . DC B 2 6  ? -1.55726  -2.04452  11.72497  1.000 525.42305 ? 136 DC B "C4'" 1 
ATOM 374 O "O4'" . DC B 2 6  ? -2.61586  -2.53019  10.84644  1.000 526.22628 ? 136 DC B "O4'" 1 
ATOM 375 C "C3'" . DC B 2 6  ? -1.47461  -3.05466  12.86958  1.000 520.39703 ? 136 DC B "C3'" 1 
ATOM 376 O "O3'" . DC B 2 6  ? -2.33994  -2.65077  13.95906  1.000 516.02612 ? 136 DC B "O3'" 1 
ATOM 377 C "C2'" . DC B 2 6  ? -1.96702  -4.32984  12.19923  1.000 520.50598 ? 136 DC B "C2'" 1 
ATOM 378 C "C1'" . DC B 2 6  ? -3.06005  -3.79588  11.28250  1.000 522.61499 ? 136 DC B "C1'" 1 
ATOM 379 N N1    . DC B 2 6  ? -3.28577  -4.65368  10.08384  1.000 525.34634 ? 136 DC B N1    1 
ATOM 380 C C2    . DC B 2 6  ? -4.58581  -4.83746  9.59414   1.000 525.02890 ? 136 DC B C2    1 
ATOM 381 O O2    . DC B 2 6  ? -5.52439  -4.27035  10.13390  1.000 522.84914 ? 136 DC B O2    1 
ATOM 382 N N3    . DC B 2 6  ? -4.77289  -5.60814  8.49051   1.000 527.59416 ? 136 DC B N3    1 
ATOM 383 C C4    . DC B 2 6  ? -3.73419  -6.20218  7.91397   1.000 530.38785 ? 136 DC B C4    1 
ATOM 384 N N4    . DC B 2 6  ? -3.96768  -6.96436  6.84007   1.000 532.94804 ? 136 DC B N4    1 
ATOM 385 C C5    . DC B 2 6  ? -2.40201  -6.03813  8.41527   1.000 530.98803 ? 136 DC B C5    1 
ATOM 386 C C6    . DC B 2 6  ? -2.23303  -5.26388  9.49267   1.000 528.32374 ? 136 DC B C6    1 
ATOM 387 P P     . DG B 2 7  ? -2.44562  -3.51478  15.32033  1.000 524.98056 ? 137 DG B P     1 
ATOM 388 O OP1   . DG B 2 7  ? -2.19686  -2.58540  16.44787  1.000 522.67833 ? 137 DG B OP1   1 
ATOM 389 O OP2   . DG B 2 7  ? -1.60371  -4.72893  15.20266  1.000 525.15817 ? 137 DG B OP2   1 
ATOM 390 O "O5'" . DG B 2 7  ? -3.98153  -3.98417  15.35448  1.000 522.65529 ? 137 DG B "O5'" 1 
ATOM 391 C "C5'" . DG B 2 7  ? -4.85487  -3.56152  16.40404  1.000 519.07124 ? 137 DG B "C5'" 1 
ATOM 392 C "C4'" . DG B 2 7  ? -6.29042  -3.42280  15.90363  1.000 519.83886 ? 137 DG B "C4'" 1 
ATOM 393 O "O4'" . DG B 2 7  ? -6.35068  -3.74849  14.49608  1.000 523.69785 ? 137 DG B "O4'" 1 
ATOM 394 C "C3'" . DG B 2 7  ? -7.30699  -4.35289  16.54749  1.000 516.26265 ? 137 DG B "C3'" 1 
ATOM 395 O "O3'" . DG B 2 7  ? -8.61822  -3.80532  16.37335  1.000 517.07820 ? 137 DG B "O3'" 1 
ATOM 396 C "C2'" . DG B 2 7  ? -7.11914  -5.61463  15.71933  1.000 517.39214 ? 137 DG B "C2'" 1 
ATOM 397 C "C1'" . DG B 2 7  ? -6.97045  -5.01301  14.32761  1.000 522.33218 ? 137 DG B "C1'" 1 
ATOM 398 N N9    . DG B 2 7  ? -6.14065  -5.79017  13.42473  1.000 524.85098 ? 137 DG B N9    1 
ATOM 399 C C8    . DG B 2 7  ? -4.77046  -5.81448  13.37868  1.000 526.22003 ? 137 DG B C8    1 
ATOM 400 N N7    . DG B 2 7  ? -4.29198  -6.58116  12.44699  1.000 529.01380 ? 137 DG B N7    1 
ATOM 401 C C5    . DG B 2 7  ? -5.41722  -7.09177  11.82861  1.000 529.28896 ? 137 DG B C5    1 
ATOM 402 C C6    . DG B 2 7  ? -5.52328  -7.98393  10.75008  1.000 531.86125 ? 137 DG B C6    1 
ATOM 403 O O6    . DG B 2 7  ? -4.60913  -8.51336  10.10214  1.000 534.67193 ? 137 DG B O6    1 
ATOM 404 N N1    . DG B 2 7  ? -6.85172  -8.24520  10.43282  1.000 531.28333 ? 137 DG B N1    1 
ATOM 405 C C2    . DG B 2 7  ? -7.94375  -7.71628  11.08400  1.000 528.82222 ? 137 DG B C2    1 
ATOM 406 N N2    . DG B 2 7  ? -9.14714  -8.09416  10.62841  1.000 529.09070 ? 137 DG B N2    1 
ATOM 407 N N3    . DG B 2 7  ? -7.85863  -6.87102  12.09963  1.000 526.58950 ? 137 DG B N3    1 
ATOM 408 C C4    . DG B 2 7  ? -6.56742  -6.60755  12.41638  1.000 526.81582 ? 137 DG B C4    1 
ATOM 409 P P     . DT B 2 8  ? -9.92432  -4.60520  16.86229  1.000 523.44152 ? 138 DT B P     1 
ATOM 410 O OP1   . DT B 2 8  ? -11.01222 -3.61064  16.97642  1.000 524.57672 ? 138 DT B OP1   1 
ATOM 411 O OP2   . DT B 2 8  ? -9.55141  -5.41831  18.04224  1.000 519.14292 ? 138 DT B OP2   1 
ATOM 412 O "O5'" . DT B 2 8  ? -10.25612 -5.58533  15.63902  1.000 525.70585 ? 138 DT B "O5'" 1 
ATOM 413 C "C5'" . DT B 2 8  ? -11.57375 -6.09602  15.46494  1.000 525.69728 ? 138 DT B "C5'" 1 
ATOM 414 C "C4'" . DT B 2 8  ? -11.55321 -7.60780  15.30488  1.000 524.52671 ? 138 DT B "C4'" 1 
ATOM 415 O "O4'" . DT B 2 8  ? -10.47966 -7.98805  14.42047  1.000 526.63312 ? 138 DT B "O4'" 1 
ATOM 416 C "C3'" . DT B 2 8  ? -11.31424 -8.39527  16.59779  1.000 520.23890 ? 138 DT B "C3'" 1 
ATOM 417 O "O3'" . DT B 2 8  ? -12.52138 -9.02294  17.02096  1.000 518.82376 ? 138 DT B "O3'" 1 
ATOM 418 C "C2'" . DT B 2 8  ? -10.23401 -9.43357  16.22881  1.000 520.39861 ? 138 DT B "C2'" 1 
ATOM 419 C "C1'" . DT B 2 8  ? -10.13642 -9.31348  14.71136  1.000 524.76071 ? 138 DT B "C1'" 1 
ATOM 420 N N1    . DT B 2 8  ? -8.76617  -9.59927  14.16502  1.000 526.56959 ? 138 DT B N1    1 
ATOM 421 C C2    . DT B 2 8  ? -8.63834  -10.41726 13.06322  1.000 529.33729 ? 138 DT B C2    1 
ATOM 422 O O2    . DT B 2 8  ? -9.58985  -10.92359 12.49352  1.000 530.20548 ? 138 DT B O2    1 
ATOM 423 N N3    . DT B 2 8  ? -7.34668  -10.62211 12.64719  1.000 531.34253 ? 138 DT B N3    1 
ATOM 424 C C4    . DT B 2 8  ? -6.19509  -10.10318 13.21139  1.000 530.90817 ? 138 DT B C4    1 
ATOM 425 O O4    . DT B 2 8  ? -5.07783  -10.34402 12.76339  1.000 533.32930 ? 138 DT B O4    1 
ATOM 426 C C5    . DT B 2 8  ? -6.39893  -9.25676  14.36382  1.000 527.70811 ? 138 DT B C5    1 
ATOM 427 C C7    . DT B 2 8  ? -5.22300  -8.64226  15.06231  1.000 526.99292 ? 138 DT B C7    1 
ATOM 428 C C6    . DT B 2 8  ? -7.65893  -9.05027  14.78247  1.000 525.71434 ? 138 DT B C6    1 
ATOM 429 P P     . DC C 3 1  ? 2.98106   26.86490  -0.56777  1.000 450.37907 ? 199 DC D P     1 
ATOM 430 O OP1   . DC C 3 1  ? 3.00701   26.23061  0.77148   1.000 447.95864 ? 199 DC D OP1   1 
ATOM 431 O OP2   . DC C 3 1  ? 3.97090   26.45131  -1.59381  1.000 448.15300 ? 199 DC D OP2   1 
ATOM 432 O "O5'" . DC C 3 1  ? 1.48827   26.79126  -1.17750  1.000 453.82136 ? 199 DC D "O5'" 1 
ATOM 433 C "C5'" . DC C 3 1  ? 0.40159   26.30818  -0.37399  1.000 450.93623 ? 199 DC D "C5'" 1 
ATOM 434 C "C4'" . DC C 3 1  ? -0.88837  27.10684  -0.59309  1.000 457.78192 ? 199 DC D "C4'" 1 
ATOM 435 O "O4'" . DC C 3 1  ? -1.12401  27.30864  -2.00614  1.000 463.02940 ? 199 DC D "O4'" 1 
ATOM 436 C "C3'" . DC C 3 1  ? -2.14362  26.42321  -0.04905  1.000 469.98634 ? 199 DC D "C3'" 1 
ATOM 437 O "O3'" . DC C 3 1  ? -2.57020  27.05525  1.14753   1.000 477.05610 ? 199 DC D "O3'" 1 
ATOM 438 C "C2'" . DC C 3 1  ? -3.19795  26.55479  -1.15814  1.000 477.81531 ? 199 DC D "C2'" 1 
ATOM 439 C "C1'" . DC C 3 1  ? -2.51366  27.36708  -2.26067  1.000 472.78904 ? 199 DC D "C1'" 1 
ATOM 440 N N1    . DC C 3 1  ? -2.75954  26.83402  -3.67047  1.000 453.36529 ? 199 DC D N1    1 
ATOM 441 C C2    . DC C 3 1  ? -4.05843  26.46652  -4.09996  1.000 458.96231 ? 199 DC D C2    1 
ATOM 442 O O2    . DC C 3 1  ? -5.02804  26.58173  -3.33630  1.000 465.79957 ? 199 DC D O2    1 
ATOM 443 N N3    . DC C 3 1  ? -4.21387  25.99046  -5.35846  1.000 463.84637 ? 199 DC D N3    1 
ATOM 444 C C4    . DC C 3 1  ? -3.16324  25.87355  -6.17118  1.000 463.47514 ? 199 DC D C4    1 
ATOM 445 N N4    . DC C 3 1  ? -3.38153  25.40881  -7.40520  1.000 475.16609 ? 199 DC D N4    1 
ATOM 446 C C5    . DC C 3 1  ? -1.85170  26.24393  -5.76547  1.000 458.20874 ? 199 DC D C5    1 
ATOM 447 C C6    . DC C 3 1  ? -1.69746  26.71135  -4.52307  1.000 453.26572 ? 199 DC D C6    1 
ATOM 448 P P     . DT C 3 2  ? -3.06169  26.17445  2.40071   1.000 567.92737 ? 200 DT D P     1 
ATOM 449 O OP1   . DT C 3 2  ? -3.00743  27.04731  3.59434   1.000 574.34198 ? 200 DT D OP1   1 
ATOM 450 O OP2   . DT C 3 2  ? -2.32674  24.88699  2.38779   1.000 556.50587 ? 200 DT D OP2   1 
ATOM 451 O "O5'" . DT C 3 2  ? -4.59919  25.86364  2.08185   1.000 577.85576 ? 200 DT D "O5'" 1 
ATOM 452 C "C5'" . DT C 3 2  ? -5.49824  25.57085  3.15445   1.000 583.32577 ? 200 DT D "C5'" 1 
ATOM 453 C "C4'" . DT C 3 2  ? -6.81619  25.02345  2.63344   1.000 585.65909 ? 200 DT D "C4'" 1 
ATOM 454 O "O4'" . DT C 3 2  ? -6.75123  24.92894  1.18732   1.000 583.31188 ? 200 DT D "O4'" 1 
ATOM 455 C "C3'" . DT C 3 2  ? -7.16853  23.61649  3.12611   1.000 585.21165 ? 200 DT D "C3'" 1 
ATOM 456 O "O3'" . DT C 3 2  ? -8.59155  23.45139  3.22952   1.000 585.41241 ? 200 DT D "O3'" 1 
ATOM 457 C "C2'" . DT C 3 2  ? -6.59179  22.74054  2.03299   1.000 580.61377 ? 200 DT D "C2'" 1 
ATOM 458 C "C1'" . DT C 3 2  ? -6.87037  23.57595  0.79186   1.000 580.15961 ? 200 DT D "C1'" 1 
ATOM 459 N N1    . DT C 3 2  ? -5.89381  23.31421  -0.26522  1.000 483.95110 ? 200 DT D N1    1 
ATOM 460 C C2    . DT C 3 2  ? -6.29673  23.27990  -1.58185  1.000 482.88480 ? 200 DT D C2    1 
ATOM 461 O O2    . DT C 3 2  ? -7.44577  23.47866  -1.93912  1.000 485.12864 ? 200 DT D O2    1 
ATOM 462 N N3    . DT C 3 2  ? -5.29235  23.01366  -2.47250  1.000 475.96051 ? 200 DT D N3    1 
ATOM 463 C C4    . DT C 3 2  ? -3.95990  22.77299  -2.17718  1.000 467.73129 ? 200 DT D C4    1 
ATOM 464 O O4    . DT C 3 2  ? -3.12943  22.54079  -3.04542  1.000 459.83468 ? 200 DT D O4    1 
ATOM 465 C C5    . DT C 3 2  ? -3.61597  22.81742  -0.77310  1.000 467.22488 ? 200 DT D C5    1 
ATOM 466 C C7    . DT C 3 2  ? -2.20420  22.57439  -0.32486  1.000 454.77627 ? 200 DT D C7    1 
ATOM 467 C C6    . DT C 3 2  ? -4.58871  23.07924  0.09846   1.000 476.30371 ? 200 DT D C6    1 
ATOM 468 P P     . DG C 3 3  ? -9.24146  21.99040  3.45181   1.000 519.12321 ? 201 DG D P     1 
ATOM 469 O OP1   . DG C 3 3  ? -10.55732 22.17977  4.10096   1.000 517.98568 ? 201 DG D OP1   1 
ATOM 470 O OP2   . DG C 3 3  ? -8.24243  21.10294  4.08890   1.000 518.99473 ? 201 DG D OP2   1 
ATOM 471 O "O5'" . DG C 3 3  ? -9.52161  21.46288  1.96857   1.000 515.60027 ? 201 DG D "O5'" 1 
ATOM 472 C "C5'" . DG C 3 3  ? -10.31016 22.24898  1.08761   1.000 513.23591 ? 201 DG D "C5'" 1 
ATOM 473 C "C4'" . DG C 3 3  ? -10.93017 21.41178  -0.02422  1.000 507.73252 ? 201 DG D "C4'" 1 
ATOM 474 O "O4'" . DG C 3 3  ? -9.94094  21.10044  -1.03812  1.000 506.86919 ? 201 DG D "O4'" 1 
ATOM 475 C "C3'" . DG C 3 3  ? -11.52489 20.07495  0.39054   1.000 506.05579 ? 201 DG D "C3'" 1 
ATOM 476 O "O3'" . DG C 3 3  ? -12.61862 19.79133  -0.46502  1.000 512.34961 ? 201 DG D "O3'" 1 
ATOM 477 C "C2'" . DG C 3 3  ? -10.36182 19.11446  0.14703   1.000 506.04271 ? 201 DG D "C2'" 1 
ATOM 478 C "C1'" . DG C 3 3  ? -9.76716  19.69768  -1.12807  1.000 503.94059 ? 201 DG D "C1'" 1 
ATOM 479 N N9    . DG C 3 3  ? -8.34130  19.45122  -1.30586  1.000 502.99719 ? 201 DG D N9    1 
ATOM 480 C C8    . DG C 3 3  ? -7.36063  19.47659  -0.34246  1.000 504.26213 ? 201 DG D C8    1 
ATOM 481 N N7    . DG C 3 3  ? -6.16387  19.25533  -0.81627  1.000 498.37893 ? 201 DG D N7    1 
ATOM 482 C C5    . DG C 3 3  ? -6.36785  19.08733  -2.18157  1.000 495.11895 ? 201 DG D C5    1 
ATOM 483 C C6    . DG C 3 3  ? -5.44402  18.82563  -3.21878  1.000 492.15861 ? 201 DG D C6    1 
ATOM 484 O O6    . DG C 3 3  ? -4.22004  18.67040  -3.13152  1.000 487.25120 ? 201 DG D O6    1 
ATOM 485 N N1    . DG C 3 3  ? -6.07451  18.72770  -4.46100  1.000 505.10986 ? 201 DG D N1    1 
ATOM 486 C C2    . DG C 3 3  ? -7.42732  18.87123  -4.66809  1.000 512.57365 ? 201 DG D C2    1 
ATOM 487 N N2    . DG C 3 3  ? -7.85969  18.75074  -5.93262  1.000 525.48918 ? 201 DG D N2    1 
ATOM 488 N N3    . DG C 3 3  ? -8.29696  19.12140  -3.70557  1.000 508.22442 ? 201 DG D N3    1 
ATOM 489 C C4    . DG C 3 3  ? -7.70015  19.21503  -2.49502  1.000 497.79971 ? 201 DG D C4    1 
ATOM 490 P P     . DA C 3 4  ? -13.63510 18.59600  -0.13674  1.000 483.62858 ? 202 DA D P     1 
ATOM 491 O OP1   . DA C 3 4  ? -14.99298 19.01662  -0.55256  1.000 492.37218 ? 202 DA D OP1   1 
ATOM 492 O OP2   . DA C 3 4  ? -13.38481 18.16338  1.25613   1.000 477.94433 ? 202 DA D OP2   1 
ATOM 493 O "O5'" . DA C 3 4  ? -13.15118 17.42747  -1.10573  1.000 482.84881 ? 202 DA D "O5'" 1 
ATOM 494 C "C5'" . DA C 3 4  ? -12.55237 17.73877  -2.35576  1.000 488.34568 ? 202 DA D "C5'" 1 
ATOM 495 C "C4'" . DA C 3 4  ? -12.04621 16.47199  -3.01443  1.000 491.97279 ? 202 DA D "C4'" 1 
ATOM 496 O "O4'" . DA C 3 4  ? -10.60568 16.51732  -3.16649  1.000 485.70044 ? 202 DA D "O4'" 1 
ATOM 497 C "C3'" . DA C 3 4  ? -12.34946 15.18779  -2.23892  1.000 488.15514 ? 202 DA D "C3'" 1 
ATOM 498 O "O3'" . DA C 3 4  ? -13.01478 14.27060  -3.09271  1.000 499.76362 ? 202 DA D "O3'" 1 
ATOM 499 C "C2'" . DA C 3 4  ? -10.96205 14.67690  -1.81109  1.000 478.12516 ? 202 DA D "C2'" 1 
ATOM 500 C "C1'" . DA C 3 4  ? -10.08866 15.22957  -2.92238  1.000 482.48412 ? 202 DA D "C1'" 1 
ATOM 501 N N9    . DA C 3 4  ? -8.66364  15.36113  -2.58836  1.000 473.04284 ? 202 DA D N9    1 
ATOM 502 C C8    . DA C 3 4  ? -8.09607  15.43320  -1.34323  1.000 460.33281 ? 202 DA D C8    1 
ATOM 503 N N7    . DA C 3 4  ? -6.78431  15.56901  -1.36420  1.000 457.82177 ? 202 DA D N7    1 
ATOM 504 C C5    . DA C 3 4  ? -6.47242  15.59163  -2.71571  1.000 464.82295 ? 202 DA D C5    1 
ATOM 505 C C6    . DA C 3 4  ? -5.24754  15.71131  -3.41929  1.000 465.87444 ? 202 DA D C6    1 
ATOM 506 N N6    . DA C 3 4  ? -4.05327  15.84249  -2.82589  1.000 457.04400 ? 202 DA D N6    1 
ATOM 507 N N1    . DA C 3 4  ? -5.30097  15.69831  -4.76668  1.000 476.97398 ? 202 DA D N1    1 
ATOM 508 C C2    . DA C 3 4  ? -6.48905  15.57444  -5.36328  1.000 486.53890 ? 202 DA D C2    1 
ATOM 509 N N3    . DA C 3 4  ? -7.69491  15.45110  -4.81988  1.000 487.18882 ? 202 DA D N3    1 
ATOM 510 C C4    . DA C 3 4  ? -7.61964  15.46781  -3.48170  1.000 475.80408 ? 202 DA D C4    1 
ATOM 511 P P     . DC C 3 5  ? -14.61639 14.30699  -3.21326  1.000 451.95192 ? 203 DC D P     1 
ATOM 512 O OP1   . DC C 3 5  ? -15.02592 15.67148  -3.62752  1.000 457.04304 ? 203 DC D OP1   1 
ATOM 513 O OP2   . DC C 3 5  ? -15.14347 13.74997  -1.95010  1.000 444.78122 ? 203 DC D OP2   1 
ATOM 514 O "O5'" . DC C 3 5  ? -14.94087 13.27184  -4.39332  1.000 464.60164 ? 203 DC D "O5'" 1 
ATOM 515 C "C5'" . DC C 3 5  ? -14.45731 11.92595  -4.33078  1.000 462.67941 ? 203 DC D "C5'" 1 
ATOM 516 C "C4'" . DC C 3 5  ? -13.52062 11.64064  -5.49218  1.000 467.70935 ? 203 DC D "C4'" 1 
ATOM 517 O "O4'" . DC C 3 5  ? -12.17440 12.03393  -5.13022  1.000 457.33863 ? 203 DC D "O4'" 1 
ATOM 518 C "C3'" . DC C 3 5  ? -13.39875 10.17587  -5.89240  1.000 472.28298 ? 203 DC D "C3'" 1 
ATOM 519 O "O3'" . DC C 3 5  ? -12.97211 10.10332  -7.24388  1.000 481.41318 ? 203 DC D "O3'" 1 
ATOM 520 C "C2'" . DC C 3 5  ? -12.29948 9.70847   -4.95960  1.000 459.97068 ? 203 DC D "C2'" 1 
ATOM 521 C "C1'" . DC C 3 5  ? -11.35475 10.88462  -5.08533  1.000 454.66688 ? 203 DC D "C1'" 1 
ATOM 522 N N1    . DC C 3 5  ? -10.43188 11.03315  -3.96936  1.000 441.15041 ? 203 DC D N1    1 
ATOM 523 C C2    . DC C 3 5  ? -9.12688  11.39355  -4.24254  1.000 437.11933 ? 203 DC D C2    1 
ATOM 524 O O2    . DC C 3 5  ? -8.79254  11.55707  -5.41918  1.000 444.94021 ? 203 DC D O2    1 
ATOM 525 N N3    . DC C 3 5  ? -8.26338  11.55062  -3.22291  1.000 425.17659 ? 203 DC D N3    1 
ATOM 526 C C4    . DC C 3 5  ? -8.67308  11.36771  -1.96831  1.000 417.18071 ? 203 DC D C4    1 
ATOM 527 N N4    . DC C 3 5  ? -7.77418  11.53673  -0.99553  1.000 405.80893 ? 203 DC D N4    1 
ATOM 528 C C5    . DC C 3 5  ? -10.01660 11.00309  -1.66120  1.000 420.89145 ? 203 DC D C5    1 
ATOM 529 C C6    . DC C 3 5  ? -10.85905 10.85123  -2.68761  1.000 433.01582 ? 203 DC D C6    1 
ATOM 530 P P     . DG C 3 6  ? -13.18842 8.76611   -8.10626  1.000 495.74350 ? 204 DG D P     1 
ATOM 531 O OP1   . DG C 3 6  ? -14.23119 9.06187   -9.11814  1.000 509.02744 ? 204 DG D OP1   1 
ATOM 532 O OP2   . DG C 3 6  ? -13.35621 7.63353   -7.16938  1.000 490.68043 ? 204 DG D OP2   1 
ATOM 533 O "O5'" . DG C 3 6  ? -11.77844 8.55791   -8.82824  1.000 495.21499 ? 204 DG D "O5'" 1 
ATOM 534 C "C5'" . DG C 3 6  ? -10.58641 8.80068   -8.10116  1.000 483.43797 ? 204 DG D "C5'" 1 
ATOM 535 C "C4'" . DG C 3 6  ? -9.47777  7.86704   -8.54056  1.000 483.95354 ? 204 DG D "C4'" 1 
ATOM 536 O "O4'" . DG C 3 6  ? -8.31643  8.09425   -7.71061  1.000 472.22728 ? 204 DG D "O4'" 1 
ATOM 537 C "C3'" . DG C 3 6  ? -9.77866  6.38679   -8.39139  1.000 487.03513 ? 204 DG D "C3'" 1 
ATOM 538 O "O3'" . DG C 3 6  ? -8.96902  5.64923   -9.29367  1.000 492.55782 ? 204 DG D "O3'" 1 
ATOM 539 C "C2'" . DG C 3 6  ? -9.38799  6.12714   -6.94004  1.000 474.65496 ? 204 DG D "C2'" 1 
ATOM 540 C "C1'" . DG C 3 6  ? -8.18117  7.04368   -6.76945  1.000 466.63677 ? 204 DG D "C1'" 1 
ATOM 541 N N9    . DG C 3 6  ? -8.07424  7.62979   -5.43650  1.000 454.51145 ? 204 DG D N9    1 
ATOM 542 C C8    . DG C 3 6  ? -9.09667  7.90057   -4.55602  1.000 450.84130 ? 204 DG D C8    1 
ATOM 543 N N7    . DG C 3 6  ? -8.68676  8.42940   -3.43360  1.000 439.34034 ? 204 DG D N7    1 
ATOM 544 C C5    . DG C 3 6  ? -7.30399  8.51053   -3.58328  1.000 435.38487 ? 204 DG D C5    1 
ATOM 545 C C6    . DG C 3 6  ? -6.30761  8.99728   -2.69654  1.000 424.14973 ? 204 DG D C6    1 
ATOM 546 O O6    . DG C 3 6  ? -6.45049  9.46917   -1.56165  1.000 414.80638 ? 204 DG D O6    1 
ATOM 547 N N1    . DG C 3 6  ? -5.02728  8.89513   -3.24836  1.000 424.74468 ? 204 DG D N1    1 
ATOM 548 C C2    . DG C 3 6  ? -4.75164  8.38627   -4.49730  1.000 434.64781 ? 204 DG D C2    1 
ATOM 549 N N2    . DG C 3 6  ? -3.46263  8.36060   -4.86918  1.000 433.99791 ? 204 DG D N2    1 
ATOM 550 N N3    . DG C 3 6  ? -5.67343  7.92670   -5.32810  1.000 444.85085 ? 204 DG D N3    1 
ATOM 551 C C4    . DG C 3 6  ? -6.91904  8.02078   -4.80954  1.000 444.69143 ? 204 DG D C4    1 
ATOM 552 P P     . DC C 3 7  ? -8.95697  4.04344   -9.26314  1.000 482.67123 ? 205 DC D P     1 
ATOM 553 O OP1   . DC C 3 7  ? -8.77321  3.60272   -10.66208 1.000 493.91060 ? 205 DC D OP1   1 
ATOM 554 O OP2   . DC C 3 7  ? -10.12633 3.55792   -8.49334  1.000 482.35749 ? 205 DC D OP2   1 
ATOM 555 O "O5'" . DC C 3 7  ? -7.62645  3.70337   -8.44950  1.000 472.57844 ? 205 DC D "O5'" 1 
ATOM 556 C "C5'" . DC C 3 7  ? -6.41923  4.35319   -8.79648  1.000 469.44831 ? 205 DC D "C5'" 1 
ATOM 557 C "C4'" . DC C 3 7  ? -5.35970  4.12940   -7.74093  1.000 458.88372 ? 205 DC D "C4'" 1 
ATOM 558 O "O4'" . DC C 3 7  ? -5.68457  4.87742   -6.55157  1.000 448.85858 ? 205 DC D "O4'" 1 
ATOM 559 C "C3'" . DC C 3 7  ? -5.17170  2.67130   -7.29091  1.000 459.42331 ? 205 DC D "C3'" 1 
ATOM 560 O "O3'" . DC C 3 7  ? -3.84057  2.26830   -7.59140  1.000 459.39383 ? 205 DC D "O3'" 1 
ATOM 561 C "C2'" . DC C 3 7  ? -5.43092  2.71848   -5.77166  1.000 448.96654 ? 205 DC D "C2'" 1 
ATOM 562 C "C1'" . DC C 3 7  ? -5.15713  4.17962   -5.46276  1.000 441.40200 ? 205 DC D "C1'" 1 
ATOM 563 N N1    . DC C 3 7  ? -5.78025  4.69608   -4.20557  1.000 432.36995 ? 205 DC D N1    1 
ATOM 564 C C2    . DC C 3 7  ? -4.96369  5.30796   -3.25196  1.000 421.38234 ? 205 DC D C2    1 
ATOM 565 O O2    . DC C 3 7  ? -3.75380  5.38952   -3.47458  1.000 419.77687 ? 205 DC D O2    1 
ATOM 566 N N3    . DC C 3 7  ? -5.52146  5.79073   -2.11277  1.000 413.10939 ? 205 DC D N3    1 
ATOM 567 C C4    . DC C 3 7  ? -6.83410  5.68136   -1.91656  1.000 415.64658 ? 205 DC D C4    1 
ATOM 568 N N4    . DC C 3 7  ? -7.34238  6.17437   -0.77720  1.000 407.30830 ? 205 DC D N4    1 
ATOM 569 C C5    . DC C 3 7  ? -7.68843  5.06187   -2.88093  1.000 427.17349 ? 205 DC D C5    1 
ATOM 570 C C6    . DC C 3 7  ? -7.12497  4.58966   -4.00281  1.000 435.12654 ? 205 DC D C6    1 
ATOM 571 P P     . DT C 3 8  ? -3.41784  0.71882   -7.68819  1.000 459.23150 ? 206 DT D P     1 
ATOM 572 O OP1   . DT C 3 8  ? -3.67491  0.22356   -9.06202  1.000 471.23912 ? 206 DT D OP1   1 
ATOM 573 O OP2   . DT C 3 8  ? -3.96503  -0.00861  -6.52236  1.000 454.92708 ? 206 DT D OP2   1 
ATOM 574 O "O5'" . DT C 3 8  ? -1.84056  0.79390   -7.48980  1.000 454.20123 ? 206 DT D "O5'" 1 
ATOM 575 C "C5'" . DT C 3 8  ? -1.27052  1.95329   -6.89518  1.000 444.90594 ? 206 DT D "C5'" 1 
ATOM 576 C "C4'" . DT C 3 8  ? -0.80577  1.64876   -5.48899  1.000 435.62839 ? 206 DT D "C4'" 1 
ATOM 577 O "O4'" . DT C 3 8  ? -1.73969  2.19476   -4.51884  1.000 428.68968 ? 206 DT D "O4'" 1 
ATOM 578 C "C3'" . DT C 3 8  ? -0.69483  0.15369   -5.17120  1.000 438.98665 ? 206 DT D "C3'" 1 
ATOM 579 O "O3'" . DT C 3 8  ? 0.58984   -0.14016  -4.67719  1.000 435.22194 ? 206 DT D "O3'" 1 
ATOM 580 C "C2'" . DT C 3 8  ? -1.76229  -0.06792  -4.10428  1.000 434.50105 ? 206 DT D "C2'" 1 
ATOM 581 C "C1'" . DT C 3 8  ? -1.79486  1.29600   -3.44686  1.000 424.92978 ? 206 DT D "C1'" 1 
ATOM 582 N N1    . DT C 3 8  ? -3.01813  1.53820   -2.63152  1.000 420.67676 ? 206 DT D N1    1 
ATOM 583 C C2    . DT C 3 8  ? -2.91267  2.23813   -1.45024  1.000 409.95315 ? 206 DT D C2    1 
ATOM 584 O O2    . DT C 3 8  ? -1.86286  2.69617   -1.03784  1.000 403.84117 ? 206 DT D O2    1 
ATOM 585 N N3    . DT C 3 8  ? -4.09333  2.38817   -0.76903  1.000 406.96670 ? 206 DT D N3    1 
ATOM 586 C C4    . DT C 3 8  ? -5.33436  1.90920   -1.13858  1.000 413.81453 ? 206 DT D C4    1 
ATOM 587 O O4    . DT C 3 8  ? -6.33601  2.09559   -0.45867  1.000 410.73572 ? 206 DT D O4    1 
ATOM 588 C C5    . DT C 3 8  ? -5.36930  1.17125   -2.38027  1.000 425.14780 ? 206 DT D C5    1 
ATOM 589 C C7    . DT C 3 8  ? -6.66176  0.59904   -2.88609  1.000 433.85734 ? 206 DT D C7    1 
ATOM 590 C C6    . DT C 3 8  ? -4.22133  1.01715   -3.05182  1.000 427.82386 ? 206 DT D C6    1 
ATOM 591 P P     . DG C 3 9  ? 1.16623   -1.62959  -4.81664  1.000 451.50917 ? 207 DG D P     1 
ATOM 592 O OP1   . DG C 3 9  ? 2.47803   -1.53127  -5.49129  1.000 454.06566 ? 207 DG D OP1   1 
ATOM 593 O OP2   . DG C 3 9  ? 0.09571   -2.46415  -5.40630  1.000 459.97210 ? 207 DG D OP2   1 
ATOM 594 O "O5'" . DG C 3 9  ? 1.40435   -2.09494  -3.30735  1.000 444.02106 ? 207 DG D "O5'" 1 
ATOM 595 C "C5'" . DG C 3 9  ? 2.61746   -1.76881  -2.66159  1.000 437.95207 ? 207 DG D "C5'" 1 
ATOM 596 C "C4'" . DG C 3 9  ? 2.37287   -0.86932  -1.46891  1.000 427.11888 ? 207 DG D "C4'" 1 
ATOM 597 O "O4'" . DG C 3 9  ? 1.06920   -0.27864  -1.56733  1.000 425.89404 ? 207 DG D "O4'" 1 
ATOM 598 C "C3'" . DG C 3 9  ? 2.35342   -1.57224  -0.12965  1.000 422.55274 ? 207 DG D "C3'" 1 
ATOM 599 O "O3'" . DG C 3 9  ? 3.69854   -1.75348  0.35420   1.000 420.63838 ? 207 DG D "O3'" 1 
ATOM 600 C "C2'" . DG C 3 9  ? 1.56412   -0.58207  0.73282   1.000 413.41375 ? 207 DG D "C2'" 1 
ATOM 601 C "C1'" . DG C 3 9  ? 0.67141   0.13678   -0.28334  1.000 416.66924 ? 207 DG D "C1'" 1 
ATOM 602 N N9    . DG C 3 9  ? -0.73572  -0.15745  -0.13851  1.000 418.18712 ? 207 DG D N9    1 
ATOM 603 C C8    . DG C 3 9  ? -1.52085  -0.85446  -1.01426  1.000 427.44085 ? 207 DG D C8    1 
ATOM 604 N N7    . DG C 3 9  ? -2.75871  -0.95107  -0.63785  1.000 427.09723 ? 207 DG D N7    1 
ATOM 605 C C5    . DG C 3 9  ? -2.79136  -0.28320  0.57487   1.000 416.62878 ? 207 DG D C5    1 
ATOM 606 C C6    . DG C 3 9  ? -3.86357  -0.06750  1.46166   1.000 411.59609 ? 207 DG D C6    1 
ATOM 607 O O6    . DG C 3 9  ? -5.04129  -0.42151  1.34690   1.000 415.70251 ? 207 DG D O6    1 
ATOM 608 N N1    . DG C 3 9  ? -3.47194  0.66799   2.57708   1.000 400.90365 ? 207 DG D N1    1 
ATOM 609 C C2    . DG C 3 9  ? -2.19722  1.12705   2.80635   1.000 396.10424 ? 207 DG D C2    1 
ATOM 610 N N2    . DG C 3 9  ? -2.00526  1.80933   3.94658   1.000 386.16034 ? 207 DG D N2    1 
ATOM 611 N N3    . DG C 3 9  ? -1.17863  0.92338   1.98286   1.000 401.05708 ? 207 DG D N3    1 
ATOM 612 C C4    . DG C 3 9  ? -1.55119  0.21582   0.89193   1.000 411.06991 ? 207 DG D C4    1 
ATOM 613 P P     . DT C 3 10 ? 4.45921   -3.16284  0.16651   1.000 451.36027 ? 208 DT D P     1 
ATOM 614 O OP1   . DT C 3 10 ? 5.18802   -3.17006  -1.12559  1.000 458.42892 ? 208 DT D OP1   1 
ATOM 615 O OP2   . DT C 3 10 ? 3.46918   -4.22446  0.44437   1.000 454.87669 ? 208 DT D OP2   1 
ATOM 616 O "O5'" . DT C 3 10 ? 5.54435   -3.17221  1.34676   1.000 445.88766 ? 208 DT D "O5'" 1 
ATOM 617 C "C5'" . DT C 3 10 ? 5.19417   -3.65425  2.64437   1.000 441.67818 ? 208 DT D "C5'" 1 
ATOM 618 C "C4'" . DT C 3 10 ? 5.23176   -2.54538  3.67842   1.000 431.41410 ? 208 DT D "C4'" 1 
ATOM 619 O "O4'" . DT C 3 10 ? 4.27480   -1.52227  3.30866   1.000 427.50132 ? 208 DT D "O4'" 1 
ATOM 620 C "C3'" . DT C 3 10 ? 4.84890   -2.97912  5.08815   1.000 426.75122 ? 208 DT D "C3'" 1 
ATOM 621 O "O3'" . DT C 3 10 ? 6.01543   -3.36655  5.85174   1.000 426.94996 ? 208 DT D "O3'" 1 
ATOM 622 C "C2'" . DT C 3 10 ? 4.16855   -1.74213  5.66625   1.000 417.43728 ? 208 DT D "C2'" 1 
ATOM 623 C "C1'" . DT C 3 10 ? 3.51830   -1.12177  4.43812   1.000 419.59309 ? 208 DT D "C1'" 1 
ATOM 624 N N1    . DT C 3 10 ? 2.07886   -1.50835  4.22509   1.000 421.69883 ? 208 DT D N1    1 
ATOM 625 C C2    . DT C 3 10 ? 1.09431   -0.85757  4.93415   1.000 414.70976 ? 208 DT D C2    1 
ATOM 626 O O2    . DT C 3 10 ? 1.32587   0.01131   5.75539   1.000 406.57990 ? 208 DT D O2    1 
ATOM 627 N N3    . DT C 3 10 ? -0.18207  -1.26670  4.65062   1.000 418.07547 ? 208 DT D N3    1 
ATOM 628 C C4    . DT C 3 10 ? -0.56571  -2.23399  3.74305   1.000 427.74305 ? 208 DT D C4    1 
ATOM 629 O O4    . DT C 3 10 ? -1.73988  -2.52674  3.55650   1.000 430.75732 ? 208 DT D O4    1 
ATOM 630 C C5    . DT C 3 10 ? 0.51355   -2.87423  3.02947   1.000 434.47511 ? 208 DT D C5    1 
ATOM 631 C C7    . DT C 3 10 ? 0.22200   -3.94187  2.01720   1.000 445.35506 ? 208 DT D C7    1 
ATOM 632 C C6    . DT C 3 10 ? 1.76815   -2.49047  3.30794   1.000 431.08092 ? 208 DT D C6    1 
ATOM 633 P P     . DG C 3 11 ? 7.31240   -2.41548  5.96778   1.000 407.59785 ? 209 DG D P     1 
ATOM 634 O OP1   . DG C 3 11 ? 6.94900   -1.06505  6.44439   1.000 398.89349 ? 209 DG D OP1   1 
ATOM 635 O OP2   . DG C 3 11 ? 8.09442   -2.57336  4.72586   1.000 414.56152 ? 209 DG D OP2   1 
ATOM 636 O "O5'" . DG C 3 11 ? 8.14295   -3.07015  7.15710   1.000 408.17516 ? 209 DG D "O5'" 1 
ATOM 637 C "C5'" . DG C 3 11 ? 7.97774   -4.43888  7.45814   1.000 413.50545 ? 209 DG D "C5'" 1 
ATOM 638 C "C4'" . DG C 3 11 ? 9.07567   -5.25655  6.81669   1.000 422.11042 ? 209 DG D "C4'" 1 
ATOM 639 O "O4'" . DG C 3 11 ? 8.63997   -5.72571  5.51816   1.000 428.17584 ? 209 DG D "O4'" 1 
ATOM 640 C "C3'" . DG C 3 11 ? 10.38881  -4.49637  6.57357   1.000 422.15950 ? 209 DG D "C3'" 1 
ATOM 641 O "O3'" . DG C 3 11 ? 11.48675  -5.24144  7.08010   1.000 427.12063 ? 209 DG D "O3'" 1 
ATOM 642 C "C2'" . DG C 3 11 ? 10.45585  -4.38903  5.05504   1.000 426.81256 ? 209 DG D "C2'" 1 
ATOM 643 C "C1'" . DG C 3 11 ? 9.73423   -5.65077  4.65146   1.000 433.05618 ? 209 DG D "C1'" 1 
ATOM 644 N N9    . DG C 3 11 ? 9.25554   -5.64235  3.28526   1.000 437.42339 ? 209 DG D N9    1 
ATOM 645 C C8    . DG C 3 11 ? 8.07684   -5.12928  2.82186   1.000 434.94279 ? 209 DG D C8    1 
ATOM 646 N N7    . DG C 3 11 ? 7.91973   -5.27723  1.53673   1.000 441.15753 ? 209 DG D N7    1 
ATOM 647 C C5    . DG C 3 11 ? 9.07553   -5.93130  1.13088   1.000 447.73099 ? 209 DG D C5    1 
ATOM 648 C C6    . DG C 3 11 ? 9.48112   -6.36472  -0.15087  1.000 456.18789 ? 209 DG D C6    1 
ATOM 649 O O6    . DG C 3 11 ? 8.88230   -6.24950  -1.22556  1.000 459.92365 ? 209 DG D O6    1 
ATOM 650 N N1    . DG C 3 11 ? 10.73147  -6.98743  -0.11390  1.000 460.89898 ? 209 DG D N1    1 
ATOM 651 C C2    . DG C 3 11 ? 11.48139  -7.16841  1.02714   1.000 458.22330 ? 209 DG D C2    1 
ATOM 652 N N2    . DG C 3 11 ? 12.66312  -7.78786  0.88791   1.000 464.16140 ? 209 DG D N2    1 
ATOM 653 N N3    . DG C 3 11 ? 11.10610  -6.76643  2.22332   1.000 450.67299 ? 209 DG D N3    1 
ATOM 654 C C4    . DG C 3 11 ? 9.90012   -6.16253  2.20015   1.000 445.56968 ? 209 DG D C4    1 
ATOM 655 P P     . DC C 3 12 ? 12.89866  -4.51710  7.33993   1.000 447.03244 ? 210 DC D P     1 
ATOM 656 O OP1   . DC C 3 12 ? 12.95074  -4.11253  8.76148   1.000 442.12667 ? 210 DC D OP1   1 
ATOM 657 O OP2   . DC C 3 12 ? 13.06073  -3.48392  6.29524   1.000 445.61382 ? 210 DC D OP2   1 
ATOM 658 O "O5'" . DC C 3 12 ? 13.98831  -5.67135  7.10668   1.000 456.38939 ? 210 DC D "O5'" 1 
ATOM 659 C "C5'" . DC C 3 12 ? 13.97924  -6.43236  5.90868   1.000 463.19648 ? 210 DC D "C5'" 1 
ATOM 660 C "C4'" . DC C 3 12 ? 15.32718  -6.36938  5.20092   1.000 468.87249 ? 210 DC D "C4'" 1 
ATOM 661 O "O4'" . DC C 3 12 ? 15.09115  -6.37671  3.77084   1.000 472.41040 ? 210 DC D "O4'" 1 
ATOM 662 C "C3'" . DC C 3 12 ? 16.14413  -5.10034  5.44673   1.000 464.95981 ? 210 DC D "C3'" 1 
ATOM 663 O "O3'" . DC C 3 12 ? 17.53834  -5.32625  5.11679   1.000 471.62310 ? 210 DC D "O3'" 1 
ATOM 664 C "C2'" . DC C 3 12 ? 15.49410  -4.15524  4.45735   1.000 461.31623 ? 210 DC D "C2'" 1 
ATOM 665 C "C1'" . DC C 3 12 ? 15.31108  -5.07699  3.25489   1.000 468.50302 ? 210 DC D "C1'" 1 
ATOM 666 N N1    . DC C 3 12 ? 14.16700  -4.70632  2.37713   1.000 466.55572 ? 210 DC D N1    1 
ATOM 667 C C2    . DC C 3 12 ? 14.26828  -4.92936  1.01099   1.000 472.77904 ? 210 DC D C2    1 
ATOM 668 O O2    . DC C 3 12 ? 15.30567  -5.43000  0.56755   1.000 479.30655 ? 210 DC D O2    1 
ATOM 669 N N3    . DC C 3 12 ? 13.23768  -4.58468  0.20609   1.000 471.96116 ? 210 DC D N3    1 
ATOM 670 C C4    . DC C 3 12 ? 12.13544  -4.04735  0.72815   1.000 465.09385 ? 210 DC D C4    1 
ATOM 671 N N4    . DC C 3 12 ? 11.14394  -3.72691  -0.10910  1.000 465.32516 ? 210 DC D N4    1 
ATOM 672 C C5    . DC C 3 12 ? 12.01270  -3.80285  2.12629   1.000 458.15829 ? 210 DC D C5    1 
ATOM 673 C C6    . DC C 3 12 ? 13.04316  -4.14953  2.90827   1.000 459.26893 ? 210 DC D C6    1 
ATOM 674 P P     . DT C 3 13 ? 18.65927  -4.18617  5.34795   1.000 468.46389 ? 211 DT D P     1 
ATOM 675 O OP1   . DT C 3 13 ? 19.70515  -4.76717  6.21818   1.000 473.23599 ? 211 DT D OP1   1 
ATOM 676 O OP2   . DT C 3 13 ? 18.01471  -2.91211  5.72779   1.000 460.15029 ? 211 DT D OP2   1 
ATOM 677 O "O5'" . DT C 3 13 ? 19.28884  -3.96034  3.89387   1.000 473.44558 ? 211 DT D "O5'" 1 
ATOM 678 C "C5'" . DT C 3 13 ? 19.89430  -5.04825  3.20879   1.000 481.86179 ? 211 DT D "C5'" 1 
ATOM 679 C "C4'" . DT C 3 13 ? 20.31374  -4.65409  1.80041   1.000 485.63603 ? 211 DT D "C4'" 1 
ATOM 680 O "O4'" . DT C 3 13 ? 19.14541  -4.34143  1.00196   1.000 482.46516 ? 211 DT D "O4'" 1 
ATOM 681 C "C3'" . DT C 3 13 ? 21.22416  -3.43354  1.70443   1.000 484.85194 ? 211 DT D "C3'" 1 
ATOM 682 O "O3'" . DT C 3 13 ? 22.20920  -3.65941  0.70899   1.000 492.44801 ? 211 DT D "O3'" 1 
ATOM 683 C "C2'" . DT C 3 13 ? 20.26386  -2.32424  1.29085   1.000 478.14132 ? 211 DT D "C2'" 1 
ATOM 684 C "C1'" . DT C 3 13 ? 19.32617  -3.09017  0.38129   1.000 480.10839 ? 211 DT D "C1'" 1 
ATOM 685 N N1    . DT C 3 13 ? 18.00623  -2.47390  0.23836   1.000 473.64020 ? 211 DT D N1    1 
ATOM 686 C C2    . DT C 3 13 ? 17.51194  -2.23992  -1.01742  1.000 475.53777 ? 211 DT D C2    1 
ATOM 687 O O2    . DT C 3 13 ? 18.12210  -2.50739  -2.03855  1.000 482.21600 ? 211 DT D O2    1 
ATOM 688 N N3    . DT C 3 13 ? 16.26781  -1.67749  -1.03551  1.000 469.73023 ? 211 DT D N3    1 
ATOM 689 C C4    . DT C 3 13 ? 15.48626  -1.33660  0.04948   1.000 462.08349 ? 211 DT D C4    1 
ATOM 690 O O4    . DT C 3 13 ? 14.37944  -0.83140  -0.06823  1.000 457.52407 ? 211 DT D O4    1 
ATOM 691 C C5    . DT C 3 13 ? 16.06164  -1.61170  1.33389   1.000 460.31399 ? 211 DT D C5    1 
ATOM 692 C C7    . DT C 3 13 ? 15.30025  -1.27503  2.57969   1.000 452.47693 ? 211 DT D C7    1 
ATOM 693 C C6    . DT C 3 13 ? 17.28042  -2.16421  1.36999   1.000 466.30092 ? 211 DT D C6    1 
ATOM 694 P P     . DG D 4 1  ? 15.15974  5.82266   -6.29388  1.000 495.95334 ? 104 DG X P     1 
ATOM 695 O OP1   . DG D 4 1  ? 15.06909  5.10918   -4.99870  1.000 497.47358 ? 104 DG X OP1   1 
ATOM 696 O OP2   . DG D 4 1  ? 15.93862  5.21223   -7.39307  1.000 496.26194 ? 104 DG X OP2   1 
ATOM 697 O "O5'" . DG D 4 1  ? 13.69523  6.26387   -6.80052  1.000 492.86729 ? 104 DG X "O5'" 1 
ATOM 698 C "C5'" . DG D 4 1  ? 13.36195  6.23429   -8.19566  1.000 491.32853 ? 104 DG X "C5'" 1 
ATOM 699 C "C4'" . DG D 4 1  ? 12.86383  4.85557   -8.60521  1.000 490.78853 ? 104 DG X "C4'" 1 
ATOM 700 O "O4'" . DG D 4 1  ? 13.52162  3.86225   -7.78499  1.000 492.68263 ? 104 DG X "O4'" 1 
ATOM 701 C "C3'" . DG D 4 1  ? 11.35414  4.63087   -8.45972  1.000 488.45564 ? 104 DG X "C3'" 1 
ATOM 702 O "O3'" . DG D 4 1  ? 10.77102  4.10793   -9.71448  1.000 487.32820 ? 104 DG X "O3'" 1 
ATOM 703 C "C2'" . DG D 4 1  ? 11.21216  3.69919   -7.25169  1.000 489.12051 ? 104 DG X "C2'" 1 
ATOM 704 C "C1'" . DG D 4 1  ? 12.58734  3.03907   -7.13633  1.000 491.89363 ? 104 DG X "C1'" 1 
ATOM 705 N N9    . DG D 4 1  ? 13.01748  2.83369   -5.75403  1.000 493.84469 ? 104 DG X N9    1 
ATOM 706 C C8    . DG D 4 1  ? 12.25273  3.02871   -4.63127  1.000 493.35093 ? 104 DG X C8    1 
ATOM 707 N N7    . DG D 4 1  ? 12.87558  2.76593   -3.52349  1.000 495.97168 ? 104 DG X N7    1 
ATOM 708 C C5    . DG D 4 1  ? 14.13785  2.36319   -3.92765  1.000 498.18612 ? 104 DG X C5    1 
ATOM 709 C C6    . DG D 4 1  ? 15.23354  1.95433   -3.15229  1.000 501.57803 ? 104 DG X C6    1 
ATOM 710 O O6    . DG D 4 1  ? 15.29495  1.86266   -1.92385  1.000 503.79878 ? 104 DG X O6    1 
ATOM 711 N N1    . DG D 4 1  ? 16.33357  1.62361   -3.93823  1.000 502.43261 ? 104 DG X N1    1 
ATOM 712 C C2    . DG D 4 1  ? 16.36813  1.68460   -5.31081  1.000 500.40951 ? 104 DG X C2    1 
ATOM 713 N N2    . DG D 4 1  ? 17.52493  1.32302   -5.88994  1.000 501.34032 ? 104 DG X N2    1 
ATOM 714 N N3    . DG D 4 1  ? 15.33709  2.06880   -6.06270  1.000 497.72890 ? 104 DG X N3    1 
ATOM 715 C C4    . DG D 4 1  ? 14.25220  2.39011   -5.30070  1.000 496.69830 ? 104 DG X C4    1 
ATOM 716 P P     . DA D 4 2  ? 10.33277  2.56770   -9.92920  1.000 537.73165 ? 105 DA X P     1 
ATOM 717 O OP1   . DA D 4 2  ? 9.98488   2.43171   -11.36116 1.000 536.17214 ? 105 DA X OP1   1 
ATOM 718 O OP2   . DA D 4 2  ? 9.29545   2.19831   -8.93980  1.000 536.55914 ? 105 DA X OP2   1 
ATOM 719 O "O5'" . DA D 4 2  ? 11.68156  1.72861   -9.69347  1.000 539.12323 ? 105 DA X "O5'" 1 
ATOM 720 C "C5'" . DA D 4 2  ? 12.07004  0.68073   -10.60917 1.000 539.43698 ? 105 DA X "C5'" 1 
ATOM 721 C "C4'" . DA D 4 2  ? 13.55603  0.35816   -10.47180 1.000 542.22353 ? 105 DA X "C4'" 1 
ATOM 722 O "O4'" . DA D 4 2  ? 13.96017  0.56315   -9.09329  1.000 546.64030 ? 105 DA X "O4'" 1 
ATOM 723 C "C3'" . DA D 4 2  ? 13.94535  -1.08821  -10.73474 1.000 542.84601 ? 105 DA X "C3'" 1 
ATOM 724 O "O3'" . DA D 4 2  ? 15.39007  -1.15552  -10.86874 1.000 545.48738 ? 105 DA X "O3'" 1 
ATOM 725 C "C2'" . DA D 4 2  ? 13.49571  -1.70456  -9.41799  1.000 545.73746 ? 105 DA X "C2'" 1 
ATOM 726 C "C1'" . DA D 4 2  ? 14.14747  -0.70674  -8.47502  1.000 550.13670 ? 105 DA X "C1'" 1 
ATOM 727 N N9    . DA D 4 2  ? 13.60185  -0.63553  -7.11727  1.000 506.39315 ? 105 DA X N9    1 
ATOM 728 C C8    . DA D 4 2  ? 12.34976  -0.22141  -6.74509  1.000 504.54637 ? 105 DA X C8    1 
ATOM 729 N N7    . DA D 4 2  ? 12.16166  -0.20370  -5.44549  1.000 505.30620 ? 105 DA X N7    1 
ATOM 730 C C5    . DA D 4 2  ? 13.37482  -0.63067  -4.92900  1.000 508.28929 ? 105 DA X C5    1 
ATOM 731 C C6    . DA D 4 2  ? 13.82344  -0.83062  -3.61332  1.000 510.98487 ? 105 DA X C6    1 
ATOM 732 N N6    . DA D 4 2  ? 13.05810  -0.61587  -2.54208  1.000 510.90411 ? 105 DA X N6    1 
ATOM 733 N N1    . DA D 4 2  ? 15.09367  -1.25547  -3.44074  1.000 514.16969 ? 105 DA X N1    1 
ATOM 734 C C2    . DA D 4 2  ? 15.85668  -1.46937  -4.51603  1.000 513.52395 ? 105 DA X C2    1 
ATOM 735 N N3    . DA D 4 2  ? 15.54841  -1.31361  -5.80207  1.000 510.97676 ? 105 DA X N3    1 
ATOM 736 C C4    . DA D 4 2  ? 14.27844  -0.88878  -5.94183  1.000 508.73245 ? 105 DA X C4    1 
ATOM 737 P P     . DG D 4 3  ? 16.13549  -2.44340  -11.48862 1.000 509.71111 ? 106 DG X P     1 
ATOM 738 O OP1   . DG D 4 3  ? 17.13880  -1.94380  -12.45577 1.000 509.68994 ? 106 DG X OP1   1 
ATOM 739 O OP2   . DG D 4 3  ? 15.09973  -3.39981  -11.92971 1.000 511.17703 ? 106 DG X OP2   1 
ATOM 740 O "O5'" . DG D 4 3  ? 16.91977  -3.09870  -10.24373 1.000 515.47479 ? 106 DG X "O5'" 1 
ATOM 741 C "C5'" . DG D 4 3  ? 16.18726  -3.77164  -9.20233  1.000 522.49187 ? 106 DG X "C5'" 1 
ATOM 742 C "C4'" . DG D 4 3  ? 17.00205  -4.87945  -8.54180  1.000 536.18163 ? 106 DG X "C4'" 1 
ATOM 743 O "O4'" . DG D 4 3  ? 16.67913  -4.90741  -7.12745  1.000 538.37514 ? 106 DG X "O4'" 1 
ATOM 744 C "C3'" . DG D 4 3  ? 16.65569  -6.28869  -8.99495  1.000 548.34994 ? 106 DG X "C3'" 1 
ATOM 745 O "O3'" . DG D 4 3  ? 17.65488  -7.21806  -8.48572  1.000 560.79864 ? 106 DG X "O3'" 1 
ATOM 746 C "C2'" . DG D 4 3  ? 15.32363  -6.45861  -8.28497  1.000 548.17563 ? 106 DG X "C2'" 1 
ATOM 747 C "C1'" . DG D 4 3  ? 15.68449  -5.90455  -6.90459  1.000 546.13652 ? 106 DG X "C1'" 1 
ATOM 748 N N9    . DG D 4 3  ? 14.56476  -5.29357  -6.18538  1.000 538.38409 ? 106 DG X N9    1 
ATOM 749 C C8    . DG D 4 3  ? 13.33740  -4.92671  -6.68880  1.000 530.52881 ? 106 DG X C8    1 
ATOM 750 N N7    . DG D 4 3  ? 12.55114  -4.38774  -5.79252  1.000 524.29795 ? 106 DG X N7    1 
ATOM 751 C C5    . DG D 4 3  ? 13.30666  -4.39650  -4.63007  1.000 532.97407 ? 106 DG X C5    1 
ATOM 752 C C6    . DG D 4 3  ? 12.99601  -3.94411  -3.32825  1.000 539.79724 ? 106 DG X C6    1 
ATOM 753 O O6    . DG D 4 3  ? 11.94500  -3.42585  -2.92068  1.000 528.56419 ? 106 DG X O6    1 
ATOM 754 N N1    . DG D 4 3  ? 14.05143  -4.14514  -2.44984  1.000 562.83284 ? 106 DG X N1    1 
ATOM 755 C C2    . DG D 4 3  ? 15.25928  -4.70884  -2.78669  1.000 575.10707 ? 106 DG X C2    1 
ATOM 756 N N2    . DG D 4 3  ? 16.14870  -4.82637  -1.80149  1.000 597.12376 ? 106 DG X N2    1 
ATOM 757 N N3    . DG D 4 3  ? 15.56195  -5.13971  -3.99146  1.000 569.21494 ? 106 DG X N3    1 
ATOM 758 C C4    . DG D 4 3  ? 14.54995  -4.95269  -4.85998  1.000 548.80607 ? 106 DG X C4    1 
ATOM 759 P P     . DC D 4 4  ? 17.39275  -8.81085  -8.40466  1.000 553.37469 ? 107 DC X P     1 
ATOM 760 O OP1   . DC D 4 4  ? 18.66254  -9.44792  -7.98655  1.000 563.51374 ? 107 DC X OP1   1 
ATOM 761 O OP2   . DC D 4 4  ? 16.75757  -9.24451  -9.67058  1.000 553.46233 ? 107 DC X OP2   1 
ATOM 762 O "O5'" . DC D 4 4  ? 16.37424  -8.98540  -7.17755  1.000 555.10559 ? 107 DC X "O5'" 1 
ATOM 763 C "C5'" . DC D 4 4  ? 16.17737  -10.25427 -6.58524  1.000 568.62340 ? 107 DC X "C5'" 1 
ATOM 764 C "C4'" . DC D 4 4  ? 16.55593  -10.23542 -5.11464  1.000 572.09062 ? 107 DC X "C4'" 1 
ATOM 765 O "O4'" . DC D 4 4  ? 15.90524  -9.12090  -4.44264  1.000 559.95153 ? 107 DC X "O4'" 1 
ATOM 766 C "C3'" . DC D 4 4  ? 16.14875  -11.47880 -4.35073  1.000 585.14489 ? 107 DC X "C3'" 1 
ATOM 767 O "O3'" . DC D 4 4  ? 17.11480  -11.77783 -3.38284  1.000 592.46830 ? 107 DC X "O3'" 1 
ATOM 768 C "C2'" . DC D 4 4  ? 14.81864  -11.08020 -3.72251  1.000 582.33561 ? 107 DC X "C2'" 1 
ATOM 769 C "C1'" . DC D 4 4  ? 15.00580  -9.59414  -3.45454  1.000 571.85831 ? 107 DC X "C1'" 1 
ATOM 770 N N1    . DC D 4 4  ? 13.72272  -8.78884  -3.55223  1.000 561.24671 ? 107 DC X N1    1 
ATOM 771 C C2    . DC D 4 4  ? 13.34060  -7.93221  -2.50621  1.000 567.15586 ? 107 DC X C2    1 
ATOM 772 O O2    . DC D 4 4  ? 14.02076  -7.86872  -1.48440  1.000 546.78188 ? 107 DC X O2    1 
ATOM 773 N N3    . DC D 4 4  ? 12.18683  -7.22776  -2.61652  1.000 555.38332 ? 107 DC X N3    1 
ATOM 774 C C4    . DC D 4 4  ? 11.44833  -7.31890  -3.72150  1.000 527.73175 ? 107 DC X C4    1 
ATOM 775 N N4    . DC D 4 4  ? 10.32513  -6.59257  -3.78258  1.000 521.73387 ? 107 DC X N4    1 
ATOM 776 C C5    . DC D 4 4  ? 11.82014  -8.17107  -4.80247  1.000 536.14532 ? 107 DC X C5    1 
ATOM 777 C C6    . DC D 4 4  ? 12.95376  -8.87786  -4.67754  1.000 547.56783 ? 107 DC X C6    1 
ATOM 778 P P     . DT D 4 5  ? 17.52537  -13.30339 -3.12502  1.000 597.93096 ? 108 DT X P     1 
ATOM 779 O OP1   . DT D 4 5  ? 18.84341  -13.27501 -2.45566  1.000 601.55002 ? 108 DT X OP1   1 
ATOM 780 O OP2   . DT D 4 5  ? 17.36857  -14.02974 -4.40771  1.000 595.84723 ? 108 DT X OP2   1 
ATOM 781 O "O5'" . DT D 4 5  ? 16.39714  -13.82238 -2.10978  1.000 588.91392 ? 108 DT X "O5'" 1 
ATOM 782 C "C5'" . DT D 4 5  ? 16.76352  -14.35545 -0.83716  1.000 594.59320 ? 108 DT X "C5'" 1 
ATOM 783 C "C4'" . DT D 4 5  ? 16.02280  -13.64509 0.28587   1.000 589.06729 ? 108 DT X "C4'" 1 
ATOM 784 O "O4'" . DT D 4 5  ? 15.28336  -12.54746 -0.26751  1.000 581.22182 ? 108 DT X "O4'" 1 
ATOM 785 C "C3'" . DT D 4 5  ? 14.99649  -14.49777 1.01989   1.000 579.85771 ? 108 DT X "C3'" 1 
ATOM 786 O "O3'" . DT D 4 5  ? 15.59402  -15.09721 2.17469   1.000 588.03015 ? 108 DT X "O3'" 1 
ATOM 787 C "C2'" . DT D 4 5  ? 13.89567  -13.50349 1.41530   1.000 571.24970 ? 108 DT X "C2'" 1 
ATOM 788 C "C1'" . DT D 4 5  ? 14.15879  -12.27614 0.53199   1.000 572.26497 ? 108 DT X "C1'" 1 
ATOM 789 N N1    . DT D 4 5  ? 13.03908  -11.93809 -0.37354  1.000 559.60399 ? 108 DT X N1    1 
ATOM 790 C C2    . DT D 4 5  ? 12.14517  -10.96340 -0.00054  1.000 562.58583 ? 108 DT X C2    1 
ATOM 791 O O2    . DT D 4 5  ? 12.21614  -10.36513 1.05666   1.000 574.04829 ? 108 DT X O2    1 
ATOM 792 N N3    . DT D 4 5  ? 11.15478  -10.71673 -0.91400  1.000 546.98746 ? 108 DT X N3    1 
ATOM 793 C C4    . DT D 4 5  ? 10.98271  -11.33745 -2.14400  1.000 537.45410 ? 108 DT X C4    1 
ATOM 794 O O4    . DT D 4 5  ? 10.06506  -11.05026 -2.90239  1.000 527.90953 ? 108 DT X O4    1 
ATOM 795 C C5    . DT D 4 5  ? 11.96228  -12.34604 -2.47387  1.000 545.11850 ? 108 DT X C5    1 
ATOM 796 C C7    . DT D 4 5  ? 11.87567  -13.08634 -3.78005  1.000 541.71597 ? 108 DT X C7    1 
ATOM 797 C C6    . DT D 4 5  ? 12.92946  -12.59637 -1.57960  1.000 555.76550 ? 108 DT X C6    1 
ATOM 798 P P     . DG D 4 6  ? 16.02152  -16.64788 2.15654   1.000 589.62708 ? 109 DG X P     1 
ATOM 799 O OP1   . DG D 4 6  ? 17.17238  -16.83093 3.06560   1.000 603.43426 ? 109 DG X OP1   1 
ATOM 800 O OP2   . DG D 4 6  ? 16.12685  -17.06894 0.74434   1.000 588.50373 ? 109 DG X OP2   1 
ATOM 801 O "O5'" . DG D 4 6  ? 14.76761  -17.40591 2.78179   1.000 578.13911 ? 109 DG X "O5'" 1 
ATOM 802 C "C5'" . DG D 4 6  ? 13.57758  -17.54265 2.03003   1.000 564.46593 ? 109 DG X "C5'" 1 
ATOM 803 C "C4'" . DG D 4 6  ? 12.37523  -17.32046 2.91688   1.000 553.70542 ? 109 DG X "C4'" 1 
ATOM 804 O "O4'" . DG D 4 6  ? 11.62384  -16.18016 2.44792   1.000 545.18103 ? 109 DG X "O4'" 1 
ATOM 805 C "C3'" . DG D 4 6  ? 11.37237  -18.44708 2.92429   1.000 543.72696 ? 109 DG X "C3'" 1 
ATOM 806 O "O3'" . DG D 4 6  ? 10.58827  -18.32129 4.06907   1.000 537.93119 ? 109 DG X "O3'" 1 
ATOM 807 C "C2'" . DG D 4 6  ? 10.56244  -18.12780 1.68271   1.000 533.00115 ? 109 DG X "C2'" 1 
ATOM 808 C "C1'" . DG D 4 6  ? 10.42049  -16.62839 1.85000   1.000 531.82209 ? 109 DG X "C1'" 1 
ATOM 809 N N9    . DG D 4 6  ? 10.26865  -15.90168 0.61523   1.000 528.21561 ? 109 DG X N9    1 
ATOM 810 C C8    . DG D 4 6  ? 11.24454  -15.63277 -0.30605  1.000 536.45476 ? 109 DG X C8    1 
ATOM 811 N N7    . DG D 4 6  ? 10.82395  -14.91673 -1.30503  1.000 530.87665 ? 109 DG X N7    1 
ATOM 812 C C5    . DG D 4 6  ? 9.49064   -14.68005 -1.01378  1.000 518.33110 ? 109 DG X C5    1 
ATOM 813 C C6    . DG D 4 6  ? 8.51599   -13.95324 -1.73306  1.000 508.24808 ? 109 DG X C6    1 
ATOM 814 O O6    . DG D 4 6  ? 8.64273   -13.36291 -2.81635  1.000 508.35301 ? 109 DG X O6    1 
ATOM 815 N N1    . DG D 4 6  ? 7.28545   -13.96860 -1.08600  1.000 497.46814 ? 109 DG X N1    1 
ATOM 816 C C2    . DG D 4 6  ? 7.03446   -14.59792 0.11313   1.000 496.51358 ? 109 DG X C2    1 
ATOM 817 N N2    . DG D 4 6  ? 5.78809   -14.49697 0.58676   1.000 485.58580 ? 109 DG X N2    1 
ATOM 818 N N3    . DG D 4 6  ? 7.94136   -15.27943 0.79582   1.000 505.94492 ? 109 DG X N3    1 
ATOM 819 C C4    . DG D 4 6  ? 9.13928   -15.27499 0.17394   1.000 516.54167 ? 109 DG X C4    1 
ATOM 820 P P     . DT D 4 7  ? 9.77570   -19.58198 4.62024   1.000 536.45759 ? 110 DT X P     1 
ATOM 821 O OP1   . DT D 4 7  ? 9.81705   -19.52479 6.09777   1.000 540.09645 ? 110 DT X OP1   1 
ATOM 822 O OP2   . DT D 4 7  ? 10.26414  -20.77046 3.88177   1.000 540.81229 ? 110 DT X OP2   1 
ATOM 823 O "O5'" . DT D 4 7  ? 8.28929   -19.31117 4.13077   1.000 520.10135 ? 110 DT X "O5'" 1 
ATOM 824 C "C5'" . DT D 4 7  ? 7.83798   -19.93246 2.96986   1.000 513.35065 ? 110 DT X "C5'" 1 
ATOM 825 C "C4'" . DT D 4 7  ? 6.34327   -19.85357 2.87862   1.000 497.86723 ? 110 DT X "C4'" 1 
ATOM 826 O "O4'" . DT D 4 7  ? 6.00542   -18.74080 2.02285   1.000 492.80434 ? 110 DT X "O4'" 1 
ATOM 827 C "C3'" . DT D 4 7  ? 5.71552   -21.05858 2.21400   1.000 490.62257 ? 110 DT X "C3'" 1 
ATOM 828 O "O3'" . DT D 4 7  ? 4.32909   -21.12341 2.52793   1.000 476.98909 ? 110 DT X "O3'" 1 
ATOM 829 C "C2'" . DT D 4 7  ? 5.94308   -20.71744 0.75815   1.000 490.35220 ? 110 DT X "C2'" 1 
ATOM 830 C "C1'" . DT D 4 7  ? 5.59253   -19.23553 0.77059   1.000 486.39135 ? 110 DT X "C1'" 1 
ATOM 831 N N1    . DT D 4 7  ? 6.26255   -18.47189 -0.28292  1.000 491.41461 ? 110 DT X N1    1 
ATOM 832 C C2    . DT D 4 7  ? 5.54888   -17.52370 -0.96516  1.000 483.38868 ? 110 DT X C2    1 
ATOM 833 O O2    . DT D 4 7  ? 4.38219   -17.27717 -0.72881  1.000 472.37140 ? 110 DT X O2    1 
ATOM 834 N N3    . DT D 4 7  ? 6.25242   -16.86813 -1.93896  1.000 489.12019 ? 110 DT X N3    1 
ATOM 835 C C4    . DT D 4 7  ? 7.57471   -17.06933 -2.28598  1.000 501.72587 ? 110 DT X C4    1 
ATOM 836 O O4    . DT D 4 7  ? 8.12419   -16.43048 -3.17780  1.000 506.13061 ? 110 DT X O4    1 
ATOM 837 C C5    . DT D 4 7  ? 8.26489   -18.08675 -1.52797  1.000 509.75807 ? 110 DT X C5    1 
ATOM 838 C C7    . DT D 4 7  ? 9.70196   -18.39514 -1.81669  1.000 524.14381 ? 110 DT X C7    1 
ATOM 839 C C6    . DT D 4 7  ? 7.58211   -18.73391 -0.57523  1.000 504.33923 ? 110 DT X C6    1 
ATOM 840 P P     . DG D 4 8  ? 3.79914   -22.16105 3.63687   1.000 505.94543 ? 111 DG X P     1 
ATOM 841 O OP1   . DG D 4 8  ? 3.77805   -21.46532 4.93967   1.000 520.38266 ? 111 DG X OP1   1 
ATOM 842 O OP2   . DG D 4 8  ? 4.54057   -23.43375 3.48383   1.000 493.65486 ? 111 DG X OP2   1 
ATOM 843 O "O5'" . DG D 4 8  ? 2.28906   -22.42867 3.21529   1.000 487.43396 ? 111 DG X "O5'" 1 
ATOM 844 C "C5'" . DG D 4 8  ? 2.00135   -22.82539 1.90578   1.000 469.67407 ? 111 DG X "C5'" 1 
ATOM 845 C "C4'" . DG D 4 8  ? 1.06579   -21.83953 1.24587   1.000 468.56976 ? 111 DG X "C4'" 1 
ATOM 846 O "O4'" . DG D 4 8  ? 1.75902   -20.59438 0.97131   1.000 489.68241 ? 111 DG X "O4'" 1 
ATOM 847 C "C3'" . DG D 4 8  ? 0.55409   -22.27614 -0.10030  1.000 446.92781 ? 111 DG X "C3'" 1 
ATOM 848 O "O3'" . DG D 4 8  ? -0.54297  -23.15941 0.06159   1.000 435.23178 ? 111 DG X "O3'" 1 
ATOM 849 C "C2'" . DG D 4 8  ? 0.12145   -20.94607 -0.67895  1.000 455.74280 ? 111 DG X "C2'" 1 
ATOM 850 C "C1'" . DG D 4 8  ? 1.23311   -20.02116 -0.21846  1.000 481.18460 ? 111 DG X "C1'" 1 
ATOM 851 N N9    . DG D 4 8  ? 2.31574   -19.89745 -1.18369  1.000 482.60402 ? 111 DG X N9    1 
ATOM 852 C C8    . DG D 4 8  ? 3.46775   -20.63277 -1.20225  1.000 484.11302 ? 111 DG X C8    1 
ATOM 853 N N7    . DG D 4 8  ? 4.28063   -20.31181 -2.16245  1.000 485.02501 ? 111 DG X N7    1 
ATOM 854 C C5    . DG D 4 8  ? 3.61493   -19.30813 -2.84892  1.000 482.85425 ? 111 DG X C5    1 
ATOM 855 C C6    . DG D 4 8  ? 4.01389   -18.58041 -3.98861  1.000 480.87774 ? 111 DG X C6    1 
ATOM 856 O O6    . DG D 4 8  ? 5.05746   -18.70146 -4.63933  1.000 484.81507 ? 111 DG X O6    1 
ATOM 857 N N1    . DG D 4 8  ? 3.05240   -17.65242 -4.37682  1.000 475.83386 ? 111 DG X N1    1 
ATOM 858 C C2    . DG D 4 8  ? 1.85380   -17.44324 -3.73622  1.000 473.73829 ? 111 DG X C2    1 
ATOM 859 N N2    . DG D 4 8  ? 1.05961   -16.49072 -4.26305  1.000 463.80981 ? 111 DG X N2    1 
ATOM 860 N N3    . DG D 4 8  ? 1.46496   -18.11676 -2.64851  1.000 477.70367 ? 111 DG X N3    1 
ATOM 861 C C4    . DG D 4 8  ? 2.39808   -19.03453 -2.26383  1.000 481.43338 ? 111 DG X C4    1 
# 
loop_
_atom_site_anisotrop.id 
_atom_site_anisotrop.type_symbol 
_atom_site_anisotrop.pdbx_label_atom_id 
_atom_site_anisotrop.pdbx_label_alt_id 
_atom_site_anisotrop.pdbx_label_comp_id 
_atom_site_anisotrop.pdbx_label_asym_id 
_atom_site_anisotrop.pdbx_label_seq_id 
_atom_site_anisotrop.pdbx_PDB_ins_code 
_atom_site_anisotrop.U[1][1] 
_atom_site_anisotrop.U[2][2] 
_atom_site_anisotrop.U[3][3] 
_atom_site_anisotrop.U[1][2] 
_atom_site_anisotrop.U[1][3] 
_atom_site_anisotrop.U[2][3] 
_atom_site_anisotrop.pdbx_auth_seq_id 
_atom_site_anisotrop.pdbx_auth_comp_id 
_atom_site_anisotrop.pdbx_auth_asym_id 
_atom_site_anisotrop.pdbx_auth_atom_id 
1   P P     . DA A 1  ? 7.11396  6.05562 5.54683 -2.88703 -2.76609 1.96170  112 DA A P     
2   O OP1   . DA A 1  ? 7.21078  6.07050 5.70457 -2.80997 -2.83815 1.90409  112 DA A OP1   
3   O OP2   . DA A 1  ? 7.19494  5.98307 5.43823 -2.92519 -2.76291 1.93583  112 DA A OP2   
4   O "O5'" . DA A 1  ? 6.85344  6.32940 5.57541 -2.89025 -2.67392 1.99011  112 DA A "O5'" 
5   C "C5'" . DA A 1  ? 6.73872  6.49354 5.70868 -2.82598 -2.67297 1.96027  112 DA A "C5'" 
6   C "C4'" . DA A 1  ? 6.55741  6.60318 5.66189 -2.79775 -2.64309 1.90254  112 DA A "C4'" 
7   O "O4'" . DA A 1  ? 6.36773  6.77235 5.59011 -2.82459 -2.54055 1.93135  112 DA A "O4'" 
8   C "C3'" . DA A 1  ? 6.66405  6.49926 5.59034 -2.81023 -2.68386 1.85546  112 DA A "C3'" 
9   O "O3'" . DA A 1  ? 6.76951  6.37514 5.64383 -2.74871 -2.77781 1.79168  112 DA A "O3'" 
10  C "C2'" . DA A 1  ? 6.48296  6.71101 5.56398 -2.81053 -2.60995 1.82980  112 DA A "C2'" 
11  C "C1'" . DA A 1  ? 6.26907  6.86103 5.54618 -2.81107 -2.51712 1.87471  112 DA A "C1'" 
12  N N9    . DA A 1  ? 6.18120  6.99518 5.45443 -2.85872 -2.42355 1.89419  112 DA A N9    
13  C C8    . DA A 1  ? 6.24157  6.89944 5.34376 -2.91257 -2.39373 1.91760  112 DA A C8    
14  N N7    . DA A 1  ? 6.01147  6.97479 5.21379 -2.86107 -2.26443 1.83481  112 DA A N7    
15  C C5    . DA A 1  ? 5.89803  7.21668 5.29911 -2.83566 -2.23986 1.82395  112 DA A C5    
16  C C6    . DA A 1  ? 5.66923  7.39805 5.24185 -2.77567 -2.12451 1.74487  112 DA A C6    
17  N N6    . DA A 1  ? 5.50300  7.36521 5.08511 -2.72796 -2.01129 1.65491  112 DA A N6    
18  N N1    . DA A 1  ? 5.62938  7.61924 5.36569 -2.76510 -2.13369 1.75917  112 DA A N1    
19  C C2    . DA A 1  ? 5.71251  7.56439 5.48718 -2.75019 -2.22515 1.77878  112 DA A C2    
20  N N3    . DA A 1  ? 5.86947  7.36067 5.52499 -2.76466 -2.32194 1.80895  112 DA A N3    
21  C C4    . DA A 1  ? 5.99767  7.22673 5.44703 -2.83386 -2.33639 1.86003  112 DA A C4    
22  P P     . DC A 2  ? 6.98495  6.84148 6.10005 -2.66489 -2.79994 1.72743  113 DC A P     
23  O OP1   . DC A 2  ? 6.82881  6.90932 6.14687 -2.64777 -2.76433 1.75676  113 DC A OP1   
24  O OP2   . DC A 2  ? 7.16577  6.70835 6.14307 -2.61248 -2.89788 1.66255  113 DC A OP2   
25  O "O5'" . DC A 2  ? 6.86709  7.04450 6.10785 -2.66047 -2.74949 1.69286  113 DC A "O5'" 
26  C "C5'" . DC A 2  ? 6.65061  7.24527 6.16638 -2.62348 -2.68898 1.67547  113 DC A "C5'" 
27  C "C4'" . DC A 2  ? 6.57088  7.41283 6.16149 -2.62183 -2.64366 1.63754  113 DC A "C4'" 
28  O "O4'" . DC A 2  ? 6.46981  7.51204 6.06825 -2.67622 -2.54568 1.68384  113 DC A "O4'" 
29  C "C3'" . DC A 2  ? 6.74473  7.34155 6.14962 -2.63252 -2.70611 1.60152  113 DC A "C3'" 
30  O "O3'" . DC A 2  ? 6.78326  7.34675 6.25128 -2.55814 -2.77976 1.52821  113 DC A "O3'" 
31  C "C2'" . DC A 2  ? 6.64080  7.51535 6.10138 -2.66921 -2.62296 1.59870  113 DC A "C2'" 
32  C "C1'" . DC A 2  ? 6.45299  7.62801 6.04968 -2.68787 -2.51678 1.64564  113 DC A "C1'" 
33  N N1    . DC A 2  ? 6.43349  7.62235 5.91647 -2.74514 -2.44090 1.66831  113 DC A N1    
34  C C2    . DC A 2  ? 6.18195  7.75015 5.82185 -2.68889 -2.30827 1.58365  113 DC A C2    
35  O O2    . DC A 2  ? 6.09216  7.95688 5.91472 -2.66584 -2.29083 1.57069  113 DC A O2    
36  N N3    . DC A 2  ? 6.05310  7.64558 5.64259 -2.65957 -2.20499 1.51413  113 DC A N3    
37  C C4    . DC A 2  ? 6.16483  7.42139 5.55474 -2.68787 -2.22760 1.53141  113 DC A C4    
38  N N4    . DC A 2  ? 6.03404  7.32894 5.39219 -2.65821 -2.12556 1.45698  113 DC A N4    
39  C C5    . DC A 2  ? 6.42673  7.28199 5.64132 -2.74489 -2.35857 1.61961  113 DC A C5    
40  C C6    . DC A 2  ? 6.55264  7.39031 5.82259 -2.76993 -2.46254 1.68302  113 DC A C6    
41  P P     . DG A 3  ? 6.94269  7.05922 6.17249 -2.52949 -2.89430 1.49277  114 DG A P     
42  O OP1   . DG A 3  ? 6.97316  6.95122 6.21027 -2.49148 -2.93713 1.48990  114 DG A OP1   
43  O OP2   . DG A 3  ? 7.10846  6.94448 6.07514 -2.59653 -2.89829 1.52633  114 DG A OP2   
44  O "O5'" . DG A 3  ? 6.94072  7.16366 6.26251 -2.46047 -2.94052 1.40823  114 DG A "O5'" 
45  C "C5'" . DG A 3  ? 7.01043  7.20616 6.24169 -2.48124 -2.94675 1.39138  114 DG A "C5'" 
46  C "C4'" . DG A 3  ? 6.79256  7.44056 6.27350 -2.48802 -2.86335 1.37956  114 DG A "C4'" 
47  O "O4'" . DG A 3  ? 6.68484  7.50074 6.18440 -2.56186 -2.76288 1.44292  114 DG A "O4'" 
48  C "C3'" . DG A 3  ? 6.83738  7.52494 6.29763 -2.48645 -2.88151 1.33885  114 DG A "C3'" 
49  O "O3'" . DG A 3  ? 6.62393  7.73832 6.37405 -2.44782 -2.82440 1.29511  114 DG A "O3'" 
50  C "C2'" . DG A 3  ? 6.80225  7.46117 6.13905 -2.53497 -2.79610 1.34605  114 DG A "C2'" 
51  C "C1'" . DG A 3  ? 6.62515  7.57735 6.12212 -2.57553 -2.70421 1.40638  114 DG A "C1'" 
52  N N9    . DG A 3  ? 6.50023  7.45333 5.92507 -2.57451 -2.59098 1.37951  114 DG A N9    
53  C C8    . DG A 3  ? 6.63447  7.23251 5.82682 -2.60331 -2.60956 1.40690  114 DG A C8    
54  N N7    . DG A 3  ? 6.46565  7.17917 5.66636 -2.59569 -2.48907 1.37087  114 DG A N7    
55  C C5    . DG A 3  ? 6.21096  7.37984 5.66043 -2.55583 -2.38653 1.31440  114 DG A C5    
56  C C6    . DG A 3  ? 5.96402  7.43222 5.53335 -2.52378 -2.24177 1.24943  114 DG A C6    
57  O O6    . DG A 3  ? 5.90952  7.31186 5.39776 -2.52740 -2.17385 1.22911  114 DG A O6    
58  N N1    . DG A 3  ? 5.78123  7.65097 5.58800 -2.48057 -2.17804 1.20064  114 DG A N1    
59  C C2    . DG A 3  ? 5.82472  7.79810 5.74482 -2.47416 -2.24370 1.21565  114 DG A C2    
60  N N2    . DG A 3  ? 5.63953  7.99540 5.78105 -2.42997 -2.16410 1.16127  114 DG A N2    
61  N N3    . DG A 3  ? 6.04644  7.75624 5.86853 -2.50599 -2.38087 1.27576  114 DG A N3    
62  C C4    . DG A 3  ? 6.23248  7.54554 5.81709 -2.54394 -2.44605 1.32153  114 DG A C4    
63  P P     . DG A 4  ? 6.63016  7.84111 6.46066 -2.40089 -2.86586 1.22381  115 DG A P     
64  O OP1   . DG A 4  ? 6.59598  7.85982 6.57217 -2.31017 -2.91936 1.15725  115 DG A OP1   
65  O OP2   . DG A 4  ? 6.85242  7.72853 6.41310 -2.43684 -2.93001 1.23480  115 DG A OP2   
66  O "O5'" . DG A 4  ? 6.40110  8.06771 6.46346 -2.41990 -2.74577 1.21295  115 DG A "O5'" 
67  C "C5'" . DG A 4  ? 6.24168  8.07440 6.32508 -2.44574 -2.61927 1.22568  115 DG A "C5'" 
68  C "C4'" . DG A 4  ? 6.07956  7.97519 6.14490 -2.38180 -2.51325 1.09804  115 DG A "C4'" 
69  O "O4'" . DG A 4  ? 6.04068  7.81706 5.96974 -2.39795 -2.44273 1.10068  115 DG A "O4'" 
70  C "C3'" . DG A 4  ? 6.21611  7.84513 6.13080 -2.34498 -2.58954 1.03425  115 DG A "C3'" 
71  O "O3'" . DG A 4  ? 6.06208  7.95066 6.15406 -2.28276 -2.54010 0.92928  115 DG A "O3'" 
72  C "C2'" . DG A 4  ? 6.26085  7.60178 5.93729 -2.34646 -2.55404 1.00615  115 DG A "C2'" 
73  C "C1'" . DG A 4  ? 6.04710  7.63972 5.83536 -2.36001 -2.42036 1.00874  115 DG A "C1'" 
74  N N9    . DG A 4  ? 6.12191  7.43797 5.69829 -2.39217 -2.40464 1.03607  115 DG A N9    
75  C C8    . DG A 4  ? 6.39255  7.25813 5.70197 -2.43143 -2.51340 1.10470  115 DG A C8    
76  N N7    . DG A 4  ? 6.40060  7.09515 5.56653 -2.45312 -2.46422 1.11068  115 DG A N7    
77  C C5    . DG A 4  ? 6.11243  7.17965 5.46905 -2.42523 -2.31624 1.03898  115 DG A C5    
78  C C6    . DG A 4  ? 5.98791  7.08737 5.32034 -2.42808 -2.20906 1.00492  115 DG A C6    
79  O O6    . DG A 4  ? 6.10733  6.90141 5.23755 -2.46175 -2.22083 1.03687  115 DG A O6    
80  N N1    . DG A 4  ? 5.70453  7.23660 5.28149 -2.38230 -2.07797 0.92133  115 DG A N1    
81  C C2    . DG A 4  ? 5.56819  7.43758 5.37185 -2.33934 -2.05156 0.87739  115 DG A C2    
82  N N2    . DG A 4  ? 5.32139  7.55349 5.32850 -2.29036 -1.92193 0.79282  115 DG A N2    
83  N N3    . DG A 4  ? 5.67848  7.52020 5.50738 -2.34123 -2.14797 0.91173  115 DG A N3    
84  C C4    . DG A 4  ? 5.94519  7.38798 5.54930 -2.38480 -2.27822 0.99118  115 DG A C4    
85  P P     . DA A 5  ? 5.71309  8.08068 6.09628 -2.24322 -2.38734 0.85541  116 DA A P     
86  O OP1   . DA A 5  ? 5.69326  8.28891 6.24928 -2.27246 -2.39803 0.93142  116 DA A OP1   
87  O OP2   . DA A 5  ? 5.62055  8.09234 6.09599 -2.18073 -2.35901 0.73930  116 DA A OP2   
88  O "O5'" . DA A 5  ? 5.57232  7.96335 5.89887 -2.24131 -2.26210 0.82148  116 DA A "O5'" 
89  C "C5'" . DA A 5  ? 5.36231  8.09224 5.87022 -2.22596 -2.13722 0.80316  116 DA A "C5'" 
90  C "C4'" . DA A 5  ? 5.18570  7.99026 5.70344 -2.18232 -2.00908 0.69330  116 DA A "C4'" 
91  O "O4'" . DA A 5  ? 5.29321  7.77802 5.57382 -2.21876 -2.02999 0.72037  116 DA A "O4'" 
92  C "C3'" . DA A 5  ? 5.08802  7.95785 5.69192 -2.12085 -1.96994 0.56021  116 DA A "C3'" 
93  O "O3'" . DA A 5  ? 4.85586  7.99181 5.62154 -2.06835 -1.82232 0.45767  116 DA A "O3'" 
94  C "C2'" . DA A 5  ? 5.24749  7.73091 5.59474 -2.14530 -2.03307 0.55597  116 DA A "C2'" 
95  C "C1'" . DA A 5  ? 5.26057  7.63447 5.48211 -2.18536 -1.99720 0.61143  116 DA A "C1'" 
96  N N9    . DA A 5  ? 5.47928  7.41038 5.40199 -2.22992 -2.07642 0.65582  116 DA A N9    
97  C C8    . DA A 5  ? 5.75185  7.32743 5.46508 -2.26013 -2.22269 0.73031  116 DA A C8    
98  N N7    . DA A 5  ? 5.93762  7.10591 5.36992 -2.28978 -2.26425 0.75355  116 DA A N7    
99  C C5    . DA A 5  ? 5.76001  7.04264 5.23620 -2.28522 -2.13474 0.68814  116 DA A C5    
100 C C6    . DA A 5  ? 5.83332  6.82519 5.10076 -2.30959 -2.10224 0.67018  116 DA A C6    
101 N N6    . DA A 5  ? 6.13464  6.61392 5.06975 -2.34001 -2.20102 0.72253  116 DA A N6    
102 N N1    . DA A 5  ? 5.61424  6.83872 5.01912 -2.29513 -1.96387 0.59068  116 DA A N1    
103 C C2    . DA A 5  ? 5.33655  7.03327 5.04823 -2.25024 -1.86756 0.53475  116 DA A C2    
104 N N3    . DA A 5  ? 5.26006  7.23706 5.16582 -2.22103 -1.88384 0.54703  116 DA A N3    
105 C C4    . DA A 5  ? 5.47534  7.23186 5.25659 -2.24509 -2.01971 0.62529  116 DA A C4    
106 P P     . DC A 6  ? 4.37189  7.71057 5.33888 -1.99526 -1.74396 0.31528  117 DC A P     
107 O OP1   . DC A 6  ? 4.29991  7.92015 5.47848 -1.96615 -1.72676 0.32000  117 DC A OP1   
108 O OP2   . DC A 6  ? 4.48064  7.57877 5.33048 -2.00186 -1.81597 0.27901  117 DC A OP2   
109 O "O5'" . DC A 6  ? 4.18761  7.64691 5.21588 -1.95756 -1.59761 0.22041  117 DC A "O5'" 
110 C "C5'" . DC A 6  ? 4.21269  7.56964 5.10302 -1.99295 -1.57805 0.27099  117 DC A "C5'" 
111 C "C4'" . DC A 6  ? 4.20215  7.36354 4.98240 -1.99761 -1.53873 0.19358  117 DC A "C4'" 
112 O "O4'" . DC A 6  ? 4.42894  7.20858 4.94259 -2.06434 -1.65710 0.27093  117 DC A "O4'" 
113 C "C3'" . DC A 6  ? 4.08237  7.32411 5.00134 -1.94698 -1.46775 0.05083  117 DC A "C3'" 
114 O "O3'" . DC A 6  ? 3.92316  7.27142 4.92985 -1.91111 -1.33613 -0.04836 117 DC A "O3'" 
115 C "C2'" . DC A 6  ? 4.27209  7.16067 4.97226 -1.99914 -1.56692 0.06226  117 DC A "C2'" 
116 C "C1'" . DC A 6  ? 4.44715  7.05024 4.88673 -2.06468 -1.63886 0.17664  117 DC A "C1'" 
117 N N1    . DC A 6  ? 4.73907  6.91499 4.88007 -2.12264 -1.78850 0.26225  117 DC A N1    
118 C C2    . DC A 6  ? 4.90113  6.68284 4.76886 -2.16884 -1.80728 0.25917  117 DC A C2    
119 O O2    . DC A 6  ? 4.77773  6.60073 4.68673 -2.16769 -1.69323 0.17417  117 DC A O2    
120 N N3    . DC A 6  ? 5.21692  6.54607 4.76832 -2.20778 -1.95092 0.34406  117 DC A N3    
121 C C4    . DC A 6  ? 5.34534  6.64765 4.88122 -2.20182 -2.07091 0.42477  117 DC A C4    
122 N N4    . DC A 6  ? 5.67784  6.50544 4.89026 -2.22489 -2.21293 0.50169  117 DC A N4    
123 C C5    . DC A 6  ? 5.16190  6.89229 5.00174 -2.16606 -2.04904 0.42520  117 DC A C5    
124 C C6    . DC A 6  ? 4.87361  7.01049 4.99160 -2.12779 -1.90737 0.34529  117 DC A C6    
125 P P     . DA A 7  ? 3.61174  7.05373 4.78853 -1.85893 -1.22321 -0.21037 118 DA A P     
126 O OP1   . DA A 7  ? 3.43219  7.09610 4.76324 -1.79541 -1.08342 -0.28824 118 DA A OP1   
127 O OP2   . DA A 7  ? 3.61566  7.14065 4.90511 -1.83646 -1.26262 -0.22539 118 DA A OP2   
128 O "O5'" . DA A 7  ? 3.76513  6.86638 4.73377 -1.92610 -1.24661 -0.24171 118 DA A "O5'" 
129 C "C5'" . DA A 7  ? 3.70080  6.74034 4.65005 -1.93195 -1.14656 -0.31577 118 DA A "C5'" 
130 C "C4'" . DA A 7  ? 3.92126  6.64074 4.71270 -1.99761 -1.13818 -0.38952 118 DA A "C4'" 
131 O "O4'" . DA A 7  ? 4.19928  6.54546 4.66740 -2.07603 -1.31250 -0.26089 118 DA A "O4'" 
132 C "C3'" . DA A 7  ? 3.92793  6.76311 4.91143 -1.96623 -1.03965 -0.53852 118 DA A "C3'" 
133 O "O3'" . DA A 7  ? 4.04839  6.64460 4.96184 -2.01588 -0.92783 -0.67426 118 DA A "O3'" 
134 C "C2'" . DA A 7  ? 4.13464  6.80733 4.95928 -2.00958 -1.20267 -0.44463 118 DA A "C2'" 
135 C "C1'" . DA A 7  ? 4.38919  6.60328 4.81371 -2.09812 -1.33769 -0.31850 118 DA A "C1'" 
136 N N9    . DA A 7  ? 4.61346  6.59110 4.80680 -2.12515 -1.52984 -0.17460 118 DA A N9    
137 C C8    . DA A 7  ? 4.50798  6.71679 4.84142 -2.08151 -1.60377 -0.10864 118 DA A C8    
138 N N7    . DA A 7  ? 4.75994  6.65714 4.83527 -2.11244 -1.77346 0.01046  118 DA A N7    
139 C C5    . DA A 7  ? 5.06689  6.45677 4.77598 -2.17039 -1.82052 0.03071  118 DA A C5    
140 C C6    . DA A 7  ? 5.44111  6.26655 4.72626 -2.19972 -1.98315 0.13613  118 DA A C6    
141 N N6    . DA A 7  ? 5.54866  6.28543 4.75064 -2.18124 -2.13288 0.24301  118 DA A N6    
142 N N1    . DA A 7  ? 5.70597  6.02449 4.64679 -2.23641 -1.97560 0.11635  118 DA A N1    
143 C C2    . DA A 7  ? 5.58766  5.97945 4.65708 -2.20814 -1.76576 -0.00137 118 DA A C2    
144 N N3    . DA A 7  ? 5.22968  6.17583 4.70936 -2.21270 -1.62684 -0.11138 118 DA A N3    
145 C C4    . DA A 7  ? 4.98320  6.40897 4.75809 -2.18724 -1.66797 -0.08480 118 DA A C4    
146 P P     . DG A 8  ? 3.77253  6.56485 4.95980 -1.93767 -0.69888 -0.85269 119 DG A P     
147 O OP1   . DG A 8  ? 3.69155  6.53838 4.83199 -1.92327 -0.72487 -0.76557 119 DG A OP1   
148 O OP2   . DG A 8  ? 3.58585  6.73467 5.11564 -1.82001 -0.57944 -0.96185 119 DG A OP2   
149 O "O5'" . DG A 8  ? 4.09806  6.28966 5.07635 -1.88758 -0.54683 -0.93938 119 DG A "O5'" 
150 C "C5'" . DG A 8  ? 4.38029  6.01031 4.94536 -1.91668 -0.61073 -0.81991 119 DG A "C5'" 
151 C "C4'" . DG A 8  ? 4.79388  5.76601 5.00722 -1.82759 -0.59407 -0.76650 119 DG A "C4'" 
152 O "O4'" . DG A 8  ? 4.88199  5.82735 4.89589 -1.89992 -0.83177 -0.60993 119 DG A "O4'" 
153 C "C3'" . DG A 8  ? 4.87334  5.78666 5.26597 -1.68295 -0.39610 -0.90372 119 DG A "C3'" 
154 O "O3'" . DG A 8  ? 5.06603  5.51570 5.38619 -1.56573 -0.16047 -1.00134 119 DG A "O3'" 
155 C "C2'" . DG A 8  ? 5.12490  5.78167 5.27212 -1.66259 -0.53317 -0.79153 119 DG A "C2'" 
156 C "C1'" . DG A 8  ? 5.18382  5.71832 5.01259 -1.79286 -0.79657 -0.60569 119 DG A "C1'" 
157 N N9    . DG A 8  ? 5.16365  5.89563 4.97328 -1.85769 -1.01786 -0.49777 119 DG A N9    
158 C C8    . DG A 8  ? 4.84185  6.21865 5.01424 -1.92024 -1.08942 -0.51729 119 DG A C8    
159 N N7    . DG A 8  ? 4.90035  6.30191 4.97265 -1.97436 -1.29901 -0.39898 119 DG A N7    
160 C C5    . DG A 8  ? 5.29200  6.02153 4.89597 -1.94236 -1.37903 -0.29968 119 DG A C5    
161 C C6    . DG A 8  ? 5.53494  5.97305 4.84129 -1.96901 -1.60589 -0.16187 119 DG A C6    
162 O O6    . DG A 8  ? 5.44540  6.16880 4.86252 -2.03137 -1.78487 -0.09507 119 DG A O6    
163 N N1    . DG A 8  ? 5.92532  5.66060 4.76456 -1.91131 -1.61610 -0.10548 119 DG A N1    
164 C C2    . DG A 8  ? 6.04341  5.40602 4.73255 -1.84030 -1.42159 -0.16822 119 DG A C2    
165 N N2    . DG A 8  ? 6.40675  5.09439 4.62623 -1.78769 -1.45572 -0.09966 119 DG A N2    
166 N N3    . DG A 8  ? 5.81855  5.44809 4.80223 -1.81869 -1.20845 -0.29447 119 DG A N3    
167 C C4    . DG A 8  ? 5.45441  5.76724 4.88382 -1.87161 -1.20508 -0.35602 119 DG A C4    
168 P P     . DC A 9  ? 5.64524  5.27576 5.51584 -1.45620 -0.09233 -0.93690 120 DC A P     
169 O OP1   . DC A 9  ? 5.82986  5.14833 5.26332 -1.54592 -0.33068 -0.74967 120 DC A OP1   
170 O OP2   . DC A 9  ? 5.71262  5.03252 5.63057 -1.35655 0.16597  -1.05504 120 DC A OP2   
171 O "O5'" . DC A 9  ? 5.75478  5.38380 5.72117 -1.34984 -0.03074 -0.97688 120 DC A "O5'" 
172 C "C5'" . DC A 9  ? 6.10130  5.11734 5.82686 -1.20062 0.12663  -0.98427 120 DC A "C5'" 
173 C "C4'" . DC A 9  ? 6.45166  4.83028 5.60126 -1.20701 -0.01022 -0.82007 120 DC A "C4'" 
174 O "O4'" . DC A 9  ? 6.41678  5.01301 5.43531 -1.34095 -0.31567 -0.68206 120 DC A "O4'" 
175 C "C3'" . DC A 9  ? 6.84191  4.62820 5.67529 -1.05700 0.07273  -0.78383 120 DC A "C3'" 
176 O "O3'" . DC A 9  ? 7.13680  4.25637 5.48595 -1.02326 0.07421  -0.69673 120 DC A "O3'" 
177 C "C2'" . DC A 9  ? 6.89134  4.86245 5.65221 -1.10368 -0.17024 -0.68480 120 DC A "C2'" 
178 C "C1'" . DC A 9  ? 6.73856  5.00090 5.45664 -1.28416 -0.42804 -0.58805 120 DC A "C1'" 
179 N N1    . DC A 9  ? 6.58706  5.38886 5.50657 -1.38587 -0.65339 -0.53610 120 DC A N1    
180 C C2    . DC A 9  ? 6.83278  5.41866 5.43546 -1.41419 -0.89810 -0.39574 120 DC A C2    
181 O O2    . DC A 9  ? 7.17909  5.13324 5.32188 -1.34932 -0.93139 -0.31937 120 DC A O2    
182 N N3    . DC A 9  ? 6.67037  5.74999 5.49049 -1.50598 -1.08960 -0.35329 120 DC A N3    
183 C C4    . DC A 9  ? 6.28409  6.03694 5.58745 -1.56722 -1.04090 -0.43943 120 DC A C4    
184 N N4    . DC A 9  ? 6.11995  6.33696 5.62530 -1.65569 -1.22489 -0.39021 120 DC A N4    
185 C C5    . DC A 9  ? 6.03230  6.01392 5.63996 -1.53666 -0.80204 -0.58470 120 DC A C5    
186 C C6    . DC A 9  ? 6.19528  5.69213 5.60807 -1.44838 -0.61988 -0.62916 120 DC A C6    
187 P P     . DG A 10 ? 8.35295  4.76691 6.40884 -0.83143 0.30007  -0.70773 121 DG A P     
188 O OP1   . DG A 10 ? 8.41810  4.31106 6.14548 -0.82119 0.36850  -0.67254 121 DG A OP1   
189 O OP2   . DG A 10 ? 8.17058  4.82951 6.66715 -0.72755 0.55330  -0.85825 121 DG A OP2   
190 O "O5'" . DG A 10 ? 8.73556  4.85246 6.39816 -0.79013 0.10364  -0.57539 121 DG A "O5'" 
191 C "C5'" . DG A 10 ? 8.82293  4.98262 6.22593 -0.91770 -0.22417 -0.43994 121 DG A "C5'" 
192 C "C4'" . DG A 10 ? 9.17286  5.10599 6.30275 -0.84906 -0.37294 -0.35230 121 DG A "C4'" 
193 O "O4'" . DG A 10 ? 9.05012  5.56609 6.43505 -0.96962 -0.60883 -0.32106 121 DG A "O4'" 
194 C "C3'" . DG A 10 ? 9.32074  5.07522 6.52307 -0.67023 -0.14621 -0.41951 121 DG A "C3'" 
195 O "O3'" . DG A 10 ? 9.71534  4.95416 6.44784 -0.56896 -0.25231 -0.31530 121 DG A "O3'" 
196 C "C2'" . DG A 10 ? 9.05945  5.54273 6.79609 -0.73238 -0.18171 -0.49217 121 DG A "C2'" 
197 C "C1'" . DG A 10 ? 9.06789  5.76959 6.68156 -0.87761 -0.53040 -0.37504 121 DG A "C1'" 
198 N N9    . DG A 10 ? 7.43540  4.90005 5.53178 -1.00198 -0.63542 -0.41529 121 DG A N9    
199 C C8    . DG A 10 ? 7.05763  5.07649 5.65148 -1.05299 -0.49400 -0.53914 121 DG A C8    
200 N N7    . DG A 10 ? 6.75778  5.39826 5.68515 -1.16285 -0.63816 -0.54265 121 DG A N7    
201 C C5    . DG A 10 ? 6.94286  5.43445 5.59741 -1.19128 -0.89229 -0.41201 121 DG A C5    
202 C C6    . DG A 10 ? 6.76319  5.71609 5.59735 -1.29853 -1.12644 -0.35402 121 DG A C6    
203 O O6    . DG A 10 ? 6.39556  5.99975 5.66297 -1.39124 -1.14988 -0.40340 121 DG A O6    
204 N N1    . DG A 10 ? 7.05331  5.63941 5.50888 -1.28691 -1.34896 -0.22791 121 DG A N1    
205 C C2    . DG A 10 ? 7.47301  5.33668 5.41460 -1.17997 -1.34935 -0.16641 121 DG A C2    
206 N N2    . DG A 10 ? 7.70755  5.31541 5.33706 -1.17920 -1.59599 -0.05452 121 DG A N2    
207 N N3    . DG A 10 ? 7.64875  5.06980 5.39915 -1.07643 -1.12258 -0.21422 121 DG A N3    
208 C C4    . DG A 10 ? 7.36223  5.13354 5.50098 -1.09170 -0.90129 -0.33604 121 DG A C4    
209 P P     . DT A 11 ? 9.58524  4.03249 5.88334 -0.37012 -0.03156 -0.29827 122 DT A P     
210 O OP1   . DT A 11 ? 9.68314  3.66942 5.53221 -0.40884 -0.11785 -0.22048 122 DT A OP1   
211 O OP2   . DT A 11 ? 9.50851  4.03021 6.17256 -0.26595 0.31737  -0.42919 122 DT A OP2   
212 O "O5'" . DT A 11 ? 9.96653  4.15437 5.96763 -0.26014 -0.16288 -0.21433 122 DT A "O5'" 
213 C "C5'" . DT A 11 ? 10.05234 4.19206 5.74563 -0.33933 -0.50914 -0.09906 122 DT A "C5'" 
214 C "C4'" . DT A 11 ? 10.16644 4.51766 5.95052 -0.30159 -0.64957 -0.07260 122 DT A "C4'" 
215 O "O4'" . DT A 11 ? 9.78402  4.91457 6.15286 -0.43289 -0.70492 -0.13758 122 DT A "O4'" 
216 C "C3'" . DT A 11 ? 10.49425 4.53988 6.21647 -0.09530 -0.43264 -0.09606 122 DT A "C3'" 
217 O "O3'" . DT A 11 ? 10.76837 4.66263 6.21625 -0.04528 -0.66601 -0.00597 122 DT A "O3'" 
218 C "C2'" . DT A 11 ? 10.15422 4.82985 6.54412 -0.12222 -0.24418 -0.22416 122 DT A "C2'" 
219 C "C1'" . DT A 11 ? 9.74495  5.07392 6.44147 -0.32648 -0.51450 -0.21655 122 DT A "C1'" 
220 N N1    . DT A 11 ? 8.70342  4.70284 6.01069 -0.43013 -0.38969 -0.33940 122 DT A N1    
221 C C2    . DT A 11 ? 8.38448  5.02301 6.03190 -0.58105 -0.59281 -0.34031 122 DT A C2    
222 O O2    . DT A 11 ? 8.44430  5.13121 5.94958 -0.63285 -0.86161 -0.24783 122 DT A O2    
223 N N3    . DT A 11 ? 7.98647  5.21072 6.15582 -0.66464 -0.47024 -0.45627 122 DT A N3    
224 C C4    . DT A 11 ? 7.86785  5.10913 6.26461 -0.61647 -0.18186 -0.57654 122 DT A C4    
225 O O4    . DT A 11 ? 7.49355  5.29729 6.36103 -0.69480 -0.10592 -0.68361 122 DT A O4    
226 C C5    . DT A 11 ? 8.21012  4.76075 6.25467 -0.46273 0.02319  -0.56955 122 DT A C5    
227 C C7    . DT A 11 ? 8.10371  4.60202 6.38268 -0.39766 0.34591  -0.69728 122 DT A C7    
228 C C6    . DT A 11 ? 8.61363  4.57756 6.12326 -0.37796 -0.08622 -0.44802 122 DT A C6    
229 P P     . DC A 12 ? 10.29542 3.91778 5.64623 0.16083  -0.53698 0.00228  123 DC A P     
230 O OP1   . DC A 12 ? 10.75339 3.72392 5.43766 0.26693  -0.70638 0.11941  123 DC A OP1   
231 O OP2   . DC A 12 ? 10.26635 3.83186 5.86988 0.27713  -0.14653 -0.09379 123 DC A OP2   
232 O "O5'" . DC A 12 ? 10.07420 4.34974 5.86721 0.07422  -0.71577 -0.01544 123 DC A "O5'" 
233 C "C5'" . DC A 12 ? 10.26544 4.50548 6.10887 0.21276  -0.66817 -0.01062 123 DC A "C5'" 
234 C "C4'" . DC A 12 ? 10.16579 4.82909 6.17039 0.11493  -0.98411 0.03018  123 DC A "C4'" 
235 O "O4'" . DC A 12 ? 9.70919  5.06494 6.20064 -0.09291 -1.07280 -0.02533 123 DC A "O4'" 
236 C "C3'" . DC A 12 ? 10.26039 5.11366 6.52713 0.21804  -0.91814 0.00526  123 DC A "C3'" 
237 O "O3'" . DC A 12 ? 10.33702 5.33686 6.53906 0.16794  -1.25211 0.07908  123 DC A "O3'" 
238 C "C2'" . DC A 12 ? 9.81598  5.35331 6.76901 0.11863  -0.73807 -0.12425 123 DC A "C2'" 
239 C "C1'" . DC A 12 ? 9.48336  5.39052 6.54374 -0.09822 -0.94203 -0.11794 123 DC A "C1'" 
240 N N1    . DC A 12 ? 8.89186  5.18926 6.36521 -0.18724 -0.74028 -0.22951 123 DC A N1    
241 C C2    . DC A 12 ? 8.49950  5.49700 6.42540 -0.36884 -0.85824 -0.27355 123 DC A C2    
242 O O2    . DC A 12 ? 8.46107  5.74318 6.45827 -0.45273 -1.11716 -0.21718 123 DC A O2    
243 N N3    . DC A 12 ? 8.16448  5.51112 6.44400 -0.44277 -0.68381 -0.37773 123 DC A N3    
244 C C4    . DC A 12 ? 8.20997  5.23138 6.42279 -0.34822 -0.40851 -0.43985 123 DC A C4    
245 N N4    . DC A 12 ? 7.85996  5.25207 6.44221 -0.42335 -0.25616 -0.54927 123 DC A N4    
246 C C5    . DC A 12 ? 8.60993  4.91059 6.37616 -0.16757 -0.27605 -0.39239 123 DC A C5    
247 C C6    . DC A 12 ? 8.94151  4.90116 6.33706 -0.09091 -0.44805 -0.28544 123 DC A C6    
248 P P     . DA A 13 ? 9.88496  4.71837 5.99853 0.33096  -1.28647 0.11966  124 DA A P     
249 O OP1   . DA A 13 ? 10.21146 4.87640 5.96963 0.30446  -1.66304 0.22388  124 DA A OP1   
250 O OP2   . DA A 13 ? 10.19562 4.49061 6.06489 0.54661  -0.97710 0.11388  124 DA A OP2   
251 O "O5'" . DA A 13 ? 9.39065  4.97973 6.21529 0.25122  -1.22832 0.02905  124 DA A "O5'" 
252 C "C5'" . DA A 13 ? 9.35050  5.05972 6.52661 0.35287  -0.88936 -0.06563 124 DA A "C5'" 
253 C "C4'" . DA A 13 ? 8.89551  5.40705 6.77112 0.20824  -0.84576 -0.17590 124 DA A "C4'" 
254 O "O4'" . DA A 13 ? 8.59189  5.30542 6.66814 0.10850  -0.69138 -0.25875 124 DA A "O4'" 
255 C "C3'" . DA A 13 ? 8.92603  5.68149 7.24019 0.31412  -0.60933 -0.26158 124 DA A "C3'" 
256 O "O3'" . DA A 13 ? 8.74474  6.04186 7.42631 0.22757  -0.79509 -0.26911 124 DA A "O3'" 
257 C "C2'" . DA A 13 ? 8.64408  5.70151 7.37978 0.27355  -0.31487 -0.40068 124 DA A "C2'" 
258 C "C1'" . DA A 13 ? 8.31124  5.57895 7.00148 0.08368  -0.49031 -0.38994 124 DA A "C1'" 
259 N N9    . DA A 13 ? 7.66875  5.00345 6.52900 0.05228  -0.25545 -0.48802 124 DA A N9    
260 C C8    . DA A 13 ? 7.82487  4.66734 6.48377 0.18173  0.01100  -0.51234 124 DA A C8    
261 N N7    . DA A 13 ? 7.51671  4.57711 6.43841 0.11478  0.17599  -0.61460 124 DA A N7    
262 C C5    . DA A 13 ? 7.13329  4.87686 6.43838 -0.06589 0.00784  -0.65781 124 DA A C5    
263 C C6    . DA A 13 ? 6.68118  4.94236 6.37543 -0.20234 0.05432  -0.76148 124 DA A C6    
264 N N6    . DA A 13 ? 6.52035  4.68510 6.29820 -0.17946 0.28611  -0.85028 124 DA A N6    
265 N N1    . DA A 13 ? 6.39548  5.27707 6.39189 -0.35873 -0.14644 -0.76967 124 DA A N1    
266 C C2    . DA A 13 ? 6.53945  5.51393 6.47384 -0.38173 -0.37684 -0.68281 124 DA A C2    
267 N N3    . DA A 13 ? 6.94044  5.46892 6.53248 -0.26710 -0.45521 -0.58662 124 DA A N3    
268 C C4    . DA A 13 ? 7.22824  5.14710 6.50614 -0.10752 -0.25135 -0.57891 124 DA A C4    
269 P P     . DC B 1  ? 8.56698  4.32934 7.63028 -2.64285 -1.68014 -0.80721 131 DC B P     
270 O OP1   . DC B 1  ? 8.67150  4.18490 7.52338 -2.58571 -1.72458 -0.63571 131 DC B OP1   
271 O OP2   . DC B 1  ? 8.59166  4.41554 7.54614 -2.72807 -1.56324 -0.87591 131 DC B OP2   
272 O "O5'" . DC B 1  ? 8.29732  4.27866 7.81313 -2.53816 -1.84140 -0.75744 131 DC B "O5'" 
273 C "C5'" . DC B 1  ? 8.11093  4.24448 7.84166 -2.50307 -1.88827 -0.69507 131 DC B "C5'" 
274 C "C4'" . DC B 1  ? 8.10205  4.08173 7.72676 -2.44256 -1.93801 -0.47939 131 DC B "C4'" 
275 O "O4'" . DC B 1  ? 7.84252  4.03120 7.82259 -2.33672 -2.04656 -0.37663 131 DC B "O4'" 
276 C "C3'" . DC B 1  ? 8.23953  4.09576 7.54772 -2.52263 -1.80592 -0.47328 131 DC B "C3'" 
277 O "O3'" . DC B 1  ? 8.30355  3.96127 7.42004 -2.45989 -1.83097 -0.28318 131 DC B "O3'" 
278 C "C2'" . DC B 1  ? 8.03600  4.15804 7.60328 -2.50277 -1.79358 -0.49804 131 DC B "C2'" 
279 C "C1'" . DC B 1  ? 7.78744  4.07632 7.75261 -2.36299 -1.96059 -0.38340 131 DC B "C1'" 
280 N N1    . DC B 1  ? 7.58806  4.17193 7.90610 -2.35265 -1.98932 -0.49085 131 DC B N1    
281 C C2    . DC B 1  ? 7.34311  4.11318 7.99317 -2.24335 -2.09954 -0.37856 131 DC B C2    
282 O O2    . DC B 1  ? 7.28947  3.98719 7.94195 -2.15598 -2.17091 -0.18731 131 DC B O2    
283 N N3    . DC B 1  ? 7.17435  4.20372 8.13468 -2.23767 -2.12625 -0.48635 131 DC B N3    
284 C C4    . DC B 1  ? 7.23856  4.35364 8.19098 -2.33017 -2.04614 -0.69480 131 DC B C4    
285 N N4    . DC B 1  ? 7.07042  4.44537 8.33577 -2.31547 -2.07881 -0.79753 131 DC B N4    
286 C C5    . DC B 1  ? 7.48305  4.42360 8.10318 -2.44381 -1.92981 -0.81003 131 DC B C5    
287 C C6    . DC B 1  ? 7.65135  4.32518 7.96167 -2.45303 -1.90676 -0.70268 131 DC B C6    
288 P P     . DA B 2  ? 8.58953  4.04303 7.29091 -2.53160 -1.69743 -0.25738 132 DA B P     
289 O OP1   . DA B 2  ? 8.65931  3.90258 7.19308 -2.44740 -1.75253 -0.06465 132 DA B OP1   
290 O OP2   . DA B 2  ? 8.79289  4.18286 7.22920 -2.66273 -1.55466 -0.44130 132 DA B OP2   
291 O "O5'" . DA B 2  ? 8.41988  4.08599 7.28682 -2.51547 -1.65984 -0.24598 132 DA B "O5'" 
292 C "C5'" . DA B 2  ? 8.35852  3.99165 7.19820 -2.43024 -1.68054 -0.06919 132 DA B "C5'" 
293 C "C4'" . DA B 2  ? 8.08041  3.92045 7.33282 -2.29095 -1.82521 0.05750  132 DA B "C4'" 
294 O "O4'" . DA B 2  ? 7.91221  4.00347 7.51274 -2.30053 -1.87101 -0.07138 132 DA B "O4'" 
295 C "C3'" . DA B 2  ? 7.94486  3.88081 7.28079 -2.22562 -1.82399 0.18115  132 DA B "C3'" 
296 O "O3'" . DA B 2  ? 7.79965  3.76995 7.32159 -2.08928 -1.95320 0.37097  132 DA B "O3'" 
297 C "C2'" . DA B 2  ? 7.76795  3.97970 7.39653 -2.25861 -1.80930 0.05736  132 DA B "C2'" 
298 C "C1'" . DA B 2  ? 7.69159  4.01528 7.57056 -2.25115 -1.89665 -0.03786 132 DA B "C1'" 
299 N N9    . DA B 2  ? 7.62268  4.15359 7.67842 -2.32556 -1.85173 -0.23196 132 DA B N9    
300 C C8    . DA B 2  ? 7.78440  4.27872 7.66179 -2.45281 -1.74195 -0.42114 132 DA B C8    
301 N N7    . DA B 2  ? 7.67297  4.40095 7.78080 -2.49086 -1.72508 -0.57018 132 DA B N7    
302 C C5    . DA B 2  ? 7.42307  4.34460 7.88056 -2.38275 -1.83253 -0.47325 132 DA B C5    
303 C C6    . DA B 2  ? 7.21417  4.41655 8.02938 -2.35969 -1.87560 -0.54990 132 DA B C6    
304 N N6    . DA B 2  ? 7.22407  4.57445 8.10750 -2.44354 -1.80921 -0.75068 132 DA B N6    
305 N N1    . DA B 2  ? 6.99908  4.32646 8.09671 -2.24798 -1.99128 -0.41352 132 DA B N1    
306 C C2    . DA B 2  ? 6.99086  4.18443 8.02000 -2.16562 -2.05455 -0.21407 132 DA B C2    
307 N N3    . DA B 2  ? 7.17083  4.11162 7.88429 -2.17070 -2.02336 -0.12438 132 DA B N3    
308 C C4    . DA B 2  ? 7.38651  4.19362 7.81862 -2.28268 -1.91122 -0.26367 132 DA B C4    
309 P P     . DC B 3  ? 7.81090  3.68040 7.17500 -2.01441 -1.94177 0.55920  133 DC B P     
310 O OP1   . DC B 3  ? 7.79352  3.57932 7.18588 -1.90522 -2.05637 0.72916  133 DC B OP1   
311 O OP2   . DC B 3  ? 8.04932  3.72182 7.00368 -2.11543 -1.79145 0.49021  133 DC B OP2   
312 O "O5'" . DC B 3  ? 7.55765  3.69171 7.24403 -1.96465 -1.97131 0.59802  133 DC B "O5'" 
313 C "C5'" . DC B 3  ? 7.34209  3.73072 7.42674 -1.94862 -2.05430 0.52831  133 DC B "C5'" 
314 C "C4'" . DC B 3  ? 7.20089  3.78583 7.45005 -1.97228 -2.00816 0.47670  133 DC B "C4'" 
315 O "O4'" . DC B 3  ? 7.19513  3.90327 7.54132 -2.06778 -1.95914 0.26844  133 DC B "O4'" 
316 C "C3'" . DC B 3  ? 7.31729  3.78761 7.27460 -2.01176 -1.88276 0.51021  133 DC B "C3'" 
317 O "O3'" . DC B 3  ? 7.12251  3.75323 7.29624 -1.94319 -1.92115 0.61239  133 DC B "O3'" 
318 C "C2'" . DC B 3  ? 7.42783  3.91181 7.25749 -2.15226 -1.75600 0.30290  133 DC B "C2'" 
319 C "C1'" . DC B 3  ? 7.22938  3.96957 7.45987 -2.14363 -1.83741 0.19885  133 DC B "C1'" 
320 N N1    . DC B 3  ? 7.31049  4.11023 7.50569 -2.26753 -1.74978 -0.02525 133 DC B N1    
321 C C2    . DC B 3  ? 7.13484  4.19764 7.64460 -2.28363 -1.76521 -0.13795 133 DC B C2    
322 O O2    . DC B 3  ? 6.91945  4.14786 7.72411 -2.19872 -1.85308 -0.04976 133 DC B O2    
323 N N3    . DC B 3  ? 7.21005  4.34046 7.68958 -2.39262 -1.68459 -0.34178 133 DC B N3    
324 C C4    . DC B 3  ? 7.45035  4.39318 7.59777 -2.48874 -1.59134 -0.43031 133 DC B C4    
325 N N4    . DC B 3  ? 7.51832  4.54760 7.64797 -2.59768 -1.51243 -0.63245 133 DC B N4    
326 C C5    . DC B 3  ? 7.63487  4.29570 7.45359 -2.47748 -1.57749 -0.31684 133 DC B C5    
327 C C6    . DC B 3  ? 7.55683  4.15822 7.41361 -2.36375 -1.65741 -0.11783 133 DC B C6    
328 P P     . DA B 4  ? 7.49812  4.00864 7.42167 -1.92485 -1.84249 0.73232  134 DA B P     
329 O OP1   . DA B 4  ? 7.39052  3.90859 7.42571 -1.79071 -1.95044 0.93808  134 DA B OP1   
330 O OP2   . DA B 4  ? 7.78734  4.03912 7.26437 -2.01675 -1.71780 0.66448  134 DA B OP2   
331 O "O5'" . DA B 4  ? 7.35524  4.06483 7.45556 -1.96637 -1.79410 0.66524  134 DA B "O5'" 
332 C "C5'" . DA B 4  ? 7.38947  4.18133 7.49774 -2.08660 -1.71136 0.46270  134 DA B "C5'" 
333 C "C4'" . DA B 4  ? 7.32921  4.22095 7.45608 -2.13069 -1.63321 0.43671  134 DA B "C4'" 
334 O "O4'" . DA B 4  ? 7.33157  4.35013 7.52646 -2.24229 -1.56727 0.23480  134 DA B "O4'" 
335 C "C3'" . DA B 4  ? 7.53396  4.20726 7.24941 -2.17485 -1.51226 0.48619  134 DA B "C3'" 
336 O "O3'" . DA B 4  ? 7.43191  4.21125 7.22338 -2.18011 -1.47400 0.51470  134 DA B "O3'" 
337 C "C2'" . DA B 4  ? 7.74857  4.31692 7.19889 -2.31636 -1.39988 0.30453  134 DA B "C2'" 
338 C "C1'" . DA B 4  ? 7.57832  4.41815 7.37447 -2.36145 -1.42130 0.14834  134 DA B "C1'" 
339 N N9    . DA B 4  ? 7.68696  4.51365 7.43098 -2.44435 -1.39473 -0.01730 134 DA B N9    
340 C C8    . DA B 4  ? 7.84993  4.48929 7.39478 -2.44878 -1.40508 -0.01789 134 DA B C8    
341 N N7    . DA B 4  ? 7.91540  4.59487 7.46790 -2.53207 -1.37730 -0.18825 134 DA B N7    
342 C C5    . DA B 4  ? 7.78209  4.70203 7.56306 -2.58072 -1.34877 -0.30838 134 DA B C5    
343 C C6    . DA B 4  ? 7.77069  4.85399 7.67477 -2.66838 -1.31174 -0.50993 134 DA B C6    
344 N N6    . DA B 4  ? 7.90298  4.92272 7.70653 -2.72715 -1.29440 -0.62889 134 DA B N6    
345 N N1    . DA B 4  ? 7.62138  4.93810 7.75493 -2.69298 -1.29299 -0.58632 134 DA B N1    
346 C C2    . DA B 4  ? 7.49220  4.86475 7.72248 -2.63704 -1.31080 -0.46578 134 DA B C2    
347 N N3    . DA B 4  ? 7.48981  4.72123 7.61730 -2.55495 -1.34313 -0.27355 134 DA B N3    
348 C C4    . DA B 4  ? 7.63908  4.64942 7.54248 -2.52836 -1.36109 -0.20417 134 DA B C4    
349 P P     . DC B 5  ? 6.99954  3.95136 7.13155 -2.05477 -1.58553 0.67097  135 DC B P     
350 O OP1   . DC B 5  ? 6.77978  4.00657 7.31220 -2.06808 -1.64254 0.56988  135 DC B OP1   
351 O OP2   . DC B 5  ? 6.99276  3.85464 7.12295 -1.93976 -1.68120 0.83028  135 DC B OP2   
352 O "O5'" . DC B 5  ? 7.05396  3.92615 6.98147 -2.06610 -1.49653 0.75036  135 DC B "O5'" 
353 C "C5'" . DC B 5  ? 7.26097  3.99666 6.84744 -2.18716 -1.35259 0.65166  135 DC B "C5'" 
354 C "C4'" . DC B 5  ? 7.43771  3.93075 6.65052 -2.15892 -1.29118 0.78523  135 DC B "C4'" 
355 O "O4'" . DC B 5  ? 7.61198  3.88931 6.57892 -2.12118 -1.30780 0.83962  135 DC B "O4'" 
356 C "C3'" . DC B 5  ? 7.27805  3.83726 6.64499 -2.04131 -1.35244 0.96445  135 DC B "C3'" 
357 O "O3'" . DC B 5  ? 7.41764  3.82302 6.47690 -2.06659 -1.25536 1.01931  135 DC B "O3'" 
358 C "C2'" . DC B 5  ? 7.28399  3.75844 6.64746 -1.92317 -1.44517 1.10048  135 DC B "C2'" 
359 C "C1'" . DC B 5  ? 7.57020  3.78816 6.53261 -1.98976 -1.37154 1.03289  135 DC B "C1'" 
360 N N1    . DC B 5  ? 7.58809  3.74545 6.57872 -1.91596 -1.46036 1.08940  135 DC B N1    
361 C C2    . DC B 5  ? 7.65714  3.66743 6.49093 -1.80743 -1.49671 1.25931  135 DC B C2    
362 O O2    . DC B 5  ? 7.70481  3.63623 6.37654 -1.77183 -1.45339 1.35654  135 DC B O2    
363 N N3    . DC B 5  ? 7.66808  3.63232 6.53808 -1.74139 -1.58114 1.31403  135 DC B N3    
364 C C4    . DC B 5  ? 7.61856  3.66536 6.66282 -1.78150 -1.62799 1.20695  135 DC B C4    
365 N N4    . DC B 5  ? 7.63861  3.62607 6.70248 -1.71727 -1.71166 1.26928  135 DC B N4    
366 C C5    . DC B 5  ? 7.55266  3.74595 6.75326 -1.88827 -1.59101 1.03018  135 DC B C5    
367 C C6    . DC B 5  ? 7.53756  3.78697 6.70916 -1.95178 -1.50770 0.97675  135 DC B C6    
368 P P     . DC B 6  ? 8.15805  4.66364 7.37884 -1.98486 -1.28518 1.16195  136 DC B P     
369 O OP1   . DC B 6  ? 8.18123  4.71936 7.33396 -2.09069 -1.18725 1.07450  136 DC B OP1   
370 O OP2   . DC B 6  ? 7.87989  4.62173 7.55529 -1.88688 -1.42474 1.22556  136 DC B OP2   
371 O "O5'" . DC B 6  ? 8.33233  4.58862 7.20780 -1.89841 -1.26648 1.32890  136 DC B "O5'" 
372 C "C5'" . DC B 6  ? 8.41453  4.55064 7.19376 -1.81942 -1.32419 1.40248  136 DC B "C5'" 
373 C "C4'" . DC B 6  ? 8.29467  4.46956 7.19945 -1.66649 -1.41209 1.60130  136 DC B "C4'" 
374 O "O4'" . DC B 6  ? 8.29821  4.44507 7.25093 -1.59013 -1.50008 1.65658  136 DC B "O4'" 
375 C "C3'" . DC B 6  ? 7.98940  4.44484 7.33849 -1.61306 -1.49609 1.65758  136 DC B "C3'" 
376 O "O3'" . DC B 6  ? 7.94176  4.39867 7.26622 -1.49786 -1.50938 1.82386  136 DC B "O3'" 
377 C "C2'" . DC B 6  ? 7.83225  4.44102 7.50358 -1.56534 -1.62073 1.65319  136 DC B "C2'" 
378 C "C1'" . DC B 6  ? 8.02307  4.41866 7.41526 -1.50998 -1.62753 1.72375  136 DC B "C1'" 
379 N N1    . DC B 6  ? 8.00021  4.43390 7.52665 -1.51497 -1.70113 1.66135  136 DC B N1    
380 C C2    . DC B 6  ? 8.02105  4.39487 7.53279 -1.41579 -1.78294 1.77965  136 DC B C2    
381 O O2    . DC B 6  ? 8.03177  4.40454 7.42958 -1.30131 -1.76428 1.89073  136 DC B O2    
382 N N3    . DC B 6  ? 8.00908  4.40553 7.63157 -1.42491 -1.84968 1.72327  136 DC B N3    
383 C C4    . DC B 6  ? 7.97232  4.45503 7.72497 -1.52112 -1.83834 1.55665  136 DC B C4    
384 N N4    . DC B 6  ? 7.96540  4.46275 7.82145 -1.52360 -1.90760 1.50798  136 DC B N4    
385 C C5    . DC B 6  ? 7.94474  4.50493 7.72546 -1.61870 -1.75542 1.43185  136 DC B C5    
386 C C6    . DC B 6  ? 7.95868  4.49035 7.62486 -1.61340 -1.69033 1.49184  136 DC B C6    
387 P P     . DG B 7  ? 7.81696  4.57639 7.55352 -1.41502 -1.57948 1.89247  137 DG B P     
388 O OP1   . DG B 7  ? 7.84904  4.59132 7.41904 -1.39577 -1.47934 1.91880  137 DG B OP1   
389 O OP2   . DG B 7  ? 7.63964  4.56532 7.74866 -1.49680 -1.66068 1.80912  137 DG B OP2   
390 O "O5'" . DG B 7  ? 7.69221  4.60087 7.56544 -1.24107 -1.65644 1.99755  137 DG B "O5'" 
391 C "C5'" . DG B 7  ? 7.61502  4.63990 7.46741 -1.10603 -1.61872 2.07936  137 DG B "C5'" 
392 C "C4'" . DG B 7  ? 7.64953  4.68654 7.41543 -0.97861 -1.62771 2.13271  137 DG B "C4'" 
393 O "O4'" . DG B 7  ? 7.75450  4.67044 7.47319 -1.02769 -1.67936 2.09692  137 DG B "O4'" 
394 C "C3'" . DG B 7  ? 7.39924  4.72877 7.48762 -0.86263 -1.70548 2.19248  137 DG B "C3'" 
395 O "O3'" . DG B 7  ? 7.46868  4.78752 7.39041 -0.74256 -1.65771 2.23329  137 DG B "O3'" 
396 C "C2'" . DG B 7  ? 7.29568  4.70521 7.65765 -0.91433 -1.83474 2.16756  137 DG B "C2'" 
397 C "C1'" . DG B 7  ? 7.55090  4.68346 7.61189 -0.97433 -1.80118 2.12457  137 DG B "C1'" 
398 N N9    . DG B 7  ? 7.55762  4.63349 7.75082 -1.08839 -1.87777 2.05839  137 DG B N9    
399 C C8    . DG B 7  ? 7.60112  4.58566 7.80718 -1.22995 -1.85952 1.97632  137 DG B C8    
400 N N7    . DG B 7  ? 7.60071  4.55687 7.94253 -1.31294 -1.92769 1.90419  137 DG B N7    
401 C C5    . DG B 7  ? 7.56118  4.57852 7.97088 -1.21604 -2.00378 1.95759  137 DG B C5    
402 C C6    . DG B 7  ? 7.54644  4.56351 8.09835 -1.23996 -2.09707 1.91877  137 DG B C6    
403 O O6    . DG B 7  ? 7.54646  4.57103 8.19761 -1.33568 -2.10703 1.78581  137 DG B O6    
404 N N1    . DG B 7  ? 7.50358  4.60711 8.07564 -1.11887 -2.14668 1.99367  137 DG B N1    
405 C C2    . DG B 7  ? 7.47161  4.66753 7.95369 -0.99707 -2.10011 2.07531  137 DG B C2    
406 N N2    . DG B 7  ? 7.42769  4.71815 7.95720 -0.90727 -2.14329 2.11530  137 DG B N2    
407 N N3    . DG B 7  ? 7.48620  4.68214 7.83966 -0.97089 -2.00819 2.10249  137 DG B N3    
408 C C4    . DG B 7  ? 7.53239  4.63178 7.85243 -1.08166 -1.97015 2.04848  137 DG B C4    
409 P P     . DT B 8  ? 7.37338  4.96621 7.54880 -0.62554 -1.71061 2.28184  138 DT B P     
410 O OP1   . DT B 8  ? 7.49472  5.02375 7.41306 -0.51089 -1.61106 2.31262  138 DT B OP1   
411 O OP2   . DT B 8  ? 7.13603  4.96118 7.62785 -0.64023 -1.76133 2.28949  138 DT B OP2   
412 O "O5'" . DT B 8  ? 7.34013  4.96656 7.66774 -0.64765 -1.81896 2.26914  138 DT B "O5'" 
413 C "C5'" . DT B 8  ? 7.25368  5.03313 7.68730 -0.55740 -1.85039 2.29940  138 DT B "C5'" 
414 C "C4'" . DT B 8  ? 7.04574  5.03248 7.85142 -0.59459 -1.98244 2.28983  138 DT B "C4'" 
415 O "O4'" . DT B 8  ? 7.10072  4.96332 7.94561 -0.69822 -2.05158 2.24586  138 DT B "O4'" 
416 C "C3'" . DT B 8  ? 6.80763  5.03926 7.91982 -0.60418 -2.02350 2.29754  138 DT B "C3'" 
417 O "O3'" . DT B 8  ? 6.66806  5.11069 7.93418 -0.53717 -2.03829 2.32326  138 DT B "O3'" 
418 C "C2'" . DT B 8  ? 6.71162  4.98059 8.08057 -0.70395 -2.14119 2.25878  138 DT B "C2'" 
419 C "C1'" . DT B 8  ? 6.88527  4.95343 8.09982 -0.73628 -2.16611 2.23313  138 DT B "C1'" 
420 N N1    . DT B 8  ? 6.93218  4.87427 8.20080 -0.84588 -2.22159 2.18012  138 DT B N1    
421 C C2    . DT B 8  ? 6.93902  4.85220 8.32119 -0.88564 -2.31769 2.14610  138 DT B C2    
422 O O2    . DT B 8  ? 6.90689  4.89483 8.34368 -0.83752 -2.36272 2.16179  138 DT B O2    
423 N N3    . DT B 8  ? 6.99165  4.77931 8.41763 -0.99082 -2.34938 2.08204  138 DT B N3    
424 C C4    . DT B 8  ? 7.03474  4.73296 8.40439 -1.06928 -2.28742 2.04389  138 DT B C4    
425 O O4    . DT B 8  ? 7.08032  4.68071 8.50306 -1.18022 -2.29917 1.95648  138 DT B O4    
426 C C5    . DT B 8  ? 7.02271  4.75993 8.26786 -1.02128 -2.19383 2.09306  138 DT B C5    
427 C C7    . DT B 8  ? 7.06764  4.72013 8.23555 -1.10370 -2.11663 2.05526  138 DT B C7    
428 C C6    . DT B 8  ? 6.97267  4.82665 8.17543 -0.90935 -2.16829 2.15804  138 DT B C6    
429 P P     . DC C 1  ? 7.29428  4.63428 5.18378 0.24990  -0.21218 2.06592  199 DC D P     
430 O OP1   . DC C 1  ? 7.06221  4.77841 5.17976 0.13582  -0.14110 2.16268  199 DC D OP1   
431 O OP2   . DC C 1  ? 7.28350  4.70727 5.03700 0.27261  -0.21183 2.07278  199 DC D OP2   
432 O "O5'" . DC C 1  ? 7.47630  4.33013 5.43672 0.38334  -0.38899 1.91128  199 DC D "O5'" 
433 C "C5'" . DC C 1  ? 7.35978  4.17980 5.59394 0.40795  -0.42706 1.89607  199 DC D "C5'" 
434 C "C4'" . DC C 1  ? 7.56918  3.97906 5.84537 0.42761  -0.61554 1.69912  199 DC D "C4'" 
435 O "O4'" . DC C 1  ? 7.77437  3.91389 5.90475 0.51056  -0.73946 1.56136  199 DC D "O4'" 
436 C "C3'" . DC C 1  ? 7.62136  3.99549 6.24048 0.46795  -0.70429 1.62438  199 DC D "C3'" 
437 O "O3'" . DC C 1  ? 7.64527  4.04765 6.43303 0.34009  -0.73056 1.62188  199 DC D "O3'" 
438 C "C2'" . DC C 1  ? 7.80397  3.88485 6.46598 0.55855  -0.88960 1.41160  199 DC D "C2'" 
439 C "C1'" . DC C 1  ? 7.91074  3.82408 6.22900 0.56119  -0.90919 1.38149  199 DC D "C1'" 
440 N N1    . DC C 1  ? 7.73166  3.51768 5.97647 0.65968  -0.98201 1.29532  199 DC D N1    
441 C C2    . DC C 1  ? 7.77689  3.44797 6.21361 0.72005  -1.11239 1.14418  199 DC D C2    
442 O O2    . DC C 1  ? 7.77815  3.45417 6.46595 0.69981  -1.18008 1.06333  199 DC D O2    
443 N N3    . DC C 1  ? 7.90107  3.47847 6.24451 0.78724  -1.16202 1.08802  199 DC D N3    
444 C C4    . DC C 1  ? 7.98019  3.55546 6.07430 0.79872  -1.10131 1.16111  199 DC D C4    
445 N N4    . DC C 1  ? 8.27768  3.61830 6.15817 0.85818  -1.22723 1.07550  199 DC D N4    
446 C C5    . DC C 1  ? 7.93389  3.62790 5.84807 0.74229  -0.97895 1.29649  199 DC D C5    
447 C C6    . DC C 1  ? 7.80773  3.61598 5.79831 0.67340  -0.91747 1.36431  199 DC D C6    
448 P P     . DT C 2  ? 8.57666  5.24464 7.75735 0.27440  -0.70606 1.69702  200 DT D P     
449 O OP1   . DT C 2  ? 8.47851  5.44689 7.89698 0.06419  -0.63723 1.72542  200 DT D OP1   
450 O OP2   . DT C 2  ? 8.39302  5.28813 7.46354 0.34908  -0.54151 1.84024  200 DT D OP2   
451 O "O5'" . DT C 2  ? 8.65281  5.13692 8.16615 0.36444  -0.90956 1.46989  200 DT D "O5'" 
452 C "C5'" . DT C 2  ? 8.48459  5.15909 8.52005 0.27980  -0.97512 1.43421  200 DT D "C5'" 
453 C "C4'" . DT C 2  ? 8.48865  5.03648 8.72726 0.39155  -1.12337 1.21720  200 DT D "C4'" 
454 O "O4'" . DT C 2  ? 8.66254  4.97059 8.53006 0.52888  -1.14134 1.14608  200 DT D "O4'" 
455 C "C3'" . DT C 2  ? 8.31951  5.08807 8.82781 0.41524  -1.08742 1.27208  200 DT D "C3'" 
456 O "O3'" . DT C 2  ? 8.19899  4.96035 9.08367 0.42504  -1.23578 1.06502  200 DT D "O3'" 
457 C "C2'" . DT C 2  ? 8.43863  5.09328 8.52876 0.56277  -1.00354 1.32959  200 DT D "C2'" 
458 C "C1'" . DT C 2  ? 8.60324  4.97537 8.46481 0.62617  -1.09316 1.18080  200 DT D "C1'" 
459 N N1    . DT C 2  ? 7.52412  3.83905 7.02477 0.70808  -0.98708 1.27708  200 DT D N1    
460 C C2    . DT C 2  ? 7.60335  3.75088 6.99320 0.78161  -1.06160 1.16642  200 DT D C2    
461 O O2    . DT C 2  ? 7.62881  3.65898 7.14489 0.79177  -1.20326 0.99458  200 DT D O2    
462 N N3    . DT C 2  ? 7.59293  3.75143 6.73997 0.82630  -0.97193 1.26775  200 DT D N3    
463 C C4    . DT C 2  ? 7.46699  3.81607 6.48860 0.81097  -0.81587 1.46059  200 DT D C4    
464 O O4    . DT C 2  ? 7.40834  3.79353 6.26975 0.83606  -0.77092 1.52476  200 DT D O4    
465 C C5    . DT C 2  ? 7.37313  3.90379 6.47550 0.74411  -0.72167 1.57696  200 DT D C5    
466 C C7    . DT C 2  ? 7.16078  3.97790 6.14076 0.70901  -0.53788 1.79514  200 DT D C7    
467 C C6    . DT C 2  ? 7.42902  3.91490 6.75346 0.69105  -0.81579 1.48189  200 DT D C6    
468 P P     . DG C 3  ? 7.22877  4.14128 8.35426 0.46856  -1.23830 1.06016  201 DG D P     
469 O OP1   . DG C 3  ? 7.00225  4.02838 8.65047 0.39984  -1.36575 0.87764  201 DG D OP1   
470 O OP2   . DG C 3  ? 7.15239  4.30848 8.25855 0.43843  -1.07283 1.30447  201 DG D OP2   
471 O "O5'" . DG C 3  ? 7.39340  4.05371 8.14335 0.62138  -1.27133 0.97337  201 DG D "O5'" 
472 C "C5'" . DG C 3  ? 7.45397  3.91165 8.13502 0.65271  -1.40143 0.78675  201 DG D "C5'" 
473 C "C4'" . DG C 3  ? 7.46068  3.81333 8.01751 0.75063  -1.43805 0.71858  201 DG D "C4'" 
474 O "O4'" . DG C 3  ? 7.61072  3.86238 7.78562 0.82940  -1.32414 0.83501  201 DG D "O4'" 
475 C "C3'" . DG C 3  ? 7.31777  3.81150 8.09854 0.76405  -1.43444 0.72538  201 DG D "C3'" 
476 O "O3'" . DG C 3  ? 7.42363  3.82020 8.22312 0.80848  -1.54473 0.58371  201 DG D "O3'" 
477 C "C2'" . DG C 3  ? 7.39955  3.92350 7.90427 0.83092  -1.26175 0.91915  201 DG D "C2'" 
478 C "C1'" . DG C 3  ? 7.54988  3.89174 7.70582 0.88887  -1.23153 0.92831  201 DG D "C1'" 
479 N N9    . DG C 3  ? 7.60613  3.99972 7.50574 0.92574  -1.06287 1.11433  201 DG D N9    
480 C C8    . DG C 3  ? 7.58306  4.12745 7.44916 0.88804  -0.94657 1.26927  201 DG D C8    
481 N N7    . DG C 3  ? 7.56967  4.16934 7.19712 0.93467  -0.80435 1.41593  201 DG D N7    
482 C C5    . DG C 3  ? 7.59515  4.07484 7.14227 0.99274  -0.84631 1.35077  201 DG D C5    
483 C C6    . DG C 3  ? 7.61986  4.09477 6.98516 1.02746  -0.80885 1.43189  201 DG D C6    
484 O O6    . DG C 3  ? 7.52338  4.17591 6.81405 1.01905  -0.69030 1.59270  201 DG D O6    
485 N N1    . DG C 3  ? 7.91530  4.11994 7.15663 1.05732  -0.99190 1.29028  201 DG D N1    
486 C C2    . DG C 3  ? 8.02975  4.07477 7.37095 1.05644  -1.15436 1.11561  201 DG D C2    
487 N N2    . DG C 3  ? 8.32894  4.13399 7.50326 1.08923  -1.32283 1.00513  201 DG D N2    
488 N N3    . DG C 3  ? 7.86598  3.99268 7.45156 1.02020  -1.16228 1.04915  201 DG D N3    
489 C C4    . DG C 3  ? 7.63473  3.97070 7.30869 0.98976  -0.99957 1.16869  201 DG D C4    
490 P P     . DA C 4  ? 6.93019  3.44281 8.00268 0.80900  -1.59653 0.52901  202 DA D P     
491 O OP1   . DA C 4  ? 7.00270  3.46690 8.23830 0.79882  -1.76789 0.33550  202 DA D OP1   
492 O OP2   . DA C 4  ? 6.68313  3.42200 8.05458 0.73791  -1.54301 0.61124  202 DA D OP2   
493 O "O5'" . DA C 4  ? 7.04795  3.48042 7.81769 0.90663  -1.48956 0.63393  202 DA D "O5'" 
494 C "C5'" . DA C 4  ? 7.28772  3.52919 7.73800 0.96174  -1.50636 0.65799  202 DA D "C5'" 
495 C "C4'" . DA C 4  ? 7.40253  3.60282 7.68738 1.03064  -1.46326 0.75807  202 DA D "C4'" 
496 O "O4'" . DA C 4  ? 7.39684  3.61838 7.43918 1.06126  -1.30303 0.92023  202 DA D "O4'" 
497 C "C3'" . DA C 4  ? 7.24012  3.60020 7.70736 1.03446  -1.39816 0.80894  202 DA D "C3'" 
498 O "O3'" . DA C 4  ? 7.42752  3.67437 7.88685 1.07390  -1.52412 0.74746  202 DA D "O3'" 
499 C "C2'" . DA C 4  ? 7.12729  3.61038 7.42892 1.06949  -1.18322 1.01056  202 DA D "C2'" 
500 C "C1'" . DA C 4  ? 7.32339  3.66069 7.34811 1.10496  -1.18369 1.05058  202 DA D "C1'" 
501 N N9    . DA C 4  ? 7.21230  3.67710 7.08407 1.11973  -0.99302 1.22692  202 DA D N9    
502 C C8    . DA C 4  ? 6.97177  3.63991 6.87888 1.09993  -0.82938 1.33382  202 DA D C8    
503 N N7    . DA C 4  ? 6.96611  3.73144 6.69759 1.12194  -0.68457 1.48677  202 DA D N7    
504 C C5    . DA C 4  ? 7.13901  3.76605 6.75610 1.14302  -0.77053 1.47733  202 DA D C5    
505 C C6    . DA C 4  ? 7.19498  3.85574 6.65039 1.14630  -0.72809 1.58682  202 DA D C6    
506 N N6    . DA C 4  ? 6.99635  3.91370 6.45553 1.11972  -0.57624 1.76091  202 DA D N6    
507 N N1    . DA C 4  ? 7.47416  3.89954 6.74914 1.16564  -0.86966 1.49988  202 DA D N1    
508 C C2    . DA C 4  ? 7.66766  3.87120 6.94740 1.18489  -1.03176 1.33576  202 DA D C2    
509 N N3    . DA C 4  ? 7.61195  3.80714 7.09187 1.17434  -1.09514 1.23566  202 DA D N3    
510 C C4    . DA C 4  ? 7.33878  3.75008 6.98953 1.14918  -0.95983 1.30985  202 DA D C4    
511 P P     . DC C 5  ? 6.75105  2.95945 7.46161 1.04047  -1.73403 0.55745  203 DC D P     
512 O OP1   . DC C 5  ? 6.85539  2.95861 7.55155 1.01515  -1.86494 0.43280  203 DC D OP1   
513 O OP2   . DC C 5  ? 6.48769  2.90789 7.50407 0.99139  -1.67811 0.55947  203 DC D OP2   
514 O "O5'" . DC C 5  ? 7.00764  3.05739 7.58771 1.10139  -1.84497 0.53329  203 DC D "O5'" 
515 C "C5'" . DC C 5  ? 6.98567  3.08437 7.50966 1.14264  -1.73744 0.65284  203 DC D "C5'" 
516 C "C4'" . DC C 5  ? 7.21033  3.15401 7.40648 1.20926  -1.71476 0.72808  203 DC D "C4'" 
517 O "O4'" . DC C 5  ? 7.09781  3.12715 7.15183 1.21726  -1.53157 0.87280  203 DC D "O4'" 
518 C "C3'" . DC C 5  ? 7.29480  3.21947 7.43032 1.26165  -1.69071 0.79297  203 DC D "C3'" 
519 O "O3'" . DC C 5  ? 7.56774  3.29564 7.42813 1.31144  -1.75921 0.78536  203 DC D "O3'" 
520 C "C2'" . DC C 5  ? 7.07675  3.19590 7.20415 1.27373  -1.46464 0.97209  203 DC D "C2'" 
521 C "C1'" . DC C 5  ? 7.06567  3.17405 7.03554 1.26615  -1.39721 1.01822  203 DC D "C1'" 
522 N N1    . DC C 5  ? 6.81490  3.13485 6.81196 1.25529  -1.19827 1.16109  203 DC D N1    
523 C C2    . DC C 5  ? 6.81554  3.16981 6.62319 1.27764  -1.08323 1.28262  203 DC D C2    
524 O O2    . DC C 5  ? 7.03003  3.22411 6.65156 1.30001  -1.15845 1.25776  203 DC D O2    
525 N N3    . DC C 5  ? 6.59225  3.15394 6.40858 1.27131  -0.90368 1.41753  203 DC D N3    
526 C C4    . DC C 5  ? 6.40155  3.09530 6.35412 1.24562  -0.84859 1.41708  203 DC D C4    
527 N N4    . DC C 5  ? 6.23618  3.09078 6.09194 1.24644  -0.69015 1.52991  203 DC D N4    
528 C C5    . DC C 5  ? 6.38605  3.04781 6.55809 1.20918  -0.97526 1.28673  203 DC D C5    
529 C C6    . DC C 5  ? 6.58872  3.07378 6.79013 1.21696  -1.14191 1.16669  203 DC D C6    
530 P P     . DG C 6  ? 7.81484  3.43516 7.58599 1.36518  -1.82295 0.78440  204 DG D P     
531 O OP1   . DG C 6  ? 8.06485  3.48377 7.79211 1.36670  -2.05198 0.61991  204 DG D OP1   
532 O OP2   . DG C 6  ? 7.62957  3.41996 7.59409 1.36446  -1.72360 0.85936  204 DG D OP2   
533 O "O5'" . DG C 6  ? 7.92243  3.48948 7.40400 1.41581  -1.71990 0.90296  204 DG D "O5'" 
534 C "C5'" . DG C 6  ? 7.72007  3.46163 7.18675 1.41135  -1.52584 1.05075  204 DG D "C5'" 
535 C "C4'" . DG C 6  ? 7.76764  3.54029 7.08010 1.46310  -1.42388 1.18026  204 DG D "C4'" 
536 O "O4'" . DG C 6  ? 7.53492  3.52971 6.87786 1.45238  -1.23644 1.33629  204 DG D "O4'" 
537 C "C3'" . DG C 6  ? 7.75721  3.58324 7.16467 1.49733  -1.40260 1.22335  204 DG D "C3'" 
538 O "O3'" . DG C 6  ? 7.91502  3.67317 7.12678 1.54714  -1.38837 1.28226  204 DG D "O3'" 
539 C "C2'" . DG C 6  ? 7.44592  3.54512 7.04369 1.48215  -1.22219 1.35542  204 DG D "C2'" 
540 C "C1'" . DG C 6  ? 7.33975  3.54256 6.84777 1.46760  -1.11002 1.45198  204 DG D "C1'" 
541 N N9    . DG C 6  ? 7.07035  3.47331 6.72570 1.43191  -0.98787 1.51106  204 DG D N9    
542 C C8    . DG C 6  ? 6.95990  3.38735 6.78267 1.39474  -1.01969 1.42611  204 DG D C8    
543 N N7    . DG C 6  ? 6.74203  3.33895 6.61195 1.37069  -0.89361 1.49359  204 DG D N7    
544 C C5    . DG C 6  ? 6.69526  3.40792 6.43946 1.39711  -0.76112 1.64549  204 DG D C5    
545 C C6    . DG C 6  ? 6.49606  3.42903 6.19067 1.37723  -0.59937 1.75080  204 DG D C6    
546 O O6    . DG C 6  ? 6.37093  3.36532 6.02451 1.34915  -0.54658 1.71276  204 DG D O6    
547 N N1    . DG C 6  ? 6.45416  3.55399 6.13021 1.34663  -0.55213 1.86370  204 DG D N1    
548 C C2    . DG C 6  ? 6.64554  3.60106 6.26804 1.37105  -0.66001 1.88460  204 DG D C2    
549 N N2    . DG C 6  ? 6.61208  3.69433 6.18353 1.31164  -0.67105 1.97543  204 DG D N2    
550 N N3    . DG C 6  ? 6.88633  3.57497 6.44100 1.42347  -0.78419 1.77086  204 DG D N3    
551 C C4    . DG C 6  ? 6.88040  3.48932 6.52653 1.42276  -0.82969 1.65659  204 DG D C4    
552 P P     . DC C 7  ? 7.75291  3.56782 7.01857 1.59083  -1.34798 1.35444  205 DC D P     
553 O OP1   . DC C 7  ? 8.04802  3.64787 7.07047 1.63517  -1.44976 1.30210  205 DC D OP1   
554 O OP2   . DC C 7  ? 7.65763  3.52126 7.14850 1.57232  -1.37921 1.30608  205 DC D OP2   
555 O "O5'" . DC C 7  ? 7.51644  3.60037 6.83902 1.59481  -1.14998 1.54930  205 DC D "O5'" 
556 C "C5'" . DC C 7  ? 7.51464  3.63335 6.68890 1.58516  -1.10169 1.61157  205 DC D "C5'" 
557 C "C4'" . DC C 7  ? 7.22398  3.66180 6.54970 1.55896  -0.94037 1.79459  205 DC D "C4'" 
558 O "O4'" . DC C 7  ? 6.98518  3.57978 6.48963 1.52228  -0.85782 1.81952  205 DC D "O4'" 
559 C "C3'" . DC C 7  ? 7.13234  3.72824 6.59542 1.58035  -0.87976 1.90634  205 DC D "C3'" 
560 O "O3'" . DC C 7  ? 7.12604  3.82098 6.50786 1.55926  -0.87006 2.00541  205 DC D "O3'" 
561 C "C2'" . DC C 7  ? 6.83687  3.69189 6.52993 1.54759  -0.75193 1.97280  205 DC D "C2'" 
562 C "C1'" . DC C 7  ? 6.73063  3.63148 6.40915 1.49866  -0.72567 1.95654  205 DC D "C1'" 
563 N N1    . DC C 7  ? 6.55957  3.56265 6.30586 1.48544  -0.63067 1.91463  205 DC D N1    
564 C C2    . DC C 7  ? 6.32118  3.59949 6.08993 1.42477  -0.49807 1.97302  205 DC D C2    
565 O O2    . DC C 7  ? 6.17736  3.67680 6.09545 1.30289  -0.55209 2.08084  205 DC D O2    
566 N N3    . DC C 7  ? 6.30917  3.50755 5.87956 1.45862  -0.43528 1.87123  205 DC D N3    
567 C C4    . DC C 7  ? 6.37751  3.38481 6.03036 1.46806  -0.55244 1.77700  205 DC D C4    
568 N N4    . DC C 7  ? 6.28162  3.26713 5.92711 1.42578  -0.58526 1.70519  205 DC D N4    
569 C C5    . DC C 7  ? 6.53837  3.36776 6.32452 1.50345  -0.67596 1.75056  205 DC D C5    
570 C C6    . DC C 7  ? 6.65616  3.45720 6.41946 1.52649  -0.70245 1.80886  205 DC D C6    
571 P P     . DT C 8  ? 7.09576  3.85147 6.50147 1.57787  -0.87871 2.08178  206 DT D P     
572 O OP1   . DT C 8  ? 7.42932  3.89712 6.57850 1.65582  -0.95991 1.97353  206 DT D OP1   
573 O OP2   . DT C 8  ? 6.87929  3.85404 6.55181 1.54259  -0.81322 2.12498  206 DT D OP2   
574 O "O5'" . DT C 8  ? 7.02059  3.91858 6.31841 1.50419  -0.88373 2.16561  206 DT D "O5'" 
575 C "C5'" . DT C 8  ? 6.86602  3.88212 6.15626 1.41842  -0.86636 2.17910  206 DT D "C5'" 
576 C "C4'" . DT C 8  ? 6.64664  3.87935 6.02591 1.28196  -0.89506 2.20138  206 DT D "C4'" 
577 O "O4'" . DT C 8  ? 6.41529  3.78970 6.08327 1.20202  -0.89318 2.16887  206 DT D "O4'" 
578 C "C3'" . DT C 8  ? 6.69190  3.92972 6.05787 1.28241  -0.93798 2.21771  206 DT D "C3'" 
579 O "O3'" . DT C 8  ? 6.75112  3.98508 5.80025 1.27128  -0.91696 2.24354  206 DT D "O3'" 
580 C "C2'" . DT C 8  ? 6.51355  3.84354 6.15197 1.19685  -0.99281 2.17065  206 DT D "C2'" 
581 C "C1'" . DT C 8  ? 6.39615  3.74194 6.00731 1.11409  -1.01454 2.11347  206 DT D "C1'" 
582 N N1    . DT C 8  ? 6.26033  3.61959 6.10388 1.03682  -1.09852 2.02245  206 DT D N1    
583 C C2    . DT C 8  ? 6.52094  3.47331 5.58211 1.11672  -1.09754 1.80102  206 DT D C2    
584 O O2    . DT C 8  ? 6.39648  3.52626 5.42138 1.08565  -0.97935 1.91575  206 DT D O2    
585 N N3    . DT C 8  ? 6.64675  3.43251 5.38362 1.34273  -0.87277 1.67988  206 DT D N3    
586 C C4    . DT C 8  ? 6.61800  3.54844 5.55662 1.56915  -0.54202 1.76218  206 DT D C4    
587 O O4    . DT C 8  ? 6.47640  3.44590 5.68377 1.52138  -0.58598 1.75760  206 DT D O4    
588 C C5    . DT C 8  ? 6.45696  3.73033 5.96639 1.59960  -0.38034 1.98683  206 DT D C5    
589 C C7    . DT C 8  ? 6.57662  3.65430 6.25368 1.61232  -0.52212 1.94203  206 DT D C7    
590 C C6    . DT C 8  ? 6.13643  3.81793 6.30098 1.35567  -0.54030 2.19348  206 DT D C6    
591 P P     . DG C 9  ? 7.00671  4.22345 5.92513 1.33767  -0.89543 2.28524  207 DG D P     
592 O OP1   . DG C 9  ? 7.12092  4.36537 5.76613 1.39952  -0.77991 2.29280  207 DG D OP1   
593 O OP2   . DG C 9  ? 7.05370  4.21222 6.21091 1.37236  -0.96105 2.27971  207 DG D OP2   
594 O "O5'" . DG C 9  ? 6.90300  4.22929 5.73849 1.30074  -0.83579 2.28030  207 DG D "O5'" 
595 C "C5'" . DG C 9  ? 6.81128  4.34985 5.47905 1.30280  -0.65160 2.30628  207 DG D "C5'" 
596 C "C4'" . DG C 9  ? 6.61377  4.28011 5.33469 1.23366  -0.58790 2.29045  207 DG D "C4'" 
597 O "O4'" . DG C 9  ? 6.63086  4.08456 5.46661 1.19394  -0.75576 2.22594  207 DG D "O4'" 
598 C "C3'" . DG C 9  ? 6.45149  4.34025 5.26334 1.22073  -0.47156 2.32556  207 DG D "C3'" 
599 O "O3'" . DG C 9  ? 6.33438  4.53960 5.10836 1.23500  -0.27413 2.39298  207 DG D "O3'" 
600 C "C2'" . DG C 9  ? 6.28683  4.21101 5.21000 1.15323  -0.46962 2.29006  207 DG D "C2'" 
601 C "C1'" . DG C 9  ? 6.45640  4.03024 5.34489 1.15376  -0.67722 2.20716  207 DG D "C1'" 
602 N N9    . DG C 9  ? 6.52334  3.87693 5.48894 1.16778  -0.81797 2.12727  207 DG D N9    
603 C C8    . DG C 9  ? 6.67579  3.85266 5.71235 1.18831  -0.96249 2.04447  207 DG D C8    
604 N N7    . DG C 9  ? 6.72742  3.75604 5.74428 1.22711  -1.00119 1.92365  207 DG D N7    
605 C C5    . DG C 9  ? 6.53435  3.71535 5.58030 1.21675  -0.86497 1.96897  207 DG D C5    
606 C C6    . DG C 9  ? 6.42525  3.63312 5.58041 1.24374  -0.80115 1.93853  207 DG D C6    
607 O O6    . DG C 9  ? 6.50641  3.59818 5.69022 1.32826  -0.79645 1.86284  207 DG D O6    
608 N N1    . DG C 9  ? 6.12731  3.64116 5.46404 1.14306  -0.68107 2.02303  207 DG D N1    
609 C C2    . DG C 9  ? 5.98601  3.74855 5.31559 1.06798  -0.57903 2.10891  207 DG D C2    
610 N N2    . DG C 9  ? 5.68164  3.78207 5.20861 0.97268  -0.43552 2.16479  207 DG D N2    
611 N N3    . DG C 9  ? 6.11911  3.83723 5.28200 1.08667  -0.59752 2.14137  207 DG D N3    
612 C C4    . DG C 9  ? 6.39346  3.79035 5.43497 1.15723  -0.76790 2.08909  207 DG D C4    
613 P P     . DT C 10 ? 6.71486  4.99777 5.43700 1.30908  -0.21744 2.44294  208 DT D P     
614 O OP1   . DT C 10 ? 6.90864  5.05786 5.45172 1.37481  -0.24176 2.43223  208 DT D OP1   
615 O OP2   . DT C 10 ? 6.76705  4.93209 5.58410 1.31197  -0.31371 2.43955  208 DT D OP2   
616 O "O5'" . DT C 10 ? 6.47403  5.18553 5.28213 1.29425  -0.00049 2.51010  208 DT D "O5'" 
617 C "C5'" . DT C 10 ? 6.27791  5.21838 5.28546 1.24847  0.06706  2.55270  208 DT D "C5'" 
618 C "C4'" . DT C 10 ? 6.00525  5.21897 5.16754 1.16404  0.17058  2.56439  208 DT D "C4'" 
619 O "O4'" . DT C 10 ? 6.04397  5.01818 5.18096 1.12018  0.05766  2.50058  208 DT D "O4'" 
620 C "C3'" . DT C 10 ? 5.77044  5.26396 5.18020 1.10243  0.24511  2.61427  208 DT D "C3'" 
621 O "O3'" . DT C 10 ? 5.61396  5.49018 5.11803 1.11566  0.39929  2.67922  208 DT D "O3'" 
622 C "C2'" . DT C 10 ? 5.59016  5.14380 5.12676 1.01118  0.24713  2.58810  208 DT D "C2'" 
623 C "C1'" . DT C 10 ? 5.81980  4.95359 5.16922 1.03707  0.08981  2.50846  208 DT D "C1'" 
624 N N1    . DT C 10 ? 5.93713  4.76736 5.31815 1.03869  -0.07030 2.45734  208 DT D N1    
625 C C2    . DT C 10 ? 5.78427  4.64158 5.33123 0.96997  -0.08689 2.43264  208 DT D C2    
626 O O2    . DT C 10 ? 5.54820  4.67393 5.22604 0.89548  0.02111  2.45814  208 DT D O2    
627 N N3    . DT C 10 ? 5.91711  4.48495 5.48291 0.99535  -0.23413 2.37104  208 DT D N3    
628 C C4    . DT C 10 ? 6.18772  4.44534 5.61923 1.07692  -0.37148 2.33073  208 DT D C4    
629 O O4    . DT C 10 ? 6.29859  4.31611 5.75210 1.10720  -0.49263 2.26295  208 DT D O4    
630 C C5    . DT C 10 ? 6.32831  4.57928 5.60048 1.13019  -0.35418 2.36919  208 DT D C5    
631 C C7    . DT C 10 ? 6.60755  4.55750 5.75640 1.20585  -0.50139 2.33819  208 DT D C7    
632 C C6    . DT C 10 ? 6.19618  4.73200 5.45094 1.11265  -0.20002 2.42970  208 DT D C6    
633 P P     . DG C 11 ? 5.28064  5.42847 4.77775 1.12224  0.52438  2.68603  209 DG D P     
634 O OP1   . DG C 11 ? 5.10721  5.34694 4.70198 1.03494  0.54118  2.66060  209 DG D OP1   
635 O OP2   . DG C 11 ? 5.51222  5.47101 4.76822 1.21402  0.50369  2.66436  209 DG D OP2   
636 O "O5'" . DG C 11 ? 5.07765  5.65423 4.77692 1.12665  0.65098  2.75513  209 DG D "O5'" 
637 C "C5'" . DG C 11 ? 5.12875  5.71170 4.87088 1.15585  0.64006  2.79817  209 DG D "C5'" 
638 C "C4'" . DG C 11 ? 5.28992  5.86262 4.88572 1.26488  0.67314  2.81647  209 DG D "C4'" 
639 O "O4'" . DG C 11 ? 5.58209  5.74187 4.94477 1.32054  0.55824  2.77796  209 DG D "O4'" 
640 C "C3'" . DG C 11 ? 5.24522  6.00054 4.79437 1.31020  0.76132  2.80835  209 DG D "C3'" 
641 O "O3'" . DG C 11 ? 5.18859  6.22485 4.81520 1.37321  0.84822  2.85918  209 DG D "O3'" 
642 C "C2'" . DG C 11 ? 5.51819  5.91010 4.78864 1.37310  0.68904  2.75864  209 DG D "C2'" 
643 C "C1'" . DG C 11 ? 5.70848  5.84238 4.90331 1.40505  0.59432  2.76582  209 DG D "C1'" 
644 N N9    . DG C 11 ? 5.97347  5.70017 4.94645 1.44147  0.46860  2.71221  209 DG D N9    
645 C C8    . DG C 11 ? 6.05334  5.48767 4.98483 1.39273  0.33825  2.66224  209 DG D C8    
646 N N7    . DG C 11 ? 6.30296  5.41414 5.04488 1.44529  0.22858  2.62050  209 DG D N7    
647 C C5    . DG C 11 ? 6.39119  5.58785 5.03270 1.53339  0.30297  2.64543  209 DG D C5    
648 C C6    . DG C 11 ? 6.63777  5.61391 5.08138 1.61835  0.24988  2.62218  209 DG D C6    
649 O O6    . DG C 11 ? 6.82807  5.49084 5.15610 1.62977  0.11898  2.57615  209 DG D O6    
650 N N1    . DG C 11 ? 6.64633  5.81693 5.04881 1.69816  0.36514  2.65816  209 DG D N1    
651 C C2    . DG C 11 ? 6.44064  5.97708 4.99268 1.69612  0.50220  2.71069  209 DG D C2    
652 N N2    . DG C 11 ? 6.48481  6.16633 4.98488 1.78615  0.58941  2.73731  209 DG D N2    
653 N N3    . DG C 11 ? 6.20497  5.96064 4.95791 1.61386  0.54689  2.73475  209 DG D N3    
654 C C4    . DG C 11 ? 6.19406  5.76155 4.97401 1.53496  0.44772  2.70016  209 DG D C4    
655 P P     . DC C 12 ? 5.31507  6.66826 5.00187 1.41063  0.94581  2.86567  210 DC D P     
656 O OP1   . DC C 12 ? 5.03847  6.75906 5.00127 1.34217  0.98820  2.89786  210 DC D OP1   
657 O OP2   . DC C 12 ? 5.42677  6.57761 4.92691 1.41806  0.92465  2.80819  210 DC D OP2   
658 O "O5'" . DC C 12 ? 5.42692  6.86106 5.05274 1.52618  0.99253  2.90353  210 DC D "O5'" 
659 C "C5'" . DC C 12 ? 5.69881  6.81561 5.08494 1.60280  0.94698  2.88569  210 DC D "C5'" 
660 C "C4'" . DC C 12 ? 5.79374  6.96527 5.05600 1.70495  1.00378  2.87772  210 DC D "C4'" 
661 O "O4'" . DC C 12 ? 6.05324  6.84585 5.05035 1.74658  0.93548  2.82893  210 DC D "O4'" 
662 C "C3'" . DC C 12 ? 5.64284  7.04459 4.97892 1.68917  1.06271  2.86273  210 DC D "C3'" 
663 O "O3'" . DC C 12 ? 5.69745  7.24041 4.98167 1.79243  1.12528  2.87517  210 DC D "O3'" 
664 C "C2'" . DC C 12 ? 5.76409  6.84573 4.91809 1.64724  0.99880  2.79984  210 DC D "C2'" 
665 C "C1'" . DC C 12 ? 6.04635  6.78866 4.96597 1.72236  0.93840  2.78310  210 DC D "C1'" 
666 N N1    . DC C 12 ? 6.20385  6.55720 4.96594 1.67736  0.82338  2.73276  210 DC D N1    
667 C C2    . DC C 12 ? 6.46620  6.51161 4.98563 1.74370  0.76198  2.69653  210 DC D C2    
668 O O2    . DC C 12 ? 6.55788  6.66165 4.99193 1.83756  0.81588  2.70636  210 DC D O2    
669 N N3    . DC C 12 ? 6.61325  6.31107 5.00805 1.70626  0.63868  2.65080  210 DC D N3    
670 C C4    . DC C 12 ? 6.50901  6.15453 5.00789 1.60975  0.57944  2.64010  210 DC D C4    
671 N N4    . DC C 12 ? 6.66497  5.96398 5.05128 1.58225  0.44283  2.59344  210 DC D N4    
672 C C5    . DC C 12 ? 6.23856  6.19411 4.97525 1.53999  0.65236  2.67557  210 DC D C5    
673 C C6    . DC C 12 ? 6.09318  6.39899 4.95796 1.57528  0.77131  2.72167  210 DC D C6    
674 P P     . DT C 13 ? 5.54788  7.34912 4.90250 1.79651  1.17927  2.86805  211 DT D P     
675 O OP1   . DT C 13 ? 5.43160  7.58983 4.95937 1.85549  1.23474  2.92482  211 DT D OP1   
676 O OP2   . DT C 13 ? 5.41613  7.22501 4.84248 1.68454  1.15305  2.83885  211 DT D OP2   
677 O "O5'" . DT C 13 ? 5.78021  7.34276 4.86580 1.87189  1.17891  2.82465  211 DT D "O5'" 
678 C "C5'" . DT C 13 ? 5.95730  7.43892 4.91233 1.98540  1.19540  2.83636  211 DT D "C5'" 
679 C "C4'" . DT C 13 ? 6.17681  7.40301 4.87214 2.03795  1.18113  2.78695  211 DT D "C4'" 
680 O "O4'" . DT C 13 ? 6.31595  7.16867 4.84685 1.98230  1.09463  2.74005  211 DT D "O4'" 
681 C "C3'" . DT C 13 ? 6.12222  7.48552 4.81442 2.02651  1.21802  2.76842  211 DT D "C3'" 
682 O "O3'" . DT C 13 ? 6.30246  7.59014 4.81819 2.12686  1.24210  2.75472  211 DT D "O3'" 
683 C "C2'" . DT C 13 ? 6.15183  7.26884 4.74653 1.92503  1.15806  2.71802  211 DT D "C2'" 
684 C "C1'" . DT C 13 ? 6.35973  7.10784 4.77435 1.94713  1.08411  2.69514  211 DT D "C1'" 
685 N N1    . DT C 13 ? 6.37243  6.87707 4.74667 1.84854  1.00022  2.66147  211 DT D N1    
686 C C2    . DT C 13 ? 6.59948  6.73080 4.73799 1.85301  0.91773  2.61306  211 DT D C2    
687 O O2    . DT C 13 ? 6.79133  6.78335 4.74734 1.93330  0.91629  2.59484  211 DT D O2    
688 N N3    . DT C 13 ? 6.59581  6.52456 4.72723 1.76160  0.82971  2.58652  211 DT D N3    
689 C C4    . DT C 13 ? 6.39116  6.44906 4.71684 1.66846  0.82462  2.60153  211 DT D C4    
690 O O4    . DT C 13 ? 6.40876  6.26147 4.71360 1.59446  0.73759  2.57417  211 DT D O4    
691 C C5    . DT C 13 ? 6.15645  6.61187 4.72150 1.66662  0.92074  2.65151  211 DT D C5    
692 C C7    . DT C 13 ? 5.92049  6.55553 4.71602 1.56859  0.92379  2.67045  211 DT D C7    
693 C C6    . DT C 13 ? 6.15951  6.81723 4.74056 1.75608  0.99798  2.67975  211 DT D C6    
694 P P     . DG D 1  ? 8.86900  6.22167 3.75330 -1.71759 -2.28533 0.37802  104 DG X P     
695 O OP1   . DG D 1  ? 8.91986  6.24860 3.73328 -1.64741 -2.28288 0.40736  104 DG X OP1   
696 O OP2   . DG D 1  ? 8.78157  6.31522 3.75890 -1.80653 -2.26657 0.37932  104 DG X OP2   
697 O "O5'" . DG D 1  ? 8.92556  6.04587 3.75528 -1.70908 -2.28379 0.32441  104 DG X "O5'" 
698 C "C5'" . DG D 1  ? 8.88963  6.01286 3.76576 -1.78271 -2.26809 0.29095  104 DG X "C5'" 
699 C "C4'" . DG D 1  ? 8.89702  6.00332 3.74739 -1.81751 -2.23263 0.26466  104 DG X "C4'" 
700 O "O4'" . DG D 1  ? 8.89064  6.10013 3.72892 -1.80095 -2.22542 0.29709  104 DG X "O4'" 
701 C "C3'" . DG D 1  ? 8.98699  5.84013 3.73197 -1.76931 -2.21981 0.22529  104 DG X "C3'" 
702 O "O3'" . DG D 1  ? 8.97027  5.81302 3.73295 -1.83919 -2.18480 0.18252  104 DG X "O3'" 
703 C "C2'" . DG D 1  ? 9.04313  5.83619 3.70503 -1.70353 -2.21348 0.23892  104 DG X "C2'" 
704 C "C1'" . DG D 1  ? 8.96902  6.01702 3.70368 -1.74846 -2.20995 0.28119  104 DG X "C1'" 
705 N N9    . DG D 1  ? 8.99792  6.07396 3.69196 -1.67400 -2.22475 0.32993  104 DG X N9    
706 C C8    . DG D 1  ? 9.08166  5.98160 3.68183 -1.57706 -2.23592 0.33074  104 DG X C8    
707 N N7    . DG D 1  ? 9.08660  6.08186 3.67621 -1.52627 -2.24400 0.38400  104 DG X N7    
708 C C5    . DG D 1  ? 9.00335  6.24420 3.68124 -1.58892 -2.23823 0.42527  104 DG X C5    
709 C C6    . DG D 1  ? 8.97153  6.40624 3.67990 -1.56507 -2.23913 0.49977  104 DG X C6    
710 O O6    . DG D 1  ? 9.01392  6.45172 3.67641 -1.48458 -2.24442 0.54668  104 DG X O6    
711 N N1    . DG D 1  ? 8.87810  6.52645 3.68560 -1.64130 -2.22895 0.52288  104 DG X N1    
712 C C2    . DG D 1  ? 8.81847  6.50118 3.69363 -1.73440 -2.21903 0.47422  104 DG X C2    
713 N N2    . DG D 1  ? 8.72165  6.62792 3.69908 -1.79680 -2.20809 0.50206  104 DG X N2    
714 N N3    . DG D 1  ? 8.84887  6.36452 3.69804 -1.76023 -2.21637 0.40683  104 DG X N3    
715 C C4    . DG D 1  ? 8.94433  6.23757 3.69038 -1.68168 -2.22664 0.38841  104 DG X C4    
716 P P     . DA D 2  ? 9.62870  6.45511 4.34754 -1.86982 -2.13563 0.14768  105 DA X P     
717 O OP1   . DA D 2  ? 9.57301  6.45140 4.34768 -1.95760 -2.10013 0.10555  105 DA X OP1   
718 O OP2   . DA D 2  ? 9.73981  6.32249 4.32451 -1.77150 -2.13189 0.13583  105 DA X OP2   
719 O "O5'" . DA D 2  ? 9.54001  6.61474 4.32949 -1.91623 -2.12917 0.17980  105 DA X "O5'" 
720 C "C5'" . DA D 2  ? 9.46193  6.70990 4.32432 -2.01639 -2.08284 0.15084  105 DA X "C5'" 
721 C "C4'" . DA D 2  ? 9.37493  6.88720 4.33989 -2.05528 -2.09080 0.19630  105 DA X "C4'" 
722 O "O4'" . DA D 2  ? 9.45941  6.94267 4.36776 -1.96457 -2.12778 0.25752  105 DA X "O4'" 
723 C "C3'" . DA D 2  ? 9.31477  6.98677 4.32414 -2.12474 -2.04189 0.17744  105 DA X "C3'" 
724 O "O3'" . DA D 2  ? 9.21752  7.15476 4.35376 -2.16669 -2.05141 0.22165  105 DA X "O3'" 
725 C "C2'" . DA D 2  ? 9.44414  6.97135 4.32004 -2.03492 -2.04700 0.20440  105 DA X "C2'" 
726 C "C1'" . DA D 2  ? 9.49675  7.03534 4.37060 -1.95552 -2.10473 0.27697  105 DA X "C1'" 
727 N N9    . DA D 2  ? 9.04194  6.40485 3.79384 -1.84113 -2.12653 0.30876  105 DA X N9    
728 C C8    . DA D 2  ? 9.14408  6.23838 3.78800 -1.77019 -2.13334 0.27448  105 DA X C8    
729 N N7    . DA D 2  ? 9.21045  6.21250 3.77638 -1.66957 -2.15226 0.31216  105 DA X N7    
730 C C5    . DA D 2  ? 9.15324  6.38415 3.77528 -1.67411 -2.15756 0.38458  105 DA X C5    
731 C C6    . DA D 2  ? 9.17824  6.46642 3.77043 -1.59138 -2.17047 0.46082  105 DA X C6    
732 N N6    . DA D 2  ? 9.26607  6.38029 3.76567 -1.49024 -2.18224 0.46497  105 DA X N6    
733 N N1    . DA D 2  ? 9.10867  6.64941 3.77803 -1.61202 -2.16646 0.53695  105 DA X N1    
734 C C2    . DA D 2  ? 9.00767  6.72409 3.77982 -1.71085 -2.15287 0.52640  105 DA X C2    
735 N N3    . DA D 2  ? 8.96738  6.66223 3.78518 -1.80044 -2.14074 0.44905  105 DA X N3    
736 C C4    . DA D 2  ? 9.04892  6.49641 3.78418 -1.77618 -2.14295 0.38421  105 DA X C4    
737 P P     . DG D 3  ? 8.63808  6.83228 3.89633 -2.26667 -1.99938 0.19959  106 DG X P     
738 O OP1   . DG D 3  ? 8.51633  6.91733 3.93222 -2.33239 -2.00224 0.20140  106 DG X OP1   
739 O OP2   . DG D 3  ? 8.71774  6.80041 3.90425 -2.34482 -1.94499 0.12950  106 DG X OP2   
740 O "O5'" . DG D 3  ? 8.72905  6.95560 3.90104 -2.25930 -2.03225 0.30504  106 DG X "O5'" 
741 C "C5'" . DG D 3  ? 8.97951  6.95344 3.91936 -2.26555 -2.05341 0.35547  106 DG X "C5'" 
742 C "C4'" . DG D 3  ? 9.18522  7.18999 3.99725 -2.41101 -2.08484 0.48805  106 DG X "C4'" 
743 O "O4'" . DG D 3  ? 9.31983  7.15181 3.98416 -2.28513 -2.11962 0.56534  106 DG X "O4'" 
744 C "C3'" . DG D 3  ? 9.41413  7.34557 4.07510 -2.66136 -2.05334 0.49157  106 DG X "C3'" 
745 O "O3'" . DG D 3  ? 9.53686  7.62350 4.14744 -2.81416 -2.07519 0.64017  106 DG X "O3'" 
746 C "C2'" . DG D 3  ? 9.60611  7.17579 4.04627 -2.56623 -2.05357 0.46345  106 DG X "C2'" 
747 C "C1'" . DG D 3  ? 9.58904  7.14268 4.01897 -2.37124 -2.11225 0.56574  106 DG X "C1'" 
748 N N9    . DG D 3  ? 9.59261  6.90761 3.95592 -2.16653 -2.11566 0.51177  106 DG X N9    
749 C C8    . DG D 3  ? 9.55610  6.69406 3.90751 -2.10174 -2.07967 0.38749  106 DG X C8    
750 N N7    . DG D 3  ? 9.53920  6.52541 3.85631 -1.91647 -2.08707 0.37186  106 DG X N7    
751 C C5    . DG D 3  ? 9.62305  6.69676 3.93079 -1.85394 -2.12585 0.48427  106 DG X C5    
752 C C6    . DG D 3  ? 9.72705  6.75586 4.02693 -1.67532 -2.13685 0.51555  106 DG X C6    
753 O O6    . DG D 3  ? 9.63098  6.52356 3.92849 -1.54139 -2.11866 0.44738  106 DG X O6    
754 N N1    . DG D 3  ? 9.95790  7.15217 4.27502 -1.66205 -2.16193 0.64388  106 DG X N1    
755 C C2    . DG D 3  ? 10.04511 7.41945 4.38689 -1.80094 -2.17715 0.74052  106 DG X C2    
756 N N2    . DG D 3  ? 10.26148 7.79125 4.63526 -1.74702 -2.18824 0.87236  106 DG X N2    
757 N N3    . DG D 3  ? 9.95023  7.37453 4.30282 -1.98096 -2.17096 0.71284  106 DG X N3    
758 C C4    . DG D 3  ? 9.74936  7.01968 4.08309 -1.99870 -2.14402 0.57830  106 DG X C4    
759 P P     . DC D 4  ? 9.52107  7.57364 3.93101 -3.08032 -2.03394 0.69897  107 DC X P     
760 O OP1   . DC D 4  ? 9.52496  7.88948 3.99650 -3.20200 -2.05150 0.88765  107 DC X OP1   
761 O OP2   . DC D 4  ? 9.50184  7.57842 3.94878 -3.26091 -1.93534 0.52405  107 DC X OP2   
762 O "O5'" . DC D 4  ? 9.76759  7.41949 3.90440 -2.92842 -2.06212 0.74875  107 DC X "O5'" 
763 C "C5'" . DC D 4  ? 10.04952 7.60274 3.95283 -3.06801 -2.03160 0.86940  107 DC X "C5'" 
764 C "C4'" . DC D 4  ? 10.11892 7.62874 3.98919 -2.88576 -2.09178 1.08494  107 DC X "C4'" 
765 O "O4'" . DC D 4  ? 10.04037 7.31425 3.92098 -2.58828 -2.14424 0.99239  107 DC X "O4'" 
766 C "C3'" . DC D 4  ? 10.36934 7.73451 4.12900 -2.92092 -2.00348 1.24321  107 DC X "C3'" 
767 O "O3'" . DC D 4  ? 10.28537 7.91963 4.30609 -2.83728 -1.97683 1.49729  107 DC X "O3'" 
768 C "C2'" . DC D 4  ? 10.61859 7.45366 4.05384 -2.71354 -2.07498 1.13326  107 DC X "C2'" 
769 C "C1'" . DC D 4  ? 10.37800 7.31136 4.03864 -2.47311 -2.14813 1.03983  107 DC X "C1'" 
770 N N1    . DC D 4  ? 10.36361 6.99231 3.96891 -2.29162 -2.14884 0.83559  107 DC X N1    
771 C C2    . DC D 4  ? 10.43555 7.00658 4.10720 -2.03080 -2.17873 0.82459  107 DC X C2    
772 O O2    . DC D 4  ? 10.09753 6.83055 3.84714 -1.94383 -2.20210 0.96221  107 DC X O2    
773 N N3    . DC D 4  ? 10.35390 6.72633 4.02181 -1.88603 -2.16145 0.66818  107 DC X N3    
774 C C4    . DC D 4  ? 10.07282 6.29343 3.68515 -1.96397 -2.11805 0.53363  107 DC X C4    
775 N N4    . DC D 4  ? 10.03235 6.10600 3.68517 -1.80556 -2.09275 0.41196  107 DC X N4    
776 C C5    . DC D 4  ? 10.18887 6.45248 3.72974 -2.21845 -2.07903 0.52227  107 DC X C5    
777 C C6    . DC D 4  ? 10.26257 6.74220 3.80031 -2.38862 -2.09541 0.66792  107 DC X C6    
778 P P     . DT D 5  ? 10.01753 8.01681 4.68431 -2.87676 -1.68069 1.65450  108 DT X P     
779 O OP1   . DT D 5  ? 9.84880  8.21728 4.79008 -2.80982 -1.68501 1.88996  108 DT X OP1   
780 O OP2   . DT D 5  ? 9.72860  8.02403 4.88685 -2.94605 -1.39787 1.43358  108 DT X OP2   
781 O "O5'" . DT D 5  ? 9.96134  7.70671 4.70800 -2.52364 -1.55913 1.63157  108 DT X "O5'" 
782 C "C5'" . DT D 5  ? 9.89235  7.78753 4.91197 -2.34782 -1.49916 1.87574  108 DT X "C5'" 
783 C "C4'" . DT D 5  ? 10.18393 7.58740 4.61055 -2.19434 -1.74012 1.92700  108 DT X "C4'" 
784 O "O4'" . DT D 5  ? 10.48108 7.39626 4.20645 -2.29044 -1.98652 1.73173  108 DT X "O4'" 
785 C "C3'" . DT D 5  ? 9.97412  7.32327 4.73456 -1.84210 -1.51594 1.87313  108 DT X "C3'" 
786 O "O3'" . DT D 5  ? 9.86579  7.48744 4.98923 -1.72499 -1.44471 2.14353  108 DT X "O3'" 
787 C "C2'" . DT D 5  ? 10.31881 7.06128 4.32478 -1.75467 -1.77621 1.75344  108 DT X "C2'" 
788 C "C1'" . DT D 5  ? 10.58986 7.10765 4.04595 -2.03777 -2.04599 1.64605  108 DT X "C1'" 
789 N N1    . DT D 5  ? 10.59926 6.81772 3.84543 -2.00836 -2.03098 1.34376  108 DT X N1    
790 C C2    . DT D 5  ? 10.77473 6.68590 3.91506 -1.84297 -2.11724 1.15493  108 DT X C2    
791 O O2    . DT D 5  ? 10.89848 6.81264 4.10009 -1.70806 -2.18719 1.20303  108 DT X O2    
792 N N3    . DT D 5  ? 10.68361 6.37901 3.72042 -1.82430 -2.07457 0.91376  108 DT X N3    
793 C C4    . DT D 5  ? 10.55105 6.31150 3.55826 -1.95880 -1.95735 0.80206  108 DT X C4    
794 O O4    . DT D 5  ? 10.49748 6.09205 3.46862 -1.92573 -1.90916 0.58358  108 DT X O4    
795 C C5    . DT D 5  ? 10.37830 6.58002 3.75370 -2.09327 -1.78706 0.93125  108 DT X C5    
796 C C7    . DT D 5  ? 10.05502 6.58601 3.94170 -2.17065 -1.49447 0.73584  108 DT X C7    
797 C C6    . DT D 5  ? 10.36987 6.80755 3.93913 -2.08986 -1.80828 1.19105  108 DT X C6    
798 P P     . DG D 6  ? 9.36095  7.55892 5.48327 -1.58998 -1.03520 2.21971  109 DG X P     
799 O OP1   . DG D 6  ? 9.35831  7.87436 5.69508 -1.64043 -1.07908 2.55486  109 DG X OP1   
800 O OP2   . DG D 6  ? 9.15413  7.57595 5.63038 -1.70867 -0.82799 2.01539  109 DG X OP2   
801 O "O5'" . DG D 6  ? 9.17228  7.24544 5.54895 -1.23958 -0.83829 2.12079  109 DG X "O5'" 
802 C "C5'" . DG D 6  ? 9.09037  6.93379 5.42298 -1.13012 -0.71535 1.81637  109 DG X "C5'" 
803 C "C4'" . DG D 6  ? 9.20492  6.65097 5.18239 -0.88275 -0.80488 1.76259  109 DG X "C4'" 
804 O "O4'" . DG D 6  ? 9.51716  6.45968 4.73756 -0.96182 -1.05277 1.56673  109 DG X "O4'" 
805 C "C3'" . DG D 6  ? 8.87523  6.40803 5.37589 -0.59848 -0.48117 1.62050  109 DG X "C3'" 
806 O "O3'" . DG D 6  ? 8.97081  6.24936 5.21876 -0.37518 -0.58080 1.67208  109 DG X "O3'" 
807 C "C2'" . DG D 6  ? 8.90087  6.19390 5.15684 -0.66024 -0.44964 1.30854  109 DG X "C2'" 
808 C "C1'" . DG D 6  ? 9.34886  6.16241 4.69556 -0.79792 -0.85578 1.30212  109 DG X "C1'" 
809 N N9    . DG D 6  ? 9.48895  6.11445 4.46639 -1.00959 -0.95675 1.10005  109 DG X N9    
810 C C8    . DG D 6  ? 9.50955  6.34630 4.52698 -1.30057 -0.99596 1.11138  109 DG X C8    
811 N N7    . DG D 6  ? 9.65417  6.24939 4.26734 -1.45343 -1.10881 0.91148  109 DG X N7    
812 C C5    . DG D 6  ? 9.74430  5.93030 4.01962 -1.24574 -1.14771 0.76313  109 DG X C5    
813 C C6    . DG D 6  ? 9.91034  5.70809 3.69268 -1.28167 -1.26247 0.53474  109 DG X C6    
814 O O6    . DG D 6  ? 10.00705 5.75154 3.55650 -1.51940 -1.35627 0.41517  109 DG X O6    
815 N N1    . DG D 6  ? 9.95171  5.42239 3.52742 -1.00811 -1.25909 0.45066  109 DG X N1    
816 C C2    . DG D 6  ? 9.84504  5.36605 3.65418 -0.74133 -1.16564 0.57074  109 DG X C2    
817 N N2    . DG D 6  ? 9.90682  5.09316 3.45007 -0.50388 -1.18501 0.46070  109 DG X N2    
818 N N3    . DG D 6  ? 9.68542  5.57505 3.96314 -0.71344 -1.06239 0.78907  109 DG X N3    
819 C C4    . DG D 6  ? 9.64672  5.84709 4.13242 -0.97070 -1.05787 0.87467  109 DG X C4    
820 P P     . DT D 7  ? 8.69745  6.14377 5.54173 -0.05101 -0.27881 1.65063  110 DT X P     
821 O OP1   . DT D 7  ? 8.78078  6.20956 5.53087 0.08491  -0.41210 1.88139  110 DT X OP1   
822 O OP2   . DT D 7  ? 8.32312  6.23554 5.98974 -0.05969 0.07551  1.62834  110 DT X OP2   
823 O "O5'" . DT D 7  ? 8.75282  5.78688 5.22178 0.08145  -0.27385 1.34921  110 DT X "O5'" 
824 C "C5'" . DT D 7  ? 8.51818  5.65361 5.33319 0.08787  -0.00864 1.11879  110 DT X "C5'" 
825 C "C4'" . DT D 7  ? 8.53618  5.31897 5.06154 0.28133  0.01526  0.89163  110 DT X "C4'" 
826 O "O4'" . DT D 7  ? 8.81056  5.22731 4.68644 0.10673  -0.19191 0.71029  110 DT X "O4'" 
827 C "C3'" . DT D 7  ? 8.16495  5.16771 5.30877 0.42309  0.39605  0.71964  110 DT X "C3'" 
828 O "O3'" . DT D 7  ? 8.16173  4.87728 5.08440 0.66042  0.41778  0.57805  110 DT X "O3'" 
829 C "C2'" . DT D 7  ? 8.18756  5.19645 5.24714 0.17614  0.42835  0.53253  110 DT X "C2'" 
830 C "C1'" . DT D 7  ? 8.60204  5.12001 4.75860 0.06486  0.05068  0.48021  110 DT X "C1'" 
831 N N1    . DT D 7  ? 8.75840  5.26082 4.65228 -0.24913 -0.08251 0.41870  110 DT X N1    
832 C C2    . DT D 7  ? 8.98690  5.10394 4.27573 -0.34261 -0.25783 0.22997  110 DT X C2    
833 O O2    . DT D 7  ? 9.07212  4.85163 4.02421 -0.17030 -0.30575 0.11059  110 DT X O2    
834 N N3    . DT D 7  ? 9.11227  5.26445 4.20763 -0.64869 -0.37951 0.19145  110 DT X N3    
835 C C4    . DT D 7  ? 9.03221  5.56574 4.46536 -0.86274 -0.34179 0.31649  110 DT X C4    
836 O O4    . DT D 7  ? 9.15419  5.70565 4.37082 -1.13963 -0.46753 0.27047  110 DT X O4    
837 C C5    . DT D 7  ? 8.79244  5.71624 4.85981 -0.74037 -0.14683 0.51122  110 DT X C5    
838 C C7    . DT D 7  ? 8.68805  6.05423 5.17279 -0.94485 -0.08517 0.66416  110 DT X C7    
839 C C6    . DT D 7  ? 8.66739  5.55616 4.93904 -0.44417 -0.02802 0.55482  110 DT X C6    
840 P P     . DG D 8  ? 8.32703  5.19933 5.69727 0.97249  0.59134  0.68268  111 DG X P     
841 O OP1   . DG D 8  ? 8.73168  5.39556 5.64493 1.04867  0.30061  0.85865  111 DG X OP1   
842 O OP2   . DG D 8  ? 7.71071  5.08908 5.95685 0.98698  0.90887  0.77928  111 DG X OP2   
843 O "O5'" . DG D 8  ? 8.20581  4.84746 5.46701 1.15913  0.72915  0.42356  111 DG X "O5'" 
844 C "C5'" . DG D 8  ? 7.88046  4.59722 5.36779 1.07967  0.95785  0.20057  111 DG X "C5'" 
845 C "C4'" . DG D 8  ? 8.24364  4.52419 5.03569 1.02441  0.79280  -0.02013 111 DG X "C4'" 
846 O "O4'" . DG D 8  ? 8.75847  4.84493 5.00230 0.76916  0.48488  0.01889  111 DG X "O4'" 
847 C "C3'" . DG D 8  ? 7.87747  4.22452 4.87921 0.95897  1.04252  -0.26914 111 DG X "C3'" 
848 O "O3'" . DG D 8  ? 7.63613  3.99787 4.90282 1.21286  1.27735  -0.37252 111 DG X "O3'" 
849 C "C2'" . DG D 8  ? 8.38718  4.31710 4.61188 0.80730  0.76767  -0.40374 111 DG X "C2'" 
850 C "C1'" . DG D 8  ? 8.83718  4.71065 4.73499 0.62655  0.45831  -0.21084 111 DG X "C1'" 
851 N N9    . DG D 8  ? 8.71705  4.82753 4.79218 0.33201  0.48132  -0.21017 111 DG X N9    
852 C C8    . DG D 8  ? 8.38585  4.93772 5.07051 0.24827  0.64288  -0.07167 111 DG X C8    
853 N N7    . DG D 8  ? 8.34305  5.03999 5.04570 -0.02986 0.61938  -0.10634 111 DG X N7    
854 C C5    . DG D 8  ? 8.64704  4.97765 4.72157 -0.14435 0.43132  -0.27843 111 DG X C5    
855 C C6    . DG D 8  ? 8.71581  5.02431 4.53105 -0.44488 0.31920  -0.37992 111 DG X C6    
856 O O6    . DG D 8  ? 8.56597  5.19197 4.66282 -0.67258 0.37156  -0.34531 111 DG X O6    
857 N N1    . DG D 8  ? 9.00561  4.88898 4.18493 -0.46990 0.13240  -0.53510 111 DG X N1    
858 C C2    . DG D 8  ? 9.21790  4.73726 4.04473 -0.22708 0.06408  -0.58976 111 DG X C2    
859 N N2    . DG D 8  ? 9.41909  4.55632 3.64724 -0.29357 -0.12093 -0.73684 111 DG X N2    
860 N N3    . DG D 8  ? 9.18620  4.72709 4.23729 0.05861  0.16528  -0.50075 111 DG X N3    
861 C C4    . DG D 8  ? 8.88399  4.84271 4.56558 0.07897  0.34600  -0.34416 111 DG X C4    
# 
